data_8H6C
#
_entry.id   8H6C
#
_cell.length_a   175.692
_cell.length_b   175.692
_cell.length_c   175.692
_cell.angle_alpha   90.000
_cell.angle_beta   90.000
_cell.angle_gamma   90.000
#
_symmetry.space_group_name_H-M   'P 21 3'
#
loop_
_entity.id
_entity.type
_entity.pdbx_description
1 polymer 'Histone acetyltransferase KAT2A'
2 non-polymer 'MALONYL-COENZYME A'
3 water water
#
_entity_poly.entity_id   1
_entity_poly.type   'polypeptide(L)'
_entity_poly.pdbx_seq_one_letter_code
;GIIEFHVIGNSLTPKANRRVLLWLVGLQNVFSHQLPRMPKEYIARLVFDPKHKTLALIKDGRVIGGICFRMFPTQGFTEI
VFCAVTSNEQVKGYGTHLMNHLKEYHIKHNILYFLTYADEYAIGYFKKQGFSKDIKVPKSRYLGYIKDYEGATLMECELN
PRIPYT
;
_entity_poly.pdbx_strand_id   C,D,E,F,B,A,G,H
#
# COMPACT_ATOMS: atom_id res chain seq x y z
N ILE A 2 42.59 -36.12 18.92
CA ILE A 2 41.17 -36.45 18.76
C ILE A 2 40.55 -35.75 17.55
N ILE A 3 40.05 -36.53 16.57
CA ILE A 3 39.51 -36.00 15.32
C ILE A 3 37.98 -36.06 15.31
N GLU A 4 37.38 -35.06 14.67
CA GLU A 4 35.93 -34.87 14.66
C GLU A 4 35.51 -34.30 13.31
N PHE A 5 34.30 -34.66 12.88
CA PHE A 5 33.70 -34.15 11.64
C PHE A 5 32.31 -33.62 11.96
N HIS A 6 32.04 -32.38 11.54
CA HIS A 6 30.76 -31.74 11.81
C HIS A 6 30.35 -30.93 10.59
N VAL A 7 29.09 -31.08 10.18
CA VAL A 7 28.52 -30.24 9.14
C VAL A 7 27.86 -29.06 9.84
N ILE A 8 28.30 -27.85 9.51
CA ILE A 8 27.86 -26.66 10.21
C ILE A 8 27.55 -25.57 9.19
N GLY A 9 26.98 -24.48 9.67
CA GLY A 9 26.58 -23.40 8.81
C GLY A 9 25.90 -22.33 9.64
N ASN A 10 25.81 -21.15 9.05
CA ASN A 10 25.11 -20.02 9.65
C ASN A 10 23.63 -20.06 9.25
N SER A 11 22.96 -21.14 9.64
CA SER A 11 21.56 -21.31 9.28
C SER A 11 20.68 -20.47 10.20
N LEU A 12 19.91 -19.55 9.60
CA LEU A 12 19.06 -18.64 10.36
C LEU A 12 17.95 -19.40 11.08
N ALA A 16 22.91 -19.82 15.53
CA ALA A 16 24.17 -20.53 15.72
C ALA A 16 24.84 -20.12 17.03
N ASN A 17 25.15 -21.12 17.86
CA ASN A 17 25.79 -20.92 19.16
C ASN A 17 27.19 -20.35 19.03
N ARG A 18 27.85 -20.10 20.16
CA ARG A 18 29.20 -19.54 20.11
C ARG A 18 30.20 -20.54 19.55
N ARG A 19 30.04 -21.82 19.85
CA ARG A 19 30.99 -22.80 19.36
C ARG A 19 31.00 -22.89 17.85
N VAL A 20 29.82 -22.79 17.25
CA VAL A 20 29.76 -22.89 15.79
C VAL A 20 30.30 -21.61 15.14
N LEU A 21 29.99 -20.45 15.72
CA LEU A 21 30.51 -19.19 15.17
C LEU A 21 32.03 -19.18 15.11
N LEU A 22 32.68 -19.57 16.22
CA LEU A 22 34.13 -19.55 16.23
C LEU A 22 34.70 -20.63 15.31
N TRP A 23 33.97 -21.73 15.10
CA TRP A 23 34.45 -22.69 14.10
C TRP A 23 34.36 -22.10 12.70
N LEU A 24 33.26 -21.37 12.41
CA LEU A 24 33.13 -20.71 11.11
C LEU A 24 34.21 -19.65 10.90
N VAL A 25 34.53 -18.85 11.93
CA VAL A 25 35.64 -17.90 11.81
C VAL A 25 36.95 -18.66 11.62
N GLY A 26 37.17 -19.70 12.42
CA GLY A 26 38.30 -20.59 12.19
C GLY A 26 38.40 -21.08 10.76
N LEU A 27 37.26 -21.47 10.16
CA LEU A 27 37.29 -21.96 8.79
C LEU A 27 37.53 -20.83 7.80
N GLN A 28 36.94 -19.65 8.05
CA GLN A 28 37.25 -18.50 7.22
C GLN A 28 38.74 -18.16 7.28
N ASN A 29 39.35 -18.26 8.47
CA ASN A 29 40.79 -18.03 8.61
C ASN A 29 41.58 -19.03 7.80
N VAL A 30 41.34 -20.32 8.02
CA VAL A 30 42.09 -21.38 7.33
C VAL A 30 41.94 -21.28 5.81
N PHE A 31 40.69 -21.22 5.31
CA PHE A 31 40.48 -21.05 3.87
C PHE A 31 41.23 -19.83 3.35
N SER A 32 41.19 -18.72 4.11
CA SER A 32 41.84 -17.49 3.67
C SER A 32 43.36 -17.66 3.57
N HIS A 33 43.96 -18.28 4.57
CA HIS A 33 45.40 -18.48 4.54
C HIS A 33 45.83 -19.48 3.46
N GLN A 34 45.02 -20.52 3.22
CA GLN A 34 45.39 -21.53 2.23
C GLN A 34 44.96 -21.16 0.81
N LEU A 35 44.10 -20.17 0.62
CA LEU A 35 43.68 -19.74 -0.71
C LEU A 35 43.86 -18.24 -0.82
N PRO A 36 45.12 -17.76 -0.80
CA PRO A 36 45.36 -16.31 -0.67
C PRO A 36 44.92 -15.50 -1.88
N ARG A 37 44.60 -16.14 -3.00
CA ARG A 37 44.03 -15.43 -4.14
C ARG A 37 42.52 -15.22 -4.01
N MET A 38 41.88 -15.80 -3.01
CA MET A 38 40.48 -15.48 -2.73
C MET A 38 40.45 -14.30 -1.77
N PRO A 39 39.80 -13.20 -2.12
CA PRO A 39 39.60 -12.12 -1.16
C PRO A 39 38.99 -12.64 0.14
N LYS A 40 39.59 -12.25 1.27
CA LYS A 40 39.11 -12.78 2.54
C LYS A 40 37.69 -12.34 2.86
N GLU A 41 37.23 -11.22 2.28
CA GLU A 41 35.85 -10.78 2.48
C GLU A 41 34.90 -11.63 1.65
N TYR A 42 35.36 -12.12 0.49
CA TYR A 42 34.57 -13.07 -0.31
C TYR A 42 34.40 -14.39 0.42
N ILE A 43 35.49 -14.96 0.95
CA ILE A 43 35.40 -16.22 1.69
C ILE A 43 34.42 -16.06 2.85
N ALA A 44 34.49 -14.93 3.55
CA ALA A 44 33.62 -14.69 4.70
C ALA A 44 32.17 -14.65 4.28
N ARG A 45 31.88 -13.95 3.19
CA ARG A 45 30.49 -13.85 2.75
C ARG A 45 29.91 -15.23 2.45
N LEU A 46 30.69 -16.08 1.75
CA LEU A 46 30.19 -17.40 1.37
C LEU A 46 30.12 -18.34 2.57
N VAL A 47 31.19 -18.40 3.39
CA VAL A 47 31.20 -19.27 4.55
C VAL A 47 30.07 -18.94 5.51
N PHE A 48 29.68 -17.68 5.59
CA PHE A 48 28.62 -17.28 6.50
C PHE A 48 27.28 -17.20 5.83
N ASP A 49 27.20 -17.55 4.55
CA ASP A 49 25.94 -17.51 3.83
C ASP A 49 25.02 -18.63 4.34
N PRO A 50 23.77 -18.34 4.67
CA PRO A 50 22.90 -19.40 5.24
C PRO A 50 22.66 -20.57 4.28
N LYS A 51 22.75 -20.35 2.96
CA LYS A 51 22.57 -21.46 2.04
C LYS A 51 23.84 -22.27 1.83
N HIS A 52 24.98 -21.87 2.41
CA HIS A 52 26.22 -22.63 2.32
C HIS A 52 26.37 -23.44 3.60
N LYS A 53 27.08 -24.57 3.50
CA LYS A 53 27.46 -25.35 4.66
C LYS A 53 28.94 -25.67 4.57
N THR A 54 29.54 -26.03 5.71
CA THR A 54 30.93 -26.43 5.74
C THR A 54 31.07 -27.70 6.56
N LEU A 55 31.80 -28.67 6.01
CA LEU A 55 32.19 -29.84 6.76
C LEU A 55 33.50 -29.51 7.49
N ALA A 56 33.41 -29.32 8.80
CA ALA A 56 34.58 -28.95 9.57
C ALA A 56 35.36 -30.21 9.98
N LEU A 57 36.68 -30.08 9.98
CA LEU A 57 37.58 -31.11 10.49
C LEU A 57 38.21 -30.53 11.75
N ILE A 58 37.88 -31.11 12.90
CA ILE A 58 38.27 -30.58 14.19
C ILE A 58 39.30 -31.52 14.82
N LYS A 59 40.38 -30.95 15.36
CA LYS A 59 41.40 -31.69 16.09
C LYS A 59 41.62 -31.01 17.44
N ASP A 60 41.27 -31.70 18.52
CA ASP A 60 41.39 -31.17 19.88
C ASP A 60 40.68 -29.82 20.01
N GLY A 61 39.42 -29.78 19.56
CA GLY A 61 38.62 -28.56 19.57
C GLY A 61 39.00 -27.49 18.56
N ARG A 62 40.11 -27.66 17.84
CA ARG A 62 40.66 -26.66 16.95
C ARG A 62 40.36 -27.01 15.49
N VAL A 63 40.04 -26.00 14.70
CA VAL A 63 39.78 -26.17 13.27
C VAL A 63 41.12 -26.36 12.56
N ILE A 64 41.23 -27.46 11.80
CA ILE A 64 42.42 -27.72 11.01
C ILE A 64 42.11 -27.89 9.52
N GLY A 65 40.84 -27.90 9.13
CA GLY A 65 40.49 -28.08 7.73
C GLY A 65 38.99 -28.07 7.55
N GLY A 66 38.58 -28.03 6.29
CA GLY A 66 37.17 -28.19 5.96
C GLY A 66 36.90 -28.12 4.48
N ILE A 67 35.64 -28.40 4.13
CA ILE A 67 35.14 -28.23 2.78
C ILE A 67 33.87 -27.42 2.89
N CYS A 68 33.89 -26.21 2.35
CA CYS A 68 32.69 -25.40 2.27
C CYS A 68 31.95 -25.73 0.99
N PHE A 69 30.63 -25.86 1.09
CA PHE A 69 29.90 -26.34 -0.08
C PHE A 69 28.49 -25.77 -0.11
N ARG A 70 27.92 -25.71 -1.30
CA ARG A 70 26.57 -25.19 -1.49
C ARG A 70 25.71 -26.25 -2.16
N MET A 71 24.71 -26.75 -1.42
CA MET A 71 23.75 -27.72 -1.94
C MET A 71 22.71 -27.05 -2.81
N PHE A 72 22.58 -27.55 -4.06
CA PHE A 72 21.53 -27.13 -4.99
C PHE A 72 20.56 -28.30 -5.22
N PRO A 73 19.67 -28.59 -4.26
CA PRO A 73 18.77 -29.76 -4.43
C PRO A 73 17.78 -29.61 -5.58
N THR A 74 17.38 -28.38 -5.89
CA THR A 74 16.54 -28.16 -7.06
C THR A 74 17.25 -28.58 -8.34
N GLN A 75 18.56 -28.34 -8.40
CA GLN A 75 19.35 -28.63 -9.59
C GLN A 75 19.94 -30.02 -9.60
N GLY A 76 19.85 -30.76 -8.50
CA GLY A 76 20.44 -32.07 -8.44
C GLY A 76 21.95 -32.13 -8.41
N PHE A 77 22.63 -31.14 -7.82
CA PHE A 77 24.07 -31.25 -7.57
C PHE A 77 24.48 -30.35 -6.41
N THR A 78 25.74 -30.48 -6.02
CA THR A 78 26.31 -29.63 -4.99
C THR A 78 27.61 -29.01 -5.50
N GLU A 79 27.84 -27.75 -5.19
CA GLU A 79 29.05 -27.04 -5.57
C GLU A 79 30.07 -27.11 -4.44
N ILE A 80 31.24 -27.68 -4.72
CA ILE A 80 32.41 -27.57 -3.82
C ILE A 80 32.96 -26.15 -3.92
N VAL A 81 32.93 -25.42 -2.80
CA VAL A 81 33.24 -23.97 -2.81
C VAL A 81 34.68 -23.69 -2.34
N PHE A 82 35.10 -24.24 -1.20
CA PHE A 82 36.48 -24.14 -0.71
C PHE A 82 36.89 -25.48 -0.12
N CYS A 83 38.16 -25.84 -0.30
CA CYS A 83 38.77 -27.03 0.28
C CYS A 83 40.14 -26.65 0.83
N ALA A 84 40.36 -26.89 2.11
CA ALA A 84 41.67 -26.53 2.64
C ALA A 84 41.97 -27.34 3.88
N VAL A 85 43.24 -27.71 4.04
CA VAL A 85 43.75 -28.27 5.27
C VAL A 85 44.95 -27.41 5.67
N THR A 86 45.07 -27.09 6.96
CA THR A 86 46.15 -26.23 7.37
C THR A 86 47.49 -26.87 6.98
N SER A 87 48.51 -26.01 6.82
CA SER A 87 49.72 -26.46 6.13
C SER A 87 50.40 -27.61 6.86
N ASN A 88 50.37 -27.62 8.20
CA ASN A 88 51.10 -28.67 8.91
C ASN A 88 50.25 -29.89 9.22
N GLU A 89 49.01 -29.94 8.74
CA GLU A 89 48.26 -31.19 8.78
C GLU A 89 48.10 -31.80 7.40
N GLN A 90 48.70 -31.20 6.37
CA GLN A 90 48.56 -31.71 5.01
C GLN A 90 49.36 -33.01 4.84
N VAL A 91 49.28 -33.57 3.63
CA VAL A 91 49.80 -34.89 3.23
C VAL A 91 49.70 -35.93 4.35
N LYS A 92 48.55 -35.99 5.01
CA LYS A 92 48.28 -37.03 6.00
C LYS A 92 46.99 -37.78 5.69
N GLY A 93 46.35 -37.52 4.55
CA GLY A 93 45.04 -38.10 4.27
C GLY A 93 43.85 -37.36 4.84
N TYR A 94 44.05 -36.23 5.52
CA TYR A 94 42.90 -35.50 6.02
C TYR A 94 41.99 -35.02 4.89
N GLY A 95 42.56 -34.54 3.79
CA GLY A 95 41.75 -34.05 2.68
C GLY A 95 40.95 -35.14 1.99
N THR A 96 41.45 -36.38 2.00
CA THR A 96 40.68 -37.49 1.46
C THR A 96 39.55 -37.86 2.40
N HIS A 97 39.84 -37.97 3.70
CA HIS A 97 38.77 -38.24 4.66
C HIS A 97 37.68 -37.19 4.56
N LEU A 98 38.06 -35.93 4.32
CA LEU A 98 37.06 -34.87 4.24
C LEU A 98 36.13 -35.12 3.05
N MET A 99 36.71 -35.42 1.90
CA MET A 99 35.90 -35.58 0.71
C MET A 99 35.00 -36.80 0.86
N ASN A 100 35.55 -37.88 1.43
CA ASN A 100 34.76 -39.07 1.67
C ASN A 100 33.60 -38.77 2.60
N HIS A 101 33.89 -38.11 3.72
CA HIS A 101 32.80 -37.72 4.62
C HIS A 101 31.76 -36.89 3.89
N LEU A 102 32.21 -35.99 2.99
CA LEU A 102 31.25 -35.18 2.25
C LEU A 102 30.43 -36.03 1.28
N LYS A 103 31.06 -37.05 0.69
CA LYS A 103 30.35 -37.97 -0.21
C LYS A 103 29.28 -38.74 0.56
N GLU A 104 29.68 -39.40 1.64
CA GLU A 104 28.72 -40.09 2.49
C GLU A 104 27.55 -39.18 2.86
N TYR A 105 27.85 -37.93 3.22
CA TYR A 105 26.79 -36.99 3.58
C TYR A 105 25.80 -36.79 2.43
N HIS A 106 26.29 -36.70 1.19
CA HIS A 106 25.41 -36.32 0.10
C HIS A 106 24.52 -37.48 -0.38
N ILE A 107 25.00 -38.70 -0.28
CA ILE A 107 24.16 -39.85 -0.62
C ILE A 107 22.93 -39.91 0.28
N LYS A 108 23.11 -39.70 1.59
CA LYS A 108 21.96 -39.72 2.47
C LYS A 108 21.02 -38.54 2.22
N HIS A 109 21.38 -37.65 1.30
CA HIS A 109 20.52 -36.53 0.93
C HIS A 109 20.14 -36.57 -0.55
N ASN A 110 20.28 -37.74 -1.19
CA ASN A 110 19.85 -37.98 -2.57
C ASN A 110 20.37 -36.92 -3.53
N ILE A 111 21.63 -36.52 -3.32
CA ILE A 111 22.39 -35.69 -4.26
C ILE A 111 23.62 -36.46 -4.66
N LEU A 112 23.81 -36.64 -5.98
CA LEU A 112 24.81 -37.59 -6.44
C LEU A 112 25.87 -36.97 -7.36
N TYR A 113 25.89 -35.65 -7.51
CA TYR A 113 26.88 -34.96 -8.32
C TYR A 113 27.51 -33.82 -7.54
N PHE A 114 28.84 -33.75 -7.59
CA PHE A 114 29.64 -32.61 -7.17
C PHE A 114 30.15 -31.88 -8.39
N LEU A 115 30.12 -30.53 -8.34
CA LEU A 115 30.72 -29.67 -9.36
C LEU A 115 31.65 -28.68 -8.69
N THR A 116 32.76 -28.37 -9.37
CA THR A 116 33.74 -27.45 -8.83
C THR A 116 34.63 -26.96 -9.95
N TYR A 117 35.27 -25.82 -9.71
CA TYR A 117 36.30 -25.27 -10.59
C TYR A 117 37.66 -25.41 -9.92
N ALA A 118 38.64 -25.94 -10.64
CA ALA A 118 39.97 -26.19 -10.09
C ALA A 118 41.03 -25.56 -10.98
N ASP A 119 41.96 -24.81 -10.40
CA ASP A 119 43.09 -24.36 -11.20
C ASP A 119 44.14 -25.46 -11.23
N GLU A 120 45.22 -25.25 -11.97
CA GLU A 120 46.23 -26.29 -12.15
C GLU A 120 46.82 -26.75 -10.81
N TYR A 121 47.04 -25.82 -9.90
CA TYR A 121 47.58 -26.21 -8.59
C TYR A 121 46.67 -27.18 -7.84
N ALA A 122 45.40 -27.30 -8.22
CA ALA A 122 44.48 -28.12 -7.44
C ALA A 122 43.86 -29.28 -8.21
N ILE A 123 43.99 -29.34 -9.55
CA ILE A 123 43.29 -30.38 -10.32
C ILE A 123 43.65 -31.78 -9.81
N GLY A 124 44.91 -32.00 -9.45
CA GLY A 124 45.35 -33.34 -9.06
C GLY A 124 44.77 -33.84 -7.75
N TYR A 125 44.44 -32.94 -6.83
CA TYR A 125 43.72 -33.36 -5.64
C TYR A 125 42.36 -33.91 -6.04
N PHE A 126 41.64 -33.19 -6.89
CA PHE A 126 40.30 -33.60 -7.27
C PHE A 126 40.31 -34.87 -8.13
N LYS A 127 41.29 -35.01 -9.03
CA LYS A 127 41.42 -36.27 -9.75
C LYS A 127 41.61 -37.44 -8.80
N LYS A 128 42.37 -37.25 -7.72
CA LYS A 128 42.52 -38.36 -6.79
C LYS A 128 41.26 -38.60 -5.99
N GLN A 129 40.37 -37.63 -5.90
CA GLN A 129 39.08 -37.80 -5.24
C GLN A 129 37.98 -38.29 -6.20
N GLY A 130 38.32 -38.60 -7.44
CA GLY A 130 37.35 -39.14 -8.37
C GLY A 130 36.69 -38.15 -9.29
N PHE A 131 37.21 -36.92 -9.37
CA PHE A 131 36.59 -35.90 -10.22
C PHE A 131 37.09 -36.05 -11.64
N SER A 132 36.23 -35.72 -12.61
CA SER A 132 36.58 -35.80 -14.01
C SER A 132 36.37 -34.46 -14.68
N LYS A 133 37.05 -34.25 -15.81
CA LYS A 133 36.82 -33.07 -16.63
C LYS A 133 35.67 -33.25 -17.61
N ASP A 134 35.22 -34.50 -17.80
CA ASP A 134 34.04 -34.78 -18.59
C ASP A 134 32.81 -34.48 -17.73
N ILE A 135 32.04 -33.47 -18.13
CA ILE A 135 30.90 -32.98 -17.35
C ILE A 135 29.65 -33.61 -17.92
N LYS A 136 28.93 -34.36 -17.11
CA LYS A 136 27.68 -34.91 -17.60
C LYS A 136 26.50 -33.99 -17.31
N VAL A 137 26.48 -33.36 -16.14
CA VAL A 137 25.45 -32.38 -15.77
C VAL A 137 25.40 -31.32 -16.88
N PRO A 138 24.24 -31.10 -17.52
CA PRO A 138 24.21 -30.14 -18.64
C PRO A 138 24.41 -28.71 -18.18
N LYS A 139 24.88 -27.89 -19.12
CA LYS A 139 25.13 -26.49 -18.84
C LYS A 139 23.89 -25.79 -18.29
N SER A 140 22.71 -26.07 -18.88
CA SER A 140 21.47 -25.44 -18.41
C SER A 140 21.19 -25.71 -16.94
N ARG A 141 21.78 -26.74 -16.34
CA ARG A 141 21.51 -27.02 -14.93
C ARG A 141 22.46 -26.31 -13.96
N TYR A 142 23.67 -25.90 -14.38
CA TYR A 142 24.61 -25.29 -13.45
C TYR A 142 25.02 -23.85 -13.78
N LEU A 143 25.01 -23.45 -15.05
CA LEU A 143 25.45 -22.09 -15.39
C LEU A 143 24.57 -21.03 -14.72
N GLY A 144 25.22 -20.09 -14.03
CA GLY A 144 24.52 -19.08 -13.29
C GLY A 144 24.03 -19.53 -11.94
N TYR A 145 24.30 -20.77 -11.55
CA TYR A 145 24.07 -21.23 -10.19
C TYR A 145 25.38 -21.42 -9.43
N ILE A 146 26.30 -22.21 -9.96
CA ILE A 146 27.65 -22.25 -9.41
C ILE A 146 28.42 -21.01 -9.85
N LYS A 147 29.46 -20.67 -9.09
CA LYS A 147 30.26 -19.50 -9.42
C LYS A 147 31.25 -19.87 -10.51
N ASP A 148 31.12 -19.22 -11.66
CA ASP A 148 32.09 -19.44 -12.71
C ASP A 148 33.44 -18.84 -12.31
N TYR A 149 34.51 -19.48 -12.79
CA TYR A 149 35.86 -18.93 -12.70
C TYR A 149 36.51 -19.13 -14.06
N GLU A 150 36.55 -18.07 -14.88
CA GLU A 150 37.27 -18.14 -16.14
C GLU A 150 38.73 -18.54 -15.88
N GLY A 151 39.26 -19.39 -16.74
CA GLY A 151 40.61 -19.86 -16.56
C GLY A 151 40.76 -21.08 -15.66
N ALA A 152 39.75 -21.39 -14.83
CA ALA A 152 39.81 -22.63 -14.06
C ALA A 152 39.15 -23.75 -14.84
N THR A 153 39.33 -25.00 -14.38
CA THR A 153 38.74 -26.14 -15.04
C THR A 153 37.54 -26.65 -14.24
N LEU A 154 36.41 -26.76 -14.92
CA LEU A 154 35.20 -27.36 -14.37
C LEU A 154 35.40 -28.87 -14.21
N MET A 155 35.20 -29.38 -12.99
CA MET A 155 35.34 -30.81 -12.72
C MET A 155 34.06 -31.33 -12.10
N GLU A 156 33.87 -32.64 -12.24
CA GLU A 156 32.65 -33.29 -11.76
C GLU A 156 32.96 -34.62 -11.08
N CYS A 157 32.25 -34.91 -10.03
CA CYS A 157 32.33 -36.21 -9.38
C CYS A 157 30.94 -36.82 -9.32
N GLU A 158 30.81 -38.05 -9.83
CA GLU A 158 29.56 -38.79 -9.70
C GLU A 158 29.68 -39.74 -8.51
N LEU A 159 28.75 -39.63 -7.57
CA LEU A 159 28.71 -40.52 -6.42
C LEU A 159 27.76 -41.68 -6.66
N ASN A 160 27.99 -42.77 -5.94
CA ASN A 160 27.23 -44.01 -6.06
C ASN A 160 26.52 -44.30 -4.74
N PRO A 161 25.18 -44.33 -4.72
CA PRO A 161 24.48 -44.42 -3.42
C PRO A 161 24.49 -45.81 -2.81
N ARG A 162 24.97 -46.84 -3.51
CA ARG A 162 25.07 -48.18 -2.95
C ARG A 162 26.46 -48.48 -2.38
N ILE A 163 27.26 -47.44 -2.18
CA ILE A 163 28.66 -47.56 -1.75
C ILE A 163 28.79 -46.80 -0.44
N PRO A 164 29.29 -47.42 0.65
CA PRO A 164 29.54 -46.65 1.87
C PRO A 164 30.87 -45.94 1.77
N TYR A 165 30.85 -44.61 1.83
CA TYR A 165 32.06 -43.85 1.57
C TYR A 165 32.93 -43.61 2.81
N THR A 166 32.47 -43.99 3.98
CA THR A 166 33.19 -43.74 5.22
C THR A 166 33.27 -44.99 6.10
N GLY B 1 24.64 18.99 -6.60
CA GLY B 1 24.63 18.86 -5.17
C GLY B 1 24.83 17.45 -4.64
N ILE B 2 23.85 16.93 -3.89
CA ILE B 2 24.01 15.71 -3.11
C ILE B 2 23.44 14.53 -3.91
N ILE B 3 24.33 13.62 -4.35
CA ILE B 3 23.96 12.43 -5.10
C ILE B 3 23.66 11.30 -4.14
N GLU B 4 22.57 10.58 -4.41
CA GLU B 4 22.24 9.40 -3.64
C GLU B 4 21.68 8.26 -4.51
N PHE B 5 21.96 7.02 -4.16
CA PHE B 5 21.42 5.86 -4.85
C PHE B 5 20.51 5.08 -3.93
N HIS B 6 19.34 4.71 -4.43
CA HIS B 6 18.37 3.95 -3.63
C HIS B 6 17.74 2.90 -4.51
N VAL B 7 17.70 1.67 -4.00
CA VAL B 7 16.92 0.60 -4.60
C VAL B 7 15.53 0.67 -4.00
N ILE B 8 14.51 0.86 -4.83
CA ILE B 8 13.15 1.01 -4.35
C ILE B 8 12.21 0.17 -5.21
N GLY B 9 10.94 0.19 -4.86
CA GLY B 9 9.94 -0.49 -5.64
C GLY B 9 8.59 -0.41 -4.95
N ASN B 10 7.56 -0.73 -5.72
CA ASN B 10 6.24 -0.86 -5.15
C ASN B 10 6.17 -2.18 -4.35
N SER B 11 5.08 -2.34 -3.60
CA SER B 11 4.91 -3.52 -2.75
C SER B 11 3.44 -3.80 -2.46
N ALA B 16 5.85 2.27 -1.09
CA ALA B 16 4.53 2.30 -0.49
C ALA B 16 4.33 3.52 0.43
N ASN B 17 5.37 4.34 0.59
CA ASN B 17 5.27 5.62 1.28
C ASN B 17 5.40 6.75 0.27
N ARG B 18 4.94 7.95 0.68
CA ARG B 18 4.78 9.04 -0.28
C ARG B 18 6.09 9.37 -1.00
N ARG B 19 7.21 9.41 -0.27
CA ARG B 19 8.49 9.74 -0.90
C ARG B 19 8.89 8.71 -1.96
N VAL B 20 8.77 7.42 -1.63
CA VAL B 20 9.03 6.36 -2.60
C VAL B 20 8.09 6.48 -3.79
N LEU B 21 6.81 6.73 -3.50
CA LEU B 21 5.80 6.80 -4.55
C LEU B 21 6.08 7.93 -5.52
N LEU B 22 6.38 9.12 -5.00
CA LEU B 22 6.73 10.23 -5.87
C LEU B 22 8.02 9.94 -6.64
N TRP B 23 8.94 9.16 -6.04
CA TRP B 23 10.17 8.78 -6.75
C TRP B 23 9.85 7.85 -7.92
N LEU B 24 8.99 6.85 -7.68
CA LEU B 24 8.56 5.94 -8.75
C LEU B 24 7.91 6.72 -9.89
N VAL B 25 7.05 7.69 -9.57
CA VAL B 25 6.50 8.57 -10.60
C VAL B 25 7.64 9.26 -11.35
N GLY B 26 8.62 9.78 -10.59
CA GLY B 26 9.75 10.43 -11.22
C GLY B 26 10.53 9.51 -12.14
N LEU B 27 10.73 8.25 -11.73
CA LEU B 27 11.41 7.31 -12.63
C LEU B 27 10.55 7.03 -13.86
N GLN B 28 9.26 6.76 -13.66
CA GLN B 28 8.36 6.59 -14.79
C GLN B 28 8.45 7.76 -15.75
N ASN B 29 8.49 8.99 -15.23
CA ASN B 29 8.63 10.16 -16.11
C ASN B 29 9.95 10.10 -16.89
N VAL B 30 11.05 9.78 -16.21
CA VAL B 30 12.35 9.86 -16.89
C VAL B 30 12.48 8.75 -17.94
N PHE B 31 12.10 7.52 -17.57
CA PHE B 31 12.07 6.42 -18.55
C PHE B 31 11.23 6.78 -19.76
N SER B 32 9.99 7.21 -19.50
CA SER B 32 9.05 7.45 -20.58
C SER B 32 9.53 8.55 -21.50
N HIS B 33 10.19 9.57 -20.95
CA HIS B 33 10.68 10.65 -21.81
C HIS B 33 11.95 10.26 -22.57
N GLN B 34 12.81 9.43 -21.99
CA GLN B 34 14.01 9.03 -22.69
C GLN B 34 13.79 7.83 -23.61
N LEU B 35 12.69 7.09 -23.44
CA LEU B 35 12.32 5.96 -24.29
C LEU B 35 10.97 6.26 -24.93
N PRO B 36 10.92 7.16 -25.90
CA PRO B 36 9.62 7.57 -26.46
C PRO B 36 8.87 6.44 -27.12
N ARG B 37 9.55 5.38 -27.55
CA ARG B 37 8.86 4.30 -28.26
C ARG B 37 8.27 3.27 -27.32
N MET B 38 8.45 3.44 -25.99
CA MET B 38 7.84 2.59 -24.99
C MET B 38 6.54 3.22 -24.49
N PRO B 39 5.40 2.53 -24.52
CA PRO B 39 4.16 3.15 -24.03
C PRO B 39 4.28 3.55 -22.57
N LYS B 40 3.87 4.80 -22.27
CA LYS B 40 3.92 5.31 -20.91
C LYS B 40 3.23 4.36 -19.92
N GLU B 41 2.10 3.77 -20.35
CA GLU B 41 1.31 2.90 -19.48
C GLU B 41 2.05 1.60 -19.16
N TYR B 42 2.78 1.09 -20.14
CA TYR B 42 3.61 -0.10 -19.94
C TYR B 42 4.75 0.19 -18.96
N ILE B 43 5.47 1.29 -19.17
CA ILE B 43 6.51 1.67 -18.23
C ILE B 43 5.93 1.76 -16.83
N ALA B 44 4.76 2.38 -16.70
CA ALA B 44 4.16 2.60 -15.39
C ALA B 44 3.75 1.28 -14.75
N ARG B 45 3.23 0.36 -15.57
CA ARG B 45 2.85 -0.96 -15.05
C ARG B 45 4.06 -1.72 -14.53
N LEU B 46 5.21 -1.62 -15.22
CA LEU B 46 6.35 -2.38 -14.76
C LEU B 46 7.03 -1.70 -13.57
N VAL B 47 7.20 -0.38 -13.63
CA VAL B 47 7.81 0.35 -12.52
C VAL B 47 7.04 0.09 -11.22
N PHE B 48 5.71 0.07 -11.30
CA PHE B 48 4.88 -0.14 -10.13
C PHE B 48 4.53 -1.61 -9.90
N ASP B 49 5.14 -2.51 -10.65
CA ASP B 49 4.92 -3.93 -10.37
C ASP B 49 5.79 -4.40 -9.20
N PRO B 50 5.21 -5.08 -8.20
CA PRO B 50 5.96 -5.40 -6.97
C PRO B 50 7.13 -6.37 -7.15
N LYS B 51 7.15 -7.18 -8.20
CA LYS B 51 8.34 -8.00 -8.46
C LYS B 51 9.41 -7.24 -9.22
N HIS B 52 9.17 -5.98 -9.56
CA HIS B 52 10.15 -5.14 -10.22
C HIS B 52 10.76 -4.20 -9.20
N LYS B 53 12.06 -4.01 -9.27
CA LYS B 53 12.73 -2.98 -8.50
C LYS B 53 13.31 -1.94 -9.43
N THR B 54 13.63 -0.77 -8.85
CA THR B 54 14.31 0.29 -9.58
C THR B 54 15.42 0.86 -8.72
N LEU B 55 16.61 1.00 -9.29
CA LEU B 55 17.71 1.71 -8.67
C LEU B 55 17.61 3.15 -9.11
N ALA B 56 17.33 4.05 -8.17
CA ALA B 56 17.04 5.44 -8.48
C ALA B 56 18.24 6.32 -8.20
N LEU B 57 18.52 7.24 -9.11
CA LEU B 57 19.61 8.19 -8.98
C LEU B 57 19.04 9.54 -8.56
N ILE B 58 19.39 9.99 -7.35
CA ILE B 58 18.79 11.14 -6.70
C ILE B 58 19.82 12.26 -6.63
N LYS B 59 19.50 13.40 -7.25
CA LYS B 59 20.32 14.61 -7.18
C LYS B 59 19.46 15.69 -6.53
N ASP B 60 19.84 16.10 -5.32
CA ASP B 60 19.14 17.16 -4.58
C ASP B 60 17.64 16.88 -4.49
N GLY B 61 17.30 15.65 -4.13
CA GLY B 61 15.91 15.24 -3.95
C GLY B 61 15.14 14.89 -5.20
N ARG B 62 15.63 15.26 -6.38
CA ARG B 62 14.96 14.99 -7.65
C ARG B 62 15.53 13.72 -8.29
N VAL B 63 14.65 12.97 -8.95
CA VAL B 63 15.07 11.81 -9.74
C VAL B 63 15.68 12.31 -11.04
N ILE B 64 16.92 11.91 -11.32
CA ILE B 64 17.57 12.25 -12.58
C ILE B 64 17.99 11.02 -13.37
N GLY B 65 17.67 9.81 -12.91
CA GLY B 65 17.93 8.61 -13.67
C GLY B 65 17.61 7.37 -12.87
N GLY B 66 17.82 6.22 -13.50
CA GLY B 66 17.65 4.96 -12.80
C GLY B 66 17.71 3.79 -13.75
N ILE B 67 17.70 2.59 -13.14
CA ILE B 67 17.62 1.32 -13.85
C ILE B 67 16.51 0.50 -13.22
N CYS B 68 15.46 0.20 -14.00
CA CYS B 68 14.41 -0.69 -13.54
C CYS B 68 14.82 -2.11 -13.87
N PHE B 69 14.64 -3.02 -12.92
CA PHE B 69 15.13 -4.37 -13.17
C PHE B 69 14.24 -5.39 -12.48
N ARG B 70 14.36 -6.64 -12.92
CA ARG B 70 13.52 -7.73 -12.47
C ARG B 70 14.42 -8.91 -12.10
N MET B 71 14.52 -9.22 -10.81
CA MET B 71 15.37 -10.31 -10.37
C MET B 71 14.65 -11.63 -10.59
N PHE B 72 15.34 -12.62 -11.19
CA PHE B 72 14.84 -13.98 -11.36
C PHE B 72 15.73 -14.95 -10.59
N PRO B 73 15.64 -14.98 -9.26
CA PRO B 73 16.59 -15.83 -8.50
C PRO B 73 16.52 -17.32 -8.86
N THR B 74 15.32 -17.88 -9.07
CA THR B 74 15.28 -19.29 -9.49
C THR B 74 15.93 -19.51 -10.84
N GLN B 75 16.05 -18.47 -11.66
CA GLN B 75 16.66 -18.67 -12.97
C GLN B 75 18.13 -18.29 -12.99
N GLY B 76 18.62 -17.63 -11.96
CA GLY B 76 20.02 -17.23 -11.91
C GLY B 76 20.37 -15.98 -12.67
N PHE B 77 19.42 -15.07 -12.93
CA PHE B 77 19.77 -13.84 -13.65
C PHE B 77 18.79 -12.73 -13.33
N THR B 78 19.20 -11.50 -13.65
CA THR B 78 18.31 -10.35 -13.57
C THR B 78 18.08 -9.77 -14.96
N GLU B 79 16.84 -9.35 -15.20
CA GLU B 79 16.46 -8.72 -16.45
C GLU B 79 16.55 -7.19 -16.30
N ILE B 80 17.36 -6.55 -17.13
CA ILE B 80 17.39 -5.08 -17.20
C ILE B 80 16.20 -4.63 -18.03
N VAL B 81 15.33 -3.83 -17.42
CA VAL B 81 14.05 -3.49 -18.05
C VAL B 81 14.09 -2.09 -18.66
N PHE B 82 14.52 -1.09 -17.90
CA PHE B 82 14.72 0.26 -18.42
C PHE B 82 15.97 0.87 -17.78
N CYS B 83 16.73 1.63 -18.58
CA CYS B 83 17.78 2.51 -18.08
C CYS B 83 17.65 3.86 -18.75
N ALA B 84 17.78 4.92 -17.95
CA ALA B 84 17.74 6.27 -18.50
C ALA B 84 18.42 7.21 -17.53
N VAL B 85 19.07 8.23 -18.10
CA VAL B 85 19.51 9.43 -17.39
C VAL B 85 18.85 10.63 -18.08
N THR B 86 18.35 11.55 -17.28
CA THR B 86 17.65 12.71 -17.84
C THR B 86 18.57 13.49 -18.78
N SER B 87 17.98 14.09 -19.80
CA SER B 87 18.73 14.60 -20.97
C SER B 87 19.91 15.49 -20.55
N ASN B 88 19.67 16.42 -19.62
CA ASN B 88 20.70 17.40 -19.26
C ASN B 88 21.75 16.83 -18.33
N GLU B 89 21.55 15.64 -17.77
CA GLU B 89 22.55 15.06 -16.88
C GLU B 89 23.42 14.01 -17.56
N GLN B 90 23.17 13.72 -18.83
CA GLN B 90 23.83 12.64 -19.52
C GLN B 90 25.30 12.98 -19.80
N VAL B 91 26.01 12.01 -20.40
CA VAL B 91 27.45 12.02 -20.68
C VAL B 91 28.24 12.65 -19.54
N LYS B 92 27.93 12.30 -18.29
CA LYS B 92 28.71 12.70 -17.12
C LYS B 92 29.16 11.50 -16.29
N GLY B 93 28.95 10.28 -16.77
CA GLY B 93 29.27 9.09 -16.01
C GLY B 93 28.15 8.53 -15.15
N TYR B 94 26.99 9.21 -15.09
CA TYR B 94 25.91 8.75 -14.23
C TYR B 94 25.40 7.38 -14.65
N GLY B 95 25.29 7.15 -15.95
CA GLY B 95 24.85 5.85 -16.44
C GLY B 95 25.79 4.74 -16.03
N THR B 96 27.09 5.00 -16.14
CA THR B 96 28.08 4.03 -15.70
C THR B 96 27.99 3.82 -14.20
N HIS B 97 27.81 4.91 -13.45
CA HIS B 97 27.69 4.79 -11.99
C HIS B 97 26.46 3.98 -11.58
N LEU B 98 25.34 4.16 -12.29
CA LEU B 98 24.13 3.40 -11.98
C LEU B 98 24.38 1.91 -12.17
N MET B 99 24.93 1.52 -13.32
CA MET B 99 25.15 0.10 -13.60
C MET B 99 26.11 -0.54 -12.59
N ASN B 100 27.20 0.18 -12.23
CA ASN B 100 28.15 -0.33 -11.24
C ASN B 100 27.46 -0.59 -9.90
N HIS B 101 26.64 0.37 -9.46
CA HIS B 101 25.84 0.16 -8.25
C HIS B 101 24.89 -1.02 -8.41
N LEU B 102 24.39 -1.23 -9.62
CA LEU B 102 23.49 -2.37 -9.81
C LEU B 102 24.28 -3.67 -9.75
N LYS B 103 25.46 -3.70 -10.35
CA LYS B 103 26.32 -4.88 -10.26
C LYS B 103 26.67 -5.17 -8.80
N GLU B 104 27.11 -4.14 -8.06
CA GLU B 104 27.44 -4.34 -6.65
C GLU B 104 26.25 -4.90 -5.88
N TYR B 105 25.06 -4.34 -6.12
CA TYR B 105 23.85 -4.88 -5.47
C TYR B 105 23.66 -6.36 -5.78
N HIS B 106 23.95 -6.79 -7.01
CA HIS B 106 23.61 -8.15 -7.36
C HIS B 106 24.64 -9.15 -6.84
N ILE B 107 25.89 -8.72 -6.70
CA ILE B 107 26.90 -9.56 -6.05
C ILE B 107 26.42 -10.01 -4.69
N LYS B 108 25.91 -9.07 -3.88
CA LYS B 108 25.51 -9.40 -2.51
C LYS B 108 24.24 -10.25 -2.48
N HIS B 109 23.50 -10.30 -3.58
CA HIS B 109 22.35 -11.18 -3.68
C HIS B 109 22.63 -12.41 -4.52
N ASN B 110 23.89 -12.61 -4.92
CA ASN B 110 24.32 -13.86 -5.55
C ASN B 110 23.61 -14.10 -6.88
N ILE B 111 23.37 -13.03 -7.63
CA ILE B 111 22.90 -13.12 -9.00
C ILE B 111 23.97 -12.51 -9.89
N LEU B 112 24.58 -13.32 -10.75
CA LEU B 112 25.80 -12.90 -11.45
C LEU B 112 25.64 -12.84 -12.96
N TYR B 113 24.40 -12.77 -13.47
CA TYR B 113 24.17 -12.57 -14.90
C TYR B 113 23.08 -11.53 -15.13
N PHE B 114 23.35 -10.54 -15.98
CA PHE B 114 22.34 -9.61 -16.48
C PHE B 114 21.94 -9.96 -17.91
N LEU B 115 20.64 -9.81 -18.21
CA LEU B 115 20.13 -9.99 -19.57
C LEU B 115 19.26 -8.80 -19.93
N THR B 116 19.39 -8.33 -21.17
CA THR B 116 18.64 -7.18 -21.63
C THR B 116 18.50 -7.27 -23.13
N TYR B 117 17.45 -6.63 -23.66
CA TYR B 117 17.27 -6.46 -25.10
C TYR B 117 17.57 -5.01 -25.43
N ALA B 118 18.53 -4.80 -26.31
CA ALA B 118 18.99 -3.45 -26.63
C ALA B 118 18.75 -3.19 -28.11
N ASP B 119 18.17 -2.02 -28.41
CA ASP B 119 18.07 -1.61 -29.81
C ASP B 119 19.39 -1.01 -30.24
N GLU B 120 19.49 -0.64 -31.52
CA GLU B 120 20.79 -0.24 -32.06
C GLU B 120 21.33 1.01 -31.36
N TYR B 121 20.45 1.89 -30.87
CA TYR B 121 20.91 3.11 -30.20
C TYR B 121 21.41 2.86 -28.78
N ALA B 122 21.13 1.70 -28.18
CA ALA B 122 21.53 1.42 -26.81
C ALA B 122 22.66 0.42 -26.69
N ILE B 123 22.96 -0.34 -27.75
CA ILE B 123 24.00 -1.38 -27.70
C ILE B 123 25.33 -0.81 -27.21
N GLY B 124 25.66 0.41 -27.64
CA GLY B 124 26.98 0.95 -27.32
C GLY B 124 27.14 1.16 -25.82
N TYR B 125 26.09 1.66 -25.18
CA TYR B 125 26.09 1.84 -23.74
C TYR B 125 26.30 0.50 -23.03
N PHE B 126 25.54 -0.52 -23.44
CA PHE B 126 25.66 -1.82 -22.78
C PHE B 126 27.04 -2.43 -23.06
N LYS B 127 27.56 -2.26 -24.27
CA LYS B 127 28.91 -2.77 -24.54
C LYS B 127 29.91 -2.14 -23.59
N LYS B 128 29.77 -0.85 -23.31
CA LYS B 128 30.73 -0.20 -22.43
C LYS B 128 30.51 -0.55 -20.98
N GLN B 129 29.37 -1.13 -20.63
CA GLN B 129 29.13 -1.66 -19.30
C GLN B 129 29.54 -3.13 -19.21
N GLY B 130 30.14 -3.67 -20.26
CA GLY B 130 30.59 -5.03 -20.18
C GLY B 130 29.62 -6.07 -20.70
N PHE B 131 28.53 -5.65 -21.34
CA PHE B 131 27.63 -6.63 -21.95
C PHE B 131 28.20 -7.13 -23.26
N SER B 132 27.78 -8.33 -23.64
CA SER B 132 28.21 -8.97 -24.88
C SER B 132 26.99 -9.51 -25.62
N LYS B 133 27.12 -9.65 -26.93
CA LYS B 133 26.12 -10.32 -27.76
C LYS B 133 26.17 -11.83 -27.64
N ASP B 134 27.25 -12.38 -27.09
CA ASP B 134 27.40 -13.81 -26.87
C ASP B 134 26.65 -14.21 -25.60
N ILE B 135 25.59 -14.99 -25.74
CA ILE B 135 24.69 -15.28 -24.63
C ILE B 135 25.05 -16.65 -24.09
N LYS B 136 25.55 -16.70 -22.86
CA LYS B 136 25.93 -17.97 -22.25
C LYS B 136 24.74 -18.64 -21.54
N VAL B 137 23.90 -17.86 -20.86
CA VAL B 137 22.66 -18.39 -20.31
C VAL B 137 21.87 -19.06 -21.43
N PRO B 138 21.50 -20.33 -21.28
CA PRO B 138 20.76 -21.03 -22.35
C PRO B 138 19.39 -20.42 -22.58
N LYS B 139 18.94 -20.50 -23.84
CA LYS B 139 17.57 -20.10 -24.19
C LYS B 139 16.52 -20.77 -23.30
N SER B 140 16.76 -22.02 -22.91
CA SER B 140 15.79 -22.69 -22.06
C SER B 140 15.66 -22.04 -20.70
N ARG B 141 16.62 -21.19 -20.31
CA ARG B 141 16.55 -20.56 -19.01
C ARG B 141 15.87 -19.21 -19.00
N TYR B 142 15.88 -18.48 -20.13
CA TYR B 142 15.40 -17.11 -20.13
C TYR B 142 14.16 -16.89 -20.96
N LEU B 143 13.93 -17.68 -22.00
CA LEU B 143 12.77 -17.49 -22.86
C LEU B 143 11.48 -17.71 -22.09
N GLY B 144 10.52 -16.79 -22.25
CA GLY B 144 9.30 -16.84 -21.49
C GLY B 144 9.38 -16.26 -20.08
N TYR B 145 10.58 -15.93 -19.59
CA TYR B 145 10.73 -15.23 -18.32
C TYR B 145 11.03 -13.75 -18.58
N ILE B 146 12.13 -13.45 -19.25
CA ILE B 146 12.30 -12.08 -19.72
C ILE B 146 11.33 -11.82 -20.86
N LYS B 147 10.96 -10.56 -21.03
CA LYS B 147 10.14 -10.16 -22.15
C LYS B 147 11.01 -10.06 -23.39
N ASP B 148 10.76 -10.90 -24.39
CA ASP B 148 11.60 -10.75 -25.56
C ASP B 148 11.10 -9.60 -26.43
N TYR B 149 11.94 -9.18 -27.35
CA TYR B 149 11.68 -8.02 -28.20
C TYR B 149 12.25 -8.38 -29.56
N GLU B 150 11.36 -8.72 -30.49
CA GLU B 150 11.80 -9.01 -31.84
C GLU B 150 12.46 -7.79 -32.44
N GLY B 151 13.61 -8.01 -33.03
CA GLY B 151 14.34 -6.95 -33.67
C GLY B 151 15.44 -6.31 -32.83
N ALA B 152 15.36 -6.41 -31.51
CA ALA B 152 16.46 -5.88 -30.72
C ALA B 152 17.46 -7.00 -30.50
N THR B 153 18.62 -6.63 -29.96
CA THR B 153 19.71 -7.58 -29.74
C THR B 153 19.71 -7.98 -28.26
N LEU B 154 19.62 -9.28 -28.02
CA LEU B 154 19.81 -9.81 -26.68
C LEU B 154 21.27 -9.68 -26.29
N MET B 155 21.53 -9.10 -25.12
CA MET B 155 22.88 -8.92 -24.65
C MET B 155 22.97 -9.38 -23.19
N GLU B 156 24.17 -9.86 -22.82
CA GLU B 156 24.39 -10.49 -21.52
C GLU B 156 25.62 -9.92 -20.83
N CYS B 157 25.53 -9.75 -19.51
CA CYS B 157 26.66 -9.34 -18.70
C CYS B 157 26.88 -10.35 -17.58
N GLU B 158 28.11 -10.85 -17.46
CA GLU B 158 28.53 -11.72 -16.38
C GLU B 158 29.34 -10.91 -15.36
N LEU B 159 29.03 -11.10 -14.09
CA LEU B 159 29.62 -10.34 -12.99
C LEU B 159 30.63 -11.19 -12.24
N ASN B 160 31.67 -10.51 -11.73
CA ASN B 160 32.69 -11.16 -10.92
C ASN B 160 32.36 -10.84 -9.42
N PRO B 161 31.94 -11.85 -8.59
CA PRO B 161 31.64 -11.56 -7.18
C PRO B 161 32.88 -11.32 -6.33
N ARG B 162 34.07 -11.56 -6.85
CA ARG B 162 35.32 -11.28 -6.18
C ARG B 162 35.85 -9.87 -6.45
N ILE B 163 35.06 -9.00 -7.08
CA ILE B 163 35.52 -7.68 -7.51
C ILE B 163 34.67 -6.59 -6.85
N PRO B 164 35.27 -5.52 -6.32
CA PRO B 164 34.49 -4.39 -5.80
C PRO B 164 34.02 -3.50 -6.93
N TYR B 165 32.70 -3.44 -7.12
CA TYR B 165 32.18 -2.66 -8.25
C TYR B 165 31.96 -1.19 -7.90
N THR B 166 31.77 -0.86 -6.63
CA THR B 166 31.58 0.54 -6.25
C THR B 166 32.57 1.00 -5.18
N GLY C 1 -14.37 4.21 -28.18
CA GLY C 1 -14.73 3.00 -27.46
C GLY C 1 -15.44 3.31 -26.15
N ILE C 2 -15.25 2.46 -25.15
CA ILE C 2 -15.90 2.67 -23.86
C ILE C 2 -15.34 3.92 -23.19
N ILE C 3 -16.23 4.71 -22.57
CA ILE C 3 -15.86 5.95 -21.92
C ILE C 3 -16.27 5.83 -20.46
N GLU C 4 -15.34 6.15 -19.55
CA GLU C 4 -15.61 6.14 -18.12
C GLU C 4 -15.19 7.46 -17.50
N PHE C 5 -15.91 7.87 -16.46
CA PHE C 5 -15.56 9.00 -15.62
C PHE C 5 -15.44 8.47 -14.20
N HIS C 6 -14.38 8.84 -13.50
CA HIS C 6 -14.20 8.41 -12.12
C HIS C 6 -13.52 9.52 -11.36
N VAL C 7 -14.08 9.88 -10.21
CA VAL C 7 -13.40 10.77 -9.28
C VAL C 7 -12.54 9.90 -8.36
N ILE C 8 -11.23 10.13 -8.40
CA ILE C 8 -10.26 9.30 -7.69
C ILE C 8 -9.28 10.19 -6.93
N GLY C 9 -8.50 9.56 -6.07
CA GLY C 9 -7.51 10.25 -5.27
C GLY C 9 -6.63 9.27 -4.53
N ASN C 10 -5.47 9.76 -4.10
CA ASN C 10 -4.56 8.96 -3.28
C ASN C 10 -5.11 8.83 -1.86
N SER C 11 -5.15 7.60 -1.35
CA SER C 11 -5.78 7.28 -0.06
C SER C 11 -5.16 8.04 1.09
N ALA C 16 -3.98 3.94 -3.38
CA ALA C 16 -5.03 2.98 -3.05
C ALA C 16 -4.82 1.65 -3.79
N ASN C 17 -5.81 1.25 -4.59
CA ASN C 17 -5.70 0.09 -5.47
C ASN C 17 -4.57 0.28 -6.49
N ARG C 18 -4.17 -0.81 -7.12
CA ARG C 18 -3.22 -0.68 -8.22
C ARG C 18 -3.88 0.02 -9.41
N ARG C 19 -5.16 -0.26 -9.64
CA ARG C 19 -5.93 0.39 -10.70
C ARG C 19 -5.93 1.91 -10.55
N VAL C 20 -6.26 2.41 -9.35
CA VAL C 20 -6.26 3.84 -9.06
C VAL C 20 -4.85 4.40 -9.18
N LEU C 21 -3.87 3.66 -8.67
CA LEU C 21 -2.48 4.09 -8.73
C LEU C 21 -2.04 4.37 -10.18
N LEU C 22 -2.22 3.40 -11.07
CA LEU C 22 -1.82 3.59 -12.45
C LEU C 22 -2.65 4.66 -13.16
N TRP C 23 -3.88 4.92 -12.69
CA TRP C 23 -4.65 6.02 -13.24
C TRP C 23 -4.06 7.38 -12.83
N LEU C 24 -3.76 7.54 -11.53
CA LEU C 24 -3.07 8.74 -11.06
C LEU C 24 -1.78 9.00 -11.84
N VAL C 25 -1.02 7.94 -12.17
CA VAL C 25 0.18 8.13 -12.98
C VAL C 25 -0.20 8.59 -14.39
N GLY C 26 -1.19 7.94 -15.00
CA GLY C 26 -1.67 8.38 -16.29
C GLY C 26 -2.13 9.84 -16.28
N LEU C 27 -2.83 10.24 -15.21
CA LEU C 27 -3.24 11.63 -15.10
C LEU C 27 -2.03 12.56 -14.96
N GLN C 28 -1.10 12.19 -14.08
CA GLN C 28 0.12 12.98 -13.96
C GLN C 28 0.86 13.04 -15.30
N ASN C 29 0.78 11.98 -16.11
CA ASN C 29 1.42 12.00 -17.41
C ASN C 29 0.71 12.98 -18.34
N VAL C 30 -0.62 12.92 -18.36
CA VAL C 30 -1.40 13.75 -19.25
C VAL C 30 -1.24 15.21 -18.88
N PHE C 31 -1.42 15.53 -17.59
CA PHE C 31 -1.22 16.90 -17.14
C PHE C 31 0.18 17.38 -17.50
N SER C 32 1.18 16.55 -17.24
CA SER C 32 2.56 17.01 -17.42
C SER C 32 2.89 17.22 -18.90
N HIS C 33 2.38 16.34 -19.76
CA HIS C 33 2.64 16.48 -21.19
C HIS C 33 1.89 17.66 -21.83
N GLN C 34 0.70 18.00 -21.33
CA GLN C 34 -0.06 19.11 -21.87
C GLN C 34 0.30 20.44 -21.23
N LEU C 35 1.01 20.44 -20.10
CA LEU C 35 1.40 21.66 -19.40
C LEU C 35 2.90 21.63 -19.15
N PRO C 36 3.71 21.62 -20.22
CA PRO C 36 5.14 21.27 -20.07
C PRO C 36 5.97 22.32 -19.37
N ARG C 37 5.41 23.48 -19.02
CA ARG C 37 6.17 24.43 -18.22
C ARG C 37 5.86 24.33 -16.73
N MET C 38 4.81 23.58 -16.35
CA MET C 38 4.72 23.09 -14.99
C MET C 38 5.88 22.13 -14.71
N PRO C 39 6.51 22.24 -13.55
CA PRO C 39 7.45 21.18 -13.13
C PRO C 39 6.73 19.86 -12.95
N LYS C 40 7.30 18.79 -13.54
CA LYS C 40 6.73 17.43 -13.43
C LYS C 40 6.49 17.01 -12.00
N GLU C 41 7.44 17.34 -11.11
CA GLU C 41 7.39 16.88 -9.73
C GLU C 41 6.29 17.58 -8.93
N TYR C 42 5.96 18.80 -9.32
CA TYR C 42 4.89 19.55 -8.66
C TYR C 42 3.53 19.01 -9.05
N ILE C 43 3.33 18.68 -10.34
CA ILE C 43 2.07 18.05 -10.74
C ILE C 43 1.88 16.74 -10.00
N ALA C 44 2.95 15.94 -9.90
CA ALA C 44 2.84 14.65 -9.22
C ALA C 44 2.48 14.83 -7.74
N ARG C 45 3.17 15.74 -7.06
CA ARG C 45 2.85 16.05 -5.67
C ARG C 45 1.37 16.38 -5.49
N LEU C 46 0.80 17.21 -6.37
CA LEU C 46 -0.60 17.58 -6.19
C LEU C 46 -1.53 16.42 -6.56
N VAL C 47 -1.29 15.75 -7.69
CA VAL C 47 -2.16 14.65 -8.10
C VAL C 47 -2.22 13.57 -7.03
N PHE C 48 -1.09 13.28 -6.37
CA PHE C 48 -1.03 12.29 -5.30
C PHE C 48 -1.28 12.89 -3.90
N ASP C 49 -1.55 14.18 -3.81
CA ASP C 49 -1.88 14.78 -2.52
C ASP C 49 -3.27 14.38 -2.08
N PRO C 50 -3.45 13.89 -0.86
CA PRO C 50 -4.74 13.27 -0.49
C PRO C 50 -5.87 14.26 -0.24
N LYS C 51 -5.63 15.56 -0.15
CA LYS C 51 -6.76 16.48 -0.18
C LYS C 51 -6.98 17.12 -1.54
N HIS C 52 -6.35 16.58 -2.59
CA HIS C 52 -6.74 16.86 -3.96
C HIS C 52 -7.44 15.62 -4.54
N LYS C 53 -8.40 15.85 -5.41
CA LYS C 53 -9.03 14.78 -6.16
C LYS C 53 -8.92 15.11 -7.64
N THR C 54 -8.97 14.09 -8.45
CA THR C 54 -8.92 14.27 -9.88
C THR C 54 -10.07 13.50 -10.50
N LEU C 55 -10.82 14.17 -11.36
CA LEU C 55 -11.81 13.51 -12.19
C LEU C 55 -11.09 12.94 -13.38
N ALA C 56 -11.15 11.62 -13.55
CA ALA C 56 -10.45 10.96 -14.64
C ALA C 56 -11.42 10.66 -15.78
N LEU C 57 -10.97 10.88 -17.01
CA LEU C 57 -11.70 10.47 -18.20
C LEU C 57 -10.95 9.32 -18.82
N ILE C 58 -11.61 8.16 -18.91
CA ILE C 58 -11.00 6.91 -19.38
C ILE C 58 -11.62 6.50 -20.71
N LYS C 59 -10.77 6.21 -21.70
CA LYS C 59 -11.20 5.61 -22.97
C LYS C 59 -10.50 4.27 -23.15
N ASP C 60 -11.27 3.18 -23.05
CA ASP C 60 -10.77 1.81 -23.21
C ASP C 60 -9.65 1.51 -22.22
N GLY C 61 -9.92 1.75 -20.95
CA GLY C 61 -8.91 1.52 -19.94
C GLY C 61 -7.80 2.53 -19.88
N ARG C 62 -7.85 3.59 -20.68
CA ARG C 62 -6.76 4.54 -20.78
C ARG C 62 -7.14 5.94 -20.31
N VAL C 63 -6.26 6.56 -19.52
CA VAL C 63 -6.37 7.97 -19.21
C VAL C 63 -6.14 8.80 -20.47
N ILE C 64 -7.16 9.56 -20.87
CA ILE C 64 -7.03 10.48 -22.01
C ILE C 64 -7.32 11.92 -21.62
N GLY C 65 -7.66 12.17 -20.37
CA GLY C 65 -7.82 13.52 -19.88
C GLY C 65 -8.25 13.46 -18.44
N GLY C 66 -8.29 14.63 -17.82
CA GLY C 66 -8.81 14.69 -16.47
C GLY C 66 -8.84 16.12 -15.97
N ILE C 67 -9.40 16.26 -14.76
CA ILE C 67 -9.41 17.54 -14.07
C ILE C 67 -9.04 17.30 -12.61
N CYS C 68 -7.94 17.91 -12.17
CA CYS C 68 -7.50 17.80 -10.79
C CYS C 68 -7.99 19.02 -10.02
N PHE C 69 -8.59 18.79 -8.85
CA PHE C 69 -9.22 19.88 -8.12
C PHE C 69 -9.07 19.73 -6.61
N ARG C 70 -9.28 20.85 -5.92
CA ARG C 70 -9.21 20.94 -4.46
C ARG C 70 -10.51 21.53 -3.95
N MET C 71 -11.28 20.75 -3.20
CA MET C 71 -12.53 21.22 -2.60
C MET C 71 -12.25 21.98 -1.31
N PHE C 72 -12.96 23.09 -1.12
CA PHE C 72 -12.89 23.88 0.11
C PHE C 72 -14.30 24.02 0.67
N PRO C 73 -14.85 22.96 1.29
CA PRO C 73 -16.21 23.07 1.86
C PRO C 73 -16.36 24.19 2.88
N THR C 74 -15.39 24.40 3.76
CA THR C 74 -15.50 25.52 4.69
C THR C 74 -15.55 26.87 3.98
N GLN C 75 -15.26 26.93 2.68
CA GLN C 75 -15.33 28.20 1.95
C GLN C 75 -16.36 28.20 0.85
N GLY C 76 -17.08 27.09 0.64
CA GLY C 76 -18.09 27.05 -0.39
C GLY C 76 -17.57 27.15 -1.81
N PHE C 77 -16.32 26.76 -2.07
CA PHE C 77 -15.87 26.71 -3.45
C PHE C 77 -14.87 25.57 -3.61
N THR C 78 -14.53 25.34 -4.88
CA THR C 78 -13.54 24.36 -5.20
C THR C 78 -12.53 24.99 -6.16
N GLU C 79 -11.25 24.72 -5.94
CA GLU C 79 -10.19 25.20 -6.82
C GLU C 79 -9.93 24.20 -7.93
N ILE C 80 -9.88 24.67 -9.17
CA ILE C 80 -9.53 23.82 -10.30
C ILE C 80 -8.05 24.03 -10.64
N VAL C 81 -7.26 22.97 -10.53
CA VAL C 81 -5.78 23.06 -10.58
C VAL C 81 -5.23 22.70 -11.96
N PHE C 82 -5.63 21.54 -12.50
CA PHE C 82 -5.23 21.10 -13.83
C PHE C 82 -6.44 20.62 -14.62
N CYS C 83 -6.51 21.03 -15.89
CA CYS C 83 -7.41 20.47 -16.89
C CYS C 83 -6.59 20.18 -18.13
N ALA C 84 -6.74 18.96 -18.64
CA ALA C 84 -6.00 18.58 -19.83
C ALA C 84 -6.74 17.43 -20.51
N VAL C 85 -6.68 17.45 -21.83
CA VAL C 85 -7.07 16.32 -22.66
C VAL C 85 -5.87 16.01 -23.52
N THR C 86 -5.55 14.74 -23.70
CA THR C 86 -4.37 14.38 -24.48
C THR C 86 -4.54 14.89 -25.92
N SER C 87 -3.40 15.13 -26.59
CA SER C 87 -3.45 15.86 -27.88
C SER C 87 -4.34 15.17 -28.90
N ASN C 88 -4.12 13.86 -29.11
CA ASN C 88 -4.88 13.08 -30.09
C ASN C 88 -6.39 13.13 -29.85
N GLU C 89 -6.85 13.44 -28.65
CA GLU C 89 -8.28 13.38 -28.36
C GLU C 89 -8.91 14.74 -28.15
N GLN C 90 -8.19 15.81 -28.45
CA GLN C 90 -8.73 17.13 -28.23
C GLN C 90 -9.73 17.50 -29.31
N VAL C 91 -10.47 18.59 -29.06
CA VAL C 91 -11.44 19.15 -30.00
C VAL C 91 -12.45 18.09 -30.40
N LYS C 92 -13.03 17.41 -29.40
CA LYS C 92 -14.07 16.41 -29.60
C LYS C 92 -15.18 16.52 -28.56
N GLY C 93 -15.21 17.58 -27.76
CA GLY C 93 -16.16 17.69 -26.67
C GLY C 93 -15.71 17.02 -25.36
N TYR C 94 -14.57 16.33 -25.35
CA TYR C 94 -14.12 15.67 -24.13
C TYR C 94 -13.91 16.67 -23.00
N GLY C 95 -13.29 17.82 -23.30
CA GLY C 95 -13.14 18.83 -22.26
C GLY C 95 -14.49 19.31 -21.74
N THR C 96 -15.48 19.41 -22.62
CA THR C 96 -16.80 19.82 -22.16
C THR C 96 -17.45 18.76 -21.27
N HIS C 97 -17.32 17.47 -21.62
CA HIS C 97 -17.92 16.43 -20.78
C HIS C 97 -17.26 16.35 -19.41
N LEU C 98 -15.93 16.51 -19.36
CA LEU C 98 -15.21 16.57 -18.09
C LEU C 98 -15.76 17.67 -17.20
N MET C 99 -15.87 18.89 -17.74
CA MET C 99 -16.34 20.00 -16.91
C MET C 99 -17.79 19.79 -16.49
N ASN C 100 -18.60 19.14 -17.35
CA ASN C 100 -20.00 18.87 -17.01
C ASN C 100 -20.11 17.84 -15.90
N HIS C 101 -19.31 16.77 -15.99
CA HIS C 101 -19.27 15.79 -14.90
C HIS C 101 -18.72 16.43 -13.62
N LEU C 102 -17.72 17.30 -13.74
CA LEU C 102 -17.23 18.01 -12.56
C LEU C 102 -18.34 18.87 -11.95
N LYS C 103 -19.13 19.55 -12.79
CA LYS C 103 -20.23 20.36 -12.29
C LYS C 103 -21.24 19.51 -11.53
N GLU C 104 -21.68 18.40 -12.14
CA GLU C 104 -22.68 17.55 -11.50
C GLU C 104 -22.18 17.07 -10.14
N TYR C 105 -20.95 16.55 -10.11
CA TYR C 105 -20.35 16.09 -8.85
C TYR C 105 -20.41 17.16 -7.76
N HIS C 106 -20.15 18.42 -8.12
CA HIS C 106 -20.11 19.45 -7.08
C HIS C 106 -21.50 19.89 -6.64
N ILE C 107 -22.49 19.87 -7.54
CA ILE C 107 -23.86 20.16 -7.14
C ILE C 107 -24.33 19.15 -6.12
N LYS C 108 -24.03 17.87 -6.37
CA LYS C 108 -24.39 16.82 -5.40
C LYS C 108 -23.72 17.04 -4.04
N HIS C 109 -22.57 17.71 -4.00
CA HIS C 109 -21.85 17.93 -2.75
C HIS C 109 -22.01 19.35 -2.21
N ASN C 110 -22.95 20.14 -2.76
CA ASN C 110 -23.32 21.44 -2.22
C ASN C 110 -22.19 22.46 -2.33
N ILE C 111 -21.32 22.33 -3.32
CA ILE C 111 -20.33 23.35 -3.62
C ILE C 111 -20.69 23.93 -4.97
N LEU C 112 -21.01 25.22 -4.99
CA LEU C 112 -21.59 25.88 -6.16
C LEU C 112 -20.66 26.91 -6.80
N TYR C 113 -19.37 26.90 -6.48
CA TYR C 113 -18.45 27.89 -7.04
C TYR C 113 -17.14 27.21 -7.42
N PHE C 114 -16.68 27.48 -8.63
CA PHE C 114 -15.35 27.09 -9.08
C PHE C 114 -14.47 28.32 -9.17
N LEU C 115 -13.24 28.21 -8.70
CA LEU C 115 -12.21 29.23 -8.92
C LEU C 115 -11.02 28.59 -9.62
N THR C 116 -10.43 29.32 -10.56
CA THR C 116 -9.28 28.80 -11.29
C THR C 116 -8.53 29.97 -11.89
N TYR C 117 -7.23 29.76 -12.11
CA TYR C 117 -6.41 30.71 -12.85
C TYR C 117 -6.32 30.23 -14.29
N ALA C 118 -6.67 31.09 -15.22
CA ALA C 118 -6.61 30.72 -16.62
C ALA C 118 -5.56 31.56 -17.31
N ASP C 119 -4.82 30.94 -18.20
CA ASP C 119 -3.79 31.59 -18.98
C ASP C 119 -4.32 31.88 -20.38
N GLU C 120 -3.46 32.45 -21.21
CA GLU C 120 -3.88 32.90 -22.52
C GLU C 120 -4.08 31.76 -23.50
N TYR C 121 -3.65 30.54 -23.17
CA TYR C 121 -3.81 29.42 -24.08
C TYR C 121 -5.15 28.71 -23.90
N ALA C 122 -5.85 28.93 -22.80
CA ALA C 122 -7.04 28.18 -22.50
C ALA C 122 -8.19 29.00 -21.92
N ILE C 123 -8.04 30.32 -21.75
CA ILE C 123 -9.10 31.11 -21.14
C ILE C 123 -10.41 30.96 -21.92
N GLY C 124 -10.32 30.85 -23.24
CA GLY C 124 -11.54 30.71 -24.02
C GLY C 124 -12.30 29.42 -23.75
N TYR C 125 -11.57 28.34 -23.49
CA TYR C 125 -12.23 27.10 -23.11
C TYR C 125 -13.02 27.27 -21.82
N PHE C 126 -12.42 27.92 -20.83
CA PHE C 126 -13.14 28.19 -19.59
C PHE C 126 -14.33 29.14 -19.81
N LYS C 127 -14.18 30.12 -20.68
CA LYS C 127 -15.31 31.01 -20.99
C LYS C 127 -16.48 30.22 -21.52
N LYS C 128 -16.21 29.30 -22.46
CA LYS C 128 -17.26 28.45 -22.99
C LYS C 128 -17.88 27.51 -21.97
N GLN C 129 -17.22 27.30 -20.83
CA GLN C 129 -17.83 26.52 -19.74
C GLN C 129 -18.53 27.42 -18.72
N GLY C 130 -18.76 28.69 -19.05
CA GLY C 130 -19.45 29.57 -18.15
C GLY C 130 -18.59 30.24 -17.09
N PHE C 131 -17.28 30.33 -17.29
CA PHE C 131 -16.44 31.08 -16.37
C PHE C 131 -16.36 32.53 -16.81
N SER C 132 -16.20 33.42 -15.83
CA SER C 132 -15.98 34.82 -16.16
C SER C 132 -14.99 35.42 -15.18
N LYS C 133 -14.52 36.63 -15.51
CA LYS C 133 -13.58 37.35 -14.66
C LYS C 133 -14.25 38.03 -13.48
N ASP C 134 -15.57 38.07 -13.42
CA ASP C 134 -16.26 38.70 -12.31
C ASP C 134 -16.26 37.73 -11.14
N ILE C 135 -15.48 38.03 -10.11
CA ILE C 135 -15.31 37.15 -8.96
C ILE C 135 -16.27 37.58 -7.85
N LYS C 136 -17.33 36.81 -7.65
CA LYS C 136 -18.29 37.13 -6.60
C LYS C 136 -17.96 36.50 -5.24
N VAL C 137 -17.12 35.48 -5.18
CA VAL C 137 -16.65 35.02 -3.86
C VAL C 137 -15.79 36.11 -3.24
N PRO C 138 -16.08 36.54 -2.01
CA PRO C 138 -15.24 37.58 -1.37
C PRO C 138 -13.78 37.16 -1.31
N LYS C 139 -12.91 38.16 -1.48
CA LYS C 139 -11.48 37.89 -1.35
C LYS C 139 -11.14 37.30 0.01
N SER C 140 -11.84 37.74 1.06
CA SER C 140 -11.60 37.15 2.38
C SER C 140 -11.94 35.67 2.45
N ARG C 141 -12.63 35.12 1.44
CA ARG C 141 -13.03 33.72 1.46
C ARG C 141 -12.03 32.81 0.73
N TYR C 142 -11.30 33.32 -0.26
CA TYR C 142 -10.36 32.48 -1.00
C TYR C 142 -8.89 32.85 -0.84
N LEU C 143 -8.57 34.07 -0.40
CA LEU C 143 -7.17 34.44 -0.20
C LEU C 143 -6.47 33.44 0.71
N GLY C 144 -5.32 32.96 0.27
CA GLY C 144 -4.54 32.05 1.07
C GLY C 144 -4.95 30.62 0.97
N TYR C 145 -6.10 30.32 0.38
CA TYR C 145 -6.50 28.94 0.19
C TYR C 145 -6.14 28.44 -1.20
N ILE C 146 -6.42 29.24 -2.23
CA ILE C 146 -6.01 28.91 -3.57
C ILE C 146 -4.63 29.48 -3.82
N LYS C 147 -3.87 28.77 -4.64
CA LYS C 147 -2.54 29.21 -5.05
C LYS C 147 -2.71 30.41 -5.97
N ASP C 148 -2.54 31.64 -5.46
CA ASP C 148 -2.52 32.81 -6.33
C ASP C 148 -1.34 32.75 -7.29
N TYR C 149 -1.55 33.28 -8.50
CA TYR C 149 -0.58 33.14 -9.59
C TYR C 149 -0.61 34.42 -10.43
N GLU C 150 0.30 35.34 -10.11
CA GLU C 150 0.53 36.51 -10.94
C GLU C 150 0.82 36.10 -12.37
N GLY C 151 0.29 36.86 -13.32
CA GLY C 151 0.48 36.58 -14.72
C GLY C 151 -0.63 35.76 -15.34
N ALA C 152 -1.56 35.26 -14.52
CA ALA C 152 -2.74 34.56 -14.98
C ALA C 152 -3.99 35.23 -14.41
N THR C 153 -5.13 34.91 -14.99
CA THR C 153 -6.38 35.60 -14.70
C THR C 153 -7.28 34.70 -13.85
N LEU C 154 -7.66 35.19 -12.67
CA LEU C 154 -8.58 34.46 -11.82
C LEU C 154 -9.97 34.51 -12.45
N MET C 155 -10.60 33.33 -12.62
CA MET C 155 -11.93 33.18 -13.18
C MET C 155 -12.84 32.43 -12.22
N GLU C 156 -14.14 32.62 -12.41
CA GLU C 156 -15.16 32.03 -11.56
C GLU C 156 -16.26 31.41 -12.41
N CYS C 157 -16.73 30.25 -11.98
CA CYS C 157 -17.98 29.67 -12.47
C CYS C 157 -18.93 29.50 -11.29
N GLU C 158 -20.20 29.87 -11.48
CA GLU C 158 -21.28 29.69 -10.51
C GLU C 158 -22.21 28.58 -11.01
N LEU C 159 -22.51 27.62 -10.15
CA LEU C 159 -23.40 26.52 -10.54
C LEU C 159 -24.81 26.73 -10.00
N ASN C 160 -25.78 26.12 -10.68
CA ASN C 160 -27.13 26.16 -10.13
C ASN C 160 -27.34 24.96 -9.20
N PRO C 161 -27.87 25.15 -8.00
CA PRO C 161 -28.17 24.00 -7.15
C PRO C 161 -29.32 23.19 -7.74
N ARG C 162 -29.45 21.97 -7.25
CA ARG C 162 -30.42 21.04 -7.81
C ARG C 162 -30.77 20.04 -6.72
N ILE C 163 -32.07 19.75 -6.61
CA ILE C 163 -32.57 18.69 -5.75
C ILE C 163 -32.34 17.36 -6.47
N PRO C 164 -31.57 16.44 -5.90
CA PRO C 164 -31.37 15.14 -6.55
C PRO C 164 -32.69 14.41 -6.83
N TYR C 165 -32.69 13.64 -7.90
CA TYR C 165 -33.84 12.93 -8.48
C TYR C 165 -34.97 13.88 -8.85
N GLY D 1 -54.78 9.17 20.92
CA GLY D 1 -54.58 8.94 22.34
C GLY D 1 -53.19 9.28 22.85
N ILE D 2 -52.33 8.27 22.95
CA ILE D 2 -51.02 8.45 23.59
C ILE D 2 -50.03 9.04 22.58
N ILE D 3 -49.38 10.14 22.96
CA ILE D 3 -48.43 10.85 22.11
C ILE D 3 -47.02 10.62 22.65
N GLU D 4 -46.10 10.27 21.75
CA GLU D 4 -44.70 10.07 22.09
C GLU D 4 -43.81 10.89 21.16
N PHE D 5 -42.68 11.37 21.69
CA PHE D 5 -41.63 12.01 20.89
C PHE D 5 -40.36 11.20 20.98
N HIS D 6 -39.70 10.99 19.85
CA HIS D 6 -38.46 10.21 19.84
C HIS D 6 -37.54 10.74 18.76
N VAL D 7 -36.27 10.91 19.11
CA VAL D 7 -35.24 11.28 18.15
C VAL D 7 -34.55 10.01 17.70
N ILE D 8 -34.61 9.73 16.39
CA ILE D 8 -34.16 8.46 15.86
C ILE D 8 -33.30 8.71 14.63
N GLY D 9 -32.81 7.61 14.06
CA GLY D 9 -31.95 7.68 12.89
C GLY D 9 -31.39 6.32 12.59
N ASN D 10 -30.85 6.19 11.40
CA ASN D 10 -30.25 4.94 10.96
C ASN D 10 -28.76 4.96 11.27
N SER D 11 -28.40 4.48 12.46
CA SER D 11 -27.00 4.46 12.89
C SER D 11 -26.22 3.33 12.24
N LEU D 12 -24.93 3.56 12.04
CA LEU D 12 -24.08 2.61 11.31
C LEU D 12 -23.63 1.43 12.16
N LYS D 15 -26.97 -0.78 12.64
CA LYS D 15 -27.95 -1.18 13.66
C LYS D 15 -29.19 -0.26 13.65
N ALA D 16 -30.36 -0.88 13.79
CA ALA D 16 -31.64 -0.18 13.89
C ALA D 16 -32.72 -1.14 14.35
N ASN D 17 -33.32 -0.87 15.51
CA ASN D 17 -34.53 -1.56 15.94
C ASN D 17 -35.47 -1.76 14.77
N ARG D 18 -36.08 -2.94 14.69
CA ARG D 18 -37.15 -3.12 13.72
C ARG D 18 -38.26 -2.10 13.94
N ARG D 19 -38.61 -1.83 15.19
CA ARG D 19 -39.55 -0.77 15.49
C ARG D 19 -39.06 0.58 14.95
N VAL D 20 -37.75 0.86 15.08
CA VAL D 20 -37.20 2.11 14.59
C VAL D 20 -37.22 2.14 13.06
N LEU D 21 -36.80 1.05 12.42
CA LEU D 21 -36.77 1.00 10.96
C LEU D 21 -38.16 1.27 10.36
N LEU D 22 -39.22 0.78 11.02
CA LEU D 22 -40.56 1.01 10.50
C LEU D 22 -41.00 2.45 10.72
N TRP D 23 -40.60 3.04 11.85
CA TRP D 23 -40.85 4.46 12.11
C TRP D 23 -40.17 5.33 11.07
N LEU D 24 -38.95 4.97 10.67
CA LEU D 24 -38.24 5.75 9.65
C LEU D 24 -38.96 5.67 8.30
N VAL D 25 -39.49 4.50 7.93
CA VAL D 25 -40.29 4.39 6.71
C VAL D 25 -41.54 5.24 6.85
N GLY D 26 -42.21 5.14 7.99
CA GLY D 26 -43.34 6.01 8.27
C GLY D 26 -43.02 7.47 8.12
N LEU D 27 -41.84 7.90 8.60
CA LEU D 27 -41.47 9.31 8.46
C LEU D 27 -41.25 9.68 7.01
N GLN D 28 -40.56 8.80 6.27
CA GLN D 28 -40.39 9.03 4.83
C GLN D 28 -41.75 9.09 4.14
N ASN D 29 -42.68 8.22 4.52
CA ASN D 29 -44.02 8.28 3.95
C ASN D 29 -44.68 9.63 4.21
N VAL D 30 -44.65 10.07 5.48
CA VAL D 30 -45.30 11.33 5.81
C VAL D 30 -44.64 12.49 5.07
N PHE D 31 -43.31 12.58 5.12
CA PHE D 31 -42.61 13.66 4.42
C PHE D 31 -42.95 13.65 2.94
N SER D 32 -42.95 12.46 2.35
CA SER D 32 -43.18 12.35 0.92
C SER D 32 -44.57 12.84 0.56
N HIS D 33 -45.57 12.39 1.32
CA HIS D 33 -46.93 12.75 1.02
C HIS D 33 -47.19 14.25 1.23
N GLN D 34 -46.60 14.83 2.28
CA GLN D 34 -46.82 16.25 2.56
C GLN D 34 -45.91 17.16 1.76
N LEU D 35 -44.91 16.61 1.06
CA LEU D 35 -44.02 17.37 0.19
C LEU D 35 -43.97 16.68 -1.17
N PRO D 36 -45.05 16.81 -1.95
CA PRO D 36 -45.20 15.94 -3.14
C PRO D 36 -44.22 16.23 -4.26
N ARG D 37 -43.62 17.41 -4.32
CA ARG D 37 -42.64 17.71 -5.36
C ARG D 37 -41.21 17.45 -4.89
N MET D 38 -41.03 17.08 -3.63
CA MET D 38 -39.76 16.55 -3.12
C MET D 38 -39.62 15.09 -3.53
N PRO D 39 -38.61 14.73 -4.33
CA PRO D 39 -38.51 13.34 -4.82
C PRO D 39 -38.39 12.33 -3.69
N LYS D 40 -39.16 11.24 -3.78
CA LYS D 40 -39.21 10.30 -2.66
C LYS D 40 -37.86 9.64 -2.39
N GLU D 41 -37.09 9.33 -3.44
CA GLU D 41 -35.79 8.71 -3.23
C GLU D 41 -34.85 9.63 -2.45
N TYR D 42 -34.91 10.93 -2.73
CA TYR D 42 -34.11 11.91 -2.00
C TYR D 42 -34.54 11.96 -0.53
N ILE D 43 -35.85 12.05 -0.27
CA ILE D 43 -36.32 12.03 1.11
C ILE D 43 -35.84 10.76 1.82
N ALA D 44 -35.94 9.61 1.14
CA ALA D 44 -35.51 8.36 1.75
C ALA D 44 -34.04 8.39 2.11
N ARG D 45 -33.21 8.93 1.22
CA ARG D 45 -31.78 8.93 1.47
C ARG D 45 -31.42 9.80 2.67
N LEU D 46 -32.07 10.96 2.81
CA LEU D 46 -31.77 11.77 3.98
C LEU D 46 -32.29 11.10 5.25
N VAL D 47 -33.52 10.59 5.22
CA VAL D 47 -34.11 10.02 6.44
C VAL D 47 -33.28 8.84 6.93
N PHE D 48 -32.67 8.10 6.02
CA PHE D 48 -31.89 6.91 6.34
C PHE D 48 -30.39 7.17 6.36
N ASP D 49 -29.98 8.42 6.15
CA ASP D 49 -28.58 8.79 6.24
C ASP D 49 -28.15 8.83 7.71
N PRO D 50 -27.03 8.18 8.06
CA PRO D 50 -26.57 8.18 9.47
C PRO D 50 -26.37 9.56 10.06
N LYS D 51 -25.84 10.52 9.29
CA LYS D 51 -25.59 11.86 9.79
C LYS D 51 -26.87 12.67 9.99
N HIS D 52 -28.01 12.16 9.55
CA HIS D 52 -29.28 12.85 9.79
C HIS D 52 -30.02 12.16 10.91
N LYS D 53 -30.74 12.96 11.69
CA LYS D 53 -31.62 12.47 12.72
C LYS D 53 -33.02 13.00 12.44
N THR D 54 -34.04 12.33 13.00
CA THR D 54 -35.42 12.74 12.83
C THR D 54 -36.14 12.67 14.17
N LEU D 55 -36.89 13.73 14.47
CA LEU D 55 -37.72 13.80 15.67
C LEU D 55 -39.09 13.28 15.27
N ALA D 56 -39.40 12.06 15.68
CA ALA D 56 -40.65 11.43 15.29
C ALA D 56 -41.75 11.81 16.27
N LEU D 57 -42.93 12.06 15.73
CA LEU D 57 -44.14 12.30 16.52
C LEU D 57 -45.02 11.06 16.38
N ILE D 58 -45.15 10.28 17.46
CA ILE D 58 -45.86 9.00 17.45
C ILE D 58 -47.17 9.16 18.21
N LYS D 59 -48.28 8.78 17.57
CA LYS D 59 -49.60 8.76 18.20
C LYS D 59 -50.15 7.34 18.12
N ASP D 60 -50.27 6.68 19.28
CA ASP D 60 -50.70 5.29 19.35
C ASP D 60 -49.83 4.39 18.47
N GLY D 61 -48.52 4.47 18.68
CA GLY D 61 -47.59 3.65 17.93
C GLY D 61 -47.46 3.96 16.45
N ARG D 62 -48.15 4.97 15.94
CA ARG D 62 -48.14 5.32 14.53
C ARG D 62 -47.50 6.70 14.30
N VAL D 63 -46.60 6.78 13.32
CA VAL D 63 -45.98 8.05 12.94
C VAL D 63 -47.04 8.99 12.36
N ILE D 64 -47.18 10.18 12.94
CA ILE D 64 -48.08 11.19 12.38
C ILE D 64 -47.38 12.48 12.01
N GLY D 65 -46.07 12.58 12.20
CA GLY D 65 -45.35 13.82 11.93
C GLY D 65 -43.88 13.66 12.29
N GLY D 66 -43.08 14.60 11.79
CA GLY D 66 -41.66 14.54 12.08
C GLY D 66 -40.94 15.81 11.69
N ILE D 67 -39.71 15.92 12.17
CA ILE D 67 -38.75 16.92 11.71
C ILE D 67 -37.42 16.20 11.48
N CYS D 68 -36.95 16.20 10.24
CA CYS D 68 -35.67 15.62 9.91
C CYS D 68 -34.60 16.72 9.86
N PHE D 69 -33.43 16.42 10.42
CA PHE D 69 -32.44 17.47 10.58
C PHE D 69 -31.03 16.88 10.57
N ARG D 70 -30.07 17.73 10.25
CA ARG D 70 -28.66 17.40 10.35
C ARG D 70 -27.99 18.40 11.29
N MET D 71 -27.45 17.91 12.40
CA MET D 71 -26.67 18.71 13.34
C MET D 71 -25.27 18.94 12.79
N PHE D 72 -24.79 20.18 12.87
CA PHE D 72 -23.42 20.53 12.49
C PHE D 72 -22.66 21.07 13.71
N PRO D 73 -22.32 20.21 14.66
CA PRO D 73 -21.67 20.72 15.89
C PRO D 73 -20.33 21.41 15.64
N THR D 74 -19.59 21.04 14.59
CA THR D 74 -18.40 21.78 14.23
C THR D 74 -18.74 23.20 13.82
N GLN D 75 -19.91 23.39 13.22
CA GLN D 75 -20.31 24.69 12.68
C GLN D 75 -21.18 25.48 13.64
N GLY D 76 -21.65 24.87 14.73
CA GLY D 76 -22.50 25.57 15.66
C GLY D 76 -23.94 25.76 15.25
N PHE D 77 -24.44 25.00 14.28
CA PHE D 77 -25.85 25.13 13.93
C PHE D 77 -26.39 23.78 13.48
N THR D 78 -27.70 23.74 13.29
CA THR D 78 -28.39 22.58 12.74
C THR D 78 -29.23 22.99 11.54
N GLU D 79 -29.20 22.18 10.49
CA GLU D 79 -30.04 22.39 9.33
C GLU D 79 -31.34 21.61 9.49
N ILE D 80 -32.47 22.31 9.38
CA ILE D 80 -33.78 21.69 9.32
C ILE D 80 -34.06 21.28 7.88
N VAL D 81 -34.32 19.99 7.66
CA VAL D 81 -34.46 19.43 6.32
C VAL D 81 -35.93 19.26 5.94
N PHE D 82 -36.70 18.51 6.73
CA PHE D 82 -38.12 18.35 6.47
C PHE D 82 -38.90 18.51 7.77
N CYS D 83 -40.01 19.25 7.69
CA CYS D 83 -41.05 19.31 8.71
C CYS D 83 -42.36 18.96 8.06
N ALA D 84 -43.14 18.14 8.76
CA ALA D 84 -44.41 17.73 8.19
C ALA D 84 -45.26 17.10 9.28
N VAL D 85 -46.54 17.44 9.26
CA VAL D 85 -47.56 16.71 9.99
C VAL D 85 -48.53 16.13 8.97
N THR D 86 -48.98 14.89 9.21
CA THR D 86 -49.95 14.30 8.32
C THR D 86 -51.21 15.18 8.26
N SER D 87 -51.88 15.14 7.11
CA SER D 87 -52.84 16.18 6.78
C SER D 87 -53.99 16.22 7.78
N ASN D 88 -54.50 15.07 8.18
CA ASN D 88 -55.66 15.01 9.06
C ASN D 88 -55.31 15.25 10.53
N GLU D 89 -54.04 15.56 10.85
CA GLU D 89 -53.67 15.97 12.19
C GLU D 89 -53.17 17.41 12.28
N GLN D 90 -53.20 18.14 11.18
CA GLN D 90 -52.68 19.50 11.14
C GLN D 90 -53.59 20.46 11.91
N VAL D 91 -53.09 21.69 12.08
CA VAL D 91 -53.82 22.77 12.76
C VAL D 91 -54.30 22.28 14.13
N LYS D 92 -53.50 21.48 14.79
CA LYS D 92 -53.81 20.98 16.13
C LYS D 92 -52.70 21.26 17.13
N GLY D 93 -51.65 21.99 16.73
CA GLY D 93 -50.51 22.28 17.57
C GLY D 93 -49.38 21.28 17.51
N TYR D 94 -49.55 20.17 16.78
CA TYR D 94 -48.48 19.19 16.70
C TYR D 94 -47.20 19.81 16.14
N GLY D 95 -47.34 20.68 15.12
CA GLY D 95 -46.16 21.34 14.58
C GLY D 95 -45.41 22.13 15.62
N THR D 96 -46.13 22.81 16.51
CA THR D 96 -45.47 23.64 17.49
C THR D 96 -44.77 22.79 18.56
N HIS D 97 -45.42 21.72 19.02
CA HIS D 97 -44.77 20.83 19.98
C HIS D 97 -43.56 20.13 19.38
N LEU D 98 -43.64 19.77 18.10
CA LEU D 98 -42.46 19.25 17.41
C LEU D 98 -41.28 20.24 17.45
N MET D 99 -41.50 21.48 16.97
CA MET D 99 -40.41 22.46 16.97
C MET D 99 -39.86 22.68 18.38
N ASN D 100 -40.76 22.85 19.36
CA ASN D 100 -40.32 23.01 20.75
C ASN D 100 -39.47 21.83 21.20
N HIS D 101 -39.96 20.60 21.03
CA HIS D 101 -39.16 19.44 21.38
C HIS D 101 -37.80 19.46 20.68
N LEU D 102 -37.77 19.88 19.41
CA LEU D 102 -36.49 20.02 18.73
C LEU D 102 -35.62 21.09 19.39
N LYS D 103 -36.25 22.18 19.83
CA LYS D 103 -35.49 23.23 20.51
C LYS D 103 -34.90 22.72 21.81
N GLU D 104 -35.72 22.02 22.62
CA GLU D 104 -35.22 21.42 23.86
C GLU D 104 -34.05 20.50 23.56
N TYR D 105 -34.19 19.66 22.55
CA TYR D 105 -33.13 18.71 22.24
C TYR D 105 -31.84 19.42 21.91
N HIS D 106 -31.92 20.57 21.25
CA HIS D 106 -30.68 21.22 20.80
C HIS D 106 -30.01 22.03 21.90
N ILE D 107 -30.80 22.63 22.80
CA ILE D 107 -30.20 23.28 23.95
C ILE D 107 -29.33 22.31 24.73
N LYS D 108 -29.87 21.12 25.01
CA LYS D 108 -29.14 20.13 25.78
C LYS D 108 -27.90 19.61 25.06
N HIS D 109 -27.74 19.91 23.76
CA HIS D 109 -26.54 19.57 23.00
C HIS D 109 -25.75 20.80 22.57
N ASN D 110 -26.02 21.95 23.19
CA ASN D 110 -25.37 23.24 22.91
C ASN D 110 -25.15 23.44 21.41
N ILE D 111 -26.26 23.40 20.68
CA ILE D 111 -26.34 23.91 19.32
C ILE D 111 -27.52 24.85 19.35
N LEU D 112 -27.25 26.14 19.15
CA LEU D 112 -28.19 27.19 19.50
C LEU D 112 -28.72 27.95 18.29
N TYR D 113 -28.50 27.43 17.08
CA TYR D 113 -28.91 28.10 15.85
C TYR D 113 -29.52 27.07 14.89
N PHE D 114 -30.75 27.34 14.43
CA PHE D 114 -31.38 26.57 13.36
C PHE D 114 -31.29 27.38 12.07
N LEU D 115 -31.03 26.68 10.95
CA LEU D 115 -31.16 27.23 9.60
C LEU D 115 -32.07 26.34 8.76
N THR D 116 -32.89 26.96 7.91
CA THR D 116 -33.80 26.20 7.07
C THR D 116 -34.18 27.03 5.84
N TYR D 117 -34.64 26.35 4.79
CA TYR D 117 -35.27 27.02 3.66
C TYR D 117 -36.78 26.90 3.78
N ALA D 118 -37.47 28.03 3.75
CA ALA D 118 -38.92 28.06 3.92
C ALA D 118 -39.53 28.47 2.59
N ASP D 119 -40.42 27.63 2.06
CA ASP D 119 -41.14 27.96 0.82
C ASP D 119 -42.38 28.79 1.12
N GLU D 120 -43.13 29.14 0.07
CA GLU D 120 -44.31 29.99 0.25
C GLU D 120 -45.42 29.27 1.00
N TYR D 121 -45.46 27.94 0.99
CA TYR D 121 -46.55 27.23 1.63
C TYR D 121 -46.40 27.16 3.15
N ALA D 122 -45.18 27.24 3.71
CA ALA D 122 -44.98 27.04 5.14
C ALA D 122 -44.17 28.12 5.84
N ILE D 123 -43.77 29.19 5.16
CA ILE D 123 -42.98 30.23 5.82
C ILE D 123 -43.74 30.83 6.99
N GLY D 124 -45.07 30.88 6.90
CA GLY D 124 -45.87 31.43 7.99
C GLY D 124 -45.77 30.62 9.26
N TYR D 125 -45.63 29.30 9.12
CA TYR D 125 -45.38 28.45 10.27
C TYR D 125 -44.01 28.74 10.86
N PHE D 126 -42.99 28.92 10.02
CA PHE D 126 -41.68 29.17 10.59
C PHE D 126 -41.62 30.51 11.30
N LYS D 127 -42.29 31.54 10.77
CA LYS D 127 -42.32 32.83 11.47
C LYS D 127 -42.87 32.67 12.88
N LYS D 128 -43.95 31.89 13.03
CA LYS D 128 -44.57 31.72 14.35
C LYS D 128 -43.71 30.87 15.29
N GLN D 129 -42.72 30.15 14.79
CA GLN D 129 -41.74 29.47 15.65
C GLN D 129 -40.49 30.31 15.89
N GLY D 130 -40.52 31.60 15.52
CA GLY D 130 -39.42 32.51 15.78
C GLY D 130 -38.35 32.58 14.72
N PHE D 131 -38.53 31.97 13.56
CA PHE D 131 -37.52 32.10 12.51
C PHE D 131 -37.66 33.48 11.87
N SER D 132 -36.53 34.11 11.56
CA SER D 132 -36.52 35.36 10.82
C SER D 132 -35.61 35.23 9.62
N LYS D 133 -35.72 36.20 8.71
CA LYS D 133 -34.86 36.22 7.54
C LYS D 133 -33.53 36.91 7.78
N ASP D 134 -33.34 37.55 8.92
CA ASP D 134 -32.03 38.09 9.26
C ASP D 134 -31.16 36.91 9.67
N ILE D 135 -30.17 36.59 8.84
CA ILE D 135 -29.29 35.47 9.13
C ILE D 135 -28.09 36.00 9.91
N LYS D 136 -27.98 35.62 11.18
CA LYS D 136 -26.82 36.03 11.96
C LYS D 136 -25.65 35.08 11.78
N VAL D 137 -25.90 33.81 11.49
CA VAL D 137 -24.78 32.92 11.23
C VAL D 137 -24.02 33.41 10.01
N PRO D 138 -22.69 33.46 10.05
CA PRO D 138 -21.92 33.94 8.89
C PRO D 138 -22.06 33.00 7.70
N LYS D 139 -22.39 33.59 6.55
CA LYS D 139 -22.45 32.92 5.24
C LYS D 139 -21.34 31.87 5.10
N SER D 140 -20.14 32.20 5.59
CA SER D 140 -19.01 31.29 5.52
C SER D 140 -19.17 30.08 6.45
N ARG D 141 -20.04 30.15 7.46
CA ARG D 141 -20.21 28.99 8.30
C ARG D 141 -21.11 27.89 7.68
N TYR D 142 -21.94 28.22 6.69
CA TYR D 142 -22.94 27.28 6.19
C TYR D 142 -22.95 27.12 4.67
N LEU D 143 -22.23 27.95 3.92
CA LEU D 143 -22.29 27.89 2.46
C LEU D 143 -21.92 26.52 1.91
N GLY D 144 -21.02 25.80 2.58
CA GLY D 144 -20.59 24.51 2.09
C GLY D 144 -21.27 23.32 2.69
N TYR D 145 -22.27 23.52 3.55
CA TYR D 145 -22.81 22.47 4.39
C TYR D 145 -24.29 22.23 4.16
N ILE D 146 -25.11 23.28 4.16
CA ILE D 146 -26.54 23.09 3.92
C ILE D 146 -26.81 23.08 2.42
N LYS D 147 -27.77 22.25 2.02
CA LYS D 147 -28.28 22.29 0.67
C LYS D 147 -28.99 23.63 0.42
N ASP D 148 -28.67 24.24 -0.71
CA ASP D 148 -29.21 25.54 -1.08
C ASP D 148 -30.48 25.31 -1.89
N TYR D 149 -31.63 25.62 -1.31
CA TYR D 149 -32.91 25.41 -1.98
C TYR D 149 -33.33 26.71 -2.67
N GLU D 150 -32.50 27.09 -3.64
CA GLU D 150 -32.68 28.37 -4.31
C GLU D 150 -34.13 28.52 -4.77
N GLY D 151 -34.68 29.71 -4.54
CA GLY D 151 -36.07 29.93 -4.81
C GLY D 151 -36.85 30.10 -3.52
N ALA D 152 -36.51 29.30 -2.51
CA ALA D 152 -37.08 29.37 -1.18
C ALA D 152 -36.26 30.31 -0.30
N THR D 153 -36.86 30.74 0.82
CA THR D 153 -36.25 31.79 1.64
C THR D 153 -35.42 31.17 2.77
N LEU D 154 -34.16 31.52 2.84
CA LEU D 154 -33.32 31.07 3.94
C LEU D 154 -33.73 31.79 5.23
N MET D 155 -33.89 31.02 6.31
CA MET D 155 -34.36 31.59 7.57
C MET D 155 -33.62 31.00 8.75
N GLU D 156 -33.62 31.75 9.84
CA GLU D 156 -32.79 31.40 10.99
C GLU D 156 -33.56 31.54 12.29
N CYS D 157 -33.33 30.60 13.20
CA CYS D 157 -33.86 30.66 14.55
C CYS D 157 -32.72 30.61 15.54
N GLU D 158 -32.69 31.57 16.46
CA GLU D 158 -31.74 31.57 17.57
C GLU D 158 -32.45 31.06 18.82
N LEU D 159 -31.87 30.07 19.49
CA LEU D 159 -32.47 29.46 20.68
C LEU D 159 -31.92 30.12 21.92
N ASN D 160 -32.77 30.27 22.93
CA ASN D 160 -32.32 30.72 24.25
C ASN D 160 -32.12 29.51 25.14
N PRO D 161 -30.89 29.17 25.53
CA PRO D 161 -30.68 27.96 26.37
C PRO D 161 -31.12 28.12 27.82
N ARG D 162 -31.69 29.26 28.20
CA ARG D 162 -32.01 29.52 29.61
C ARG D 162 -33.48 29.35 29.95
N ILE D 163 -34.36 29.35 28.96
CA ILE D 163 -35.79 29.14 29.22
C ILE D 163 -36.16 27.70 28.85
N PRO D 164 -37.22 27.15 29.43
CA PRO D 164 -37.67 25.82 29.03
C PRO D 164 -38.60 25.88 27.82
N TYR D 165 -38.40 24.95 26.88
CA TYR D 165 -39.22 24.95 25.68
C TYR D 165 -40.31 23.88 25.69
N THR D 166 -40.08 22.75 26.36
CA THR D 166 -41.07 21.68 26.45
C THR D 166 -41.96 21.85 27.69
N GLY E 1 -27.92 -10.66 -23.79
CA GLY E 1 -28.16 -10.59 -22.36
C GLY E 1 -26.97 -9.99 -21.65
N ILE E 2 -26.91 -10.15 -20.33
CA ILE E 2 -25.76 -9.66 -19.55
C ILE E 2 -24.66 -10.72 -19.60
N ILE E 3 -23.48 -10.31 -20.05
CA ILE E 3 -22.37 -11.20 -20.33
C ILE E 3 -21.28 -10.96 -19.27
N GLU E 4 -20.88 -12.03 -18.58
CA GLU E 4 -19.80 -11.97 -17.60
C GLU E 4 -18.70 -12.96 -17.95
N PHE E 5 -17.53 -12.73 -17.35
CA PHE E 5 -16.37 -13.60 -17.49
C PHE E 5 -15.82 -13.83 -16.08
N HIS E 6 -15.69 -15.09 -15.68
CA HIS E 6 -15.14 -15.38 -14.38
C HIS E 6 -14.09 -16.47 -14.50
N VAL E 7 -12.93 -16.24 -13.91
CA VAL E 7 -11.92 -17.28 -13.79
C VAL E 7 -12.22 -18.05 -12.51
N ILE E 8 -12.53 -19.33 -12.66
CA ILE E 8 -12.98 -20.14 -11.56
C ILE E 8 -12.21 -21.45 -11.58
N GLY E 9 -12.50 -22.29 -10.59
CA GLY E 9 -11.93 -23.62 -10.51
C GLY E 9 -12.11 -24.19 -9.13
N ASN E 10 -11.79 -25.47 -9.02
CA ASN E 10 -11.82 -26.15 -7.73
C ASN E 10 -10.59 -25.82 -6.91
N SER E 11 -10.76 -25.83 -5.59
CA SER E 11 -9.68 -25.60 -4.63
C SER E 11 -9.34 -26.88 -3.85
N ALA E 16 -15.92 -23.56 -4.90
CA ALA E 16 -16.14 -24.04 -3.54
C ALA E 16 -17.56 -23.74 -3.08
N ASN E 17 -18.19 -22.71 -3.66
CA ASN E 17 -19.58 -22.41 -3.40
C ASN E 17 -20.45 -23.00 -4.51
N ARG E 18 -21.77 -23.02 -4.29
CA ARG E 18 -22.61 -23.82 -5.18
C ARG E 18 -22.80 -23.18 -6.55
N ARG E 19 -22.86 -21.84 -6.61
CA ARG E 19 -23.00 -21.20 -7.91
C ARG E 19 -21.79 -21.50 -8.79
N VAL E 20 -20.59 -21.47 -8.21
CA VAL E 20 -19.38 -21.83 -8.95
C VAL E 20 -19.43 -23.29 -9.37
N LEU E 21 -19.81 -24.16 -8.42
CA LEU E 21 -19.89 -25.58 -8.69
C LEU E 21 -20.86 -25.90 -9.82
N LEU E 22 -22.03 -25.25 -9.83
CA LEU E 22 -22.93 -25.47 -10.97
C LEU E 22 -22.37 -24.87 -12.25
N TRP E 23 -21.59 -23.79 -12.16
CA TRP E 23 -20.89 -23.29 -13.33
C TRP E 23 -19.87 -24.31 -13.82
N LEU E 24 -19.08 -24.88 -12.90
CA LEU E 24 -18.11 -25.90 -13.28
C LEU E 24 -18.79 -27.11 -13.94
N VAL E 25 -19.98 -27.49 -13.44
CA VAL E 25 -20.75 -28.58 -14.07
C VAL E 25 -21.20 -28.19 -15.47
N GLY E 26 -21.64 -26.94 -15.64
CA GLY E 26 -22.06 -26.48 -16.95
C GLY E 26 -20.92 -26.47 -17.95
N LEU E 27 -19.76 -25.93 -17.54
CA LEU E 27 -18.56 -26.01 -18.36
C LEU E 27 -18.25 -27.44 -18.77
N GLN E 28 -18.29 -28.36 -17.79
CA GLN E 28 -18.05 -29.78 -18.08
C GLN E 28 -19.03 -30.31 -19.12
N ASN E 29 -20.31 -29.94 -19.03
CA ASN E 29 -21.29 -30.37 -20.02
C ASN E 29 -20.99 -29.75 -21.39
N VAL E 30 -20.70 -28.45 -21.42
CA VAL E 30 -20.47 -27.77 -22.70
C VAL E 30 -19.22 -28.33 -23.37
N PHE E 31 -18.10 -28.38 -22.62
CA PHE E 31 -16.89 -29.01 -23.17
C PHE E 31 -17.20 -30.39 -23.69
N SER E 32 -17.89 -31.19 -22.88
CA SER E 32 -18.13 -32.58 -23.26
C SER E 32 -19.03 -32.68 -24.48
N HIS E 33 -20.07 -31.86 -24.56
CA HIS E 33 -20.99 -31.92 -25.69
C HIS E 33 -20.31 -31.44 -26.97
N GLN E 34 -19.52 -30.36 -26.88
CA GLN E 34 -18.81 -29.89 -28.06
C GLN E 34 -17.68 -30.81 -28.47
N LEU E 35 -17.20 -31.69 -27.58
CA LEU E 35 -16.07 -32.57 -27.87
C LEU E 35 -16.42 -34.00 -27.50
N PRO E 36 -17.38 -34.60 -28.22
CA PRO E 36 -17.95 -35.88 -27.76
C PRO E 36 -17.03 -37.07 -27.90
N ARG E 37 -16.00 -37.01 -28.74
CA ARG E 37 -15.09 -38.13 -28.85
C ARG E 37 -13.98 -38.09 -27.81
N MET E 38 -14.20 -37.34 -26.73
CA MET E 38 -13.33 -37.20 -25.61
C MET E 38 -14.03 -37.73 -24.37
N PRO E 39 -13.41 -38.61 -23.58
CA PRO E 39 -14.12 -39.24 -22.46
C PRO E 39 -14.64 -38.19 -21.49
N LYS E 40 -15.90 -38.34 -21.09
CA LYS E 40 -16.55 -37.36 -20.21
C LYS E 40 -15.89 -37.35 -18.85
N GLU E 41 -15.49 -38.53 -18.35
CA GLU E 41 -14.80 -38.63 -17.08
C GLU E 41 -13.50 -37.81 -17.10
N TYR E 42 -12.78 -37.86 -18.23
CA TYR E 42 -11.52 -37.14 -18.37
C TYR E 42 -11.71 -35.64 -18.35
N ILE E 43 -12.70 -35.14 -19.09
CA ILE E 43 -13.02 -33.71 -19.02
C ILE E 43 -13.39 -33.32 -17.60
N ALA E 44 -14.16 -34.16 -16.91
CA ALA E 44 -14.64 -33.82 -15.57
C ALA E 44 -13.48 -33.74 -14.60
N ARG E 45 -12.59 -34.74 -14.65
CA ARG E 45 -11.40 -34.72 -13.83
C ARG E 45 -10.63 -33.42 -14.02
N LEU E 46 -10.39 -33.01 -15.28
CA LEU E 46 -9.58 -31.83 -15.54
C LEU E 46 -10.28 -30.56 -15.06
N VAL E 47 -11.58 -30.42 -15.33
CA VAL E 47 -12.28 -29.19 -14.96
C VAL E 47 -12.32 -29.02 -13.45
N PHE E 48 -12.45 -30.13 -12.71
CA PHE E 48 -12.46 -30.06 -11.26
C PHE E 48 -11.08 -30.23 -10.63
N ASP E 49 -10.02 -30.27 -11.44
CA ASP E 49 -8.68 -30.41 -10.90
C ASP E 49 -8.18 -29.08 -10.36
N PRO E 50 -7.60 -29.04 -9.16
CA PRO E 50 -7.25 -27.76 -8.55
C PRO E 50 -6.12 -27.03 -9.25
N LYS E 51 -5.18 -27.75 -9.86
CA LYS E 51 -4.15 -27.10 -10.67
C LYS E 51 -4.67 -26.65 -12.04
N HIS E 52 -5.96 -26.80 -12.31
CA HIS E 52 -6.55 -26.30 -13.54
C HIS E 52 -7.48 -25.15 -13.20
N LYS E 53 -7.64 -24.22 -14.14
CA LYS E 53 -8.60 -23.14 -14.04
C LYS E 53 -9.44 -23.08 -15.30
N THR E 54 -10.64 -22.49 -15.18
CA THR E 54 -11.48 -22.27 -16.35
C THR E 54 -11.93 -20.82 -16.39
N LEU E 55 -11.76 -20.19 -17.54
CA LEU E 55 -12.40 -18.90 -17.79
C LEU E 55 -13.80 -19.18 -18.29
N ALA E 56 -14.80 -18.84 -17.47
CA ALA E 56 -16.19 -19.13 -17.79
C ALA E 56 -16.84 -17.94 -18.48
N LEU E 57 -17.71 -18.22 -19.43
CA LEU E 57 -18.45 -17.20 -20.17
C LEU E 57 -19.91 -17.36 -19.79
N ILE E 58 -20.46 -16.36 -19.11
CA ILE E 58 -21.79 -16.44 -18.53
C ILE E 58 -22.72 -15.51 -19.30
N LYS E 59 -23.87 -16.05 -19.72
CA LYS E 59 -24.93 -15.30 -20.39
C LYS E 59 -26.24 -15.56 -19.65
N ASP E 60 -26.73 -14.55 -18.93
CA ASP E 60 -27.98 -14.66 -18.17
C ASP E 60 -27.90 -15.79 -17.15
N GLY E 61 -26.86 -15.75 -16.32
CA GLY E 61 -26.61 -16.76 -15.29
C GLY E 61 -26.20 -18.13 -15.79
N ARG E 62 -26.23 -18.38 -17.10
CA ARG E 62 -25.97 -19.71 -17.65
C ARG E 62 -24.64 -19.75 -18.39
N VAL E 63 -24.00 -20.92 -18.33
CA VAL E 63 -22.71 -21.13 -18.97
C VAL E 63 -22.93 -21.35 -20.45
N ILE E 64 -22.34 -20.49 -21.28
CA ILE E 64 -22.43 -20.66 -22.72
C ILE E 64 -21.10 -20.97 -23.38
N GLY E 65 -20.01 -20.98 -22.61
CA GLY E 65 -18.71 -21.38 -23.13
C GLY E 65 -17.61 -21.16 -22.11
N GLY E 66 -16.39 -21.46 -22.53
CA GLY E 66 -15.26 -21.24 -21.64
C GLY E 66 -13.96 -21.78 -22.22
N ILE E 67 -12.88 -21.46 -21.53
CA ILE E 67 -11.55 -21.97 -21.85
C ILE E 67 -10.94 -22.55 -20.57
N CYS E 68 -10.72 -23.86 -20.56
CA CYS E 68 -10.04 -24.52 -19.44
C CYS E 68 -8.54 -24.55 -19.71
N PHE E 69 -7.75 -24.07 -18.75
CA PHE E 69 -6.32 -23.90 -18.97
C PHE E 69 -5.52 -24.34 -17.75
N ARG E 70 -4.23 -24.60 -17.99
CA ARG E 70 -3.30 -25.05 -16.97
C ARG E 70 -2.10 -24.11 -16.98
N MET E 71 -2.02 -23.23 -16.00
CA MET E 71 -0.85 -22.37 -15.82
C MET E 71 0.34 -23.17 -15.32
N PHE E 72 1.47 -23.06 -16.04
CA PHE E 72 2.74 -23.56 -15.52
C PHE E 72 3.68 -22.39 -15.24
N PRO E 73 3.49 -21.65 -14.13
CA PRO E 73 4.35 -20.46 -13.92
C PRO E 73 5.83 -20.81 -13.81
N THR E 74 6.15 -21.99 -13.29
CA THR E 74 7.54 -22.43 -13.24
C THR E 74 8.11 -22.70 -14.63
N GLN E 75 7.28 -23.16 -15.57
CA GLN E 75 7.79 -23.43 -16.91
C GLN E 75 7.61 -22.24 -17.84
N GLY E 76 7.00 -21.16 -17.37
CA GLY E 76 6.83 -19.96 -18.14
C GLY E 76 5.80 -20.03 -19.26
N PHE E 77 4.80 -20.91 -19.17
CA PHE E 77 3.73 -20.92 -20.16
C PHE E 77 2.45 -21.46 -19.53
N THR E 78 1.35 -21.23 -20.24
CA THR E 78 0.05 -21.83 -19.94
C THR E 78 -0.35 -22.76 -21.07
N GLU E 79 -0.92 -23.90 -20.72
CA GLU E 79 -1.50 -24.84 -21.68
C GLU E 79 -3.01 -24.59 -21.81
N ILE E 80 -3.47 -24.38 -23.05
CA ILE E 80 -4.91 -24.34 -23.34
C ILE E 80 -5.43 -25.77 -23.46
N VAL E 81 -6.37 -26.13 -22.61
CA VAL E 81 -6.80 -27.54 -22.58
C VAL E 81 -8.09 -27.73 -23.37
N PHE E 82 -9.14 -26.98 -23.02
CA PHE E 82 -10.43 -27.06 -23.72
C PHE E 82 -10.92 -25.66 -24.06
N CYS E 83 -11.41 -25.49 -25.28
CA CYS E 83 -12.10 -24.26 -25.69
C CYS E 83 -13.45 -24.67 -26.26
N ALA E 84 -14.52 -24.10 -25.73
CA ALA E 84 -15.82 -24.42 -26.29
C ALA E 84 -16.79 -23.26 -26.08
N VAL E 85 -17.55 -22.96 -27.13
CA VAL E 85 -18.75 -22.14 -27.06
C VAL E 85 -19.94 -22.98 -27.52
N THR E 86 -21.04 -22.90 -26.79
CA THR E 86 -22.22 -23.71 -27.10
C THR E 86 -22.73 -23.43 -28.51
N SER E 87 -23.40 -24.43 -29.11
CA SER E 87 -23.56 -24.45 -30.57
C SER E 87 -24.31 -23.23 -31.09
N ASN E 88 -25.31 -22.75 -30.36
CA ASN E 88 -26.13 -21.65 -30.81
C ASN E 88 -25.53 -20.27 -30.52
N GLU E 89 -24.39 -20.20 -29.83
CA GLU E 89 -23.72 -18.94 -29.62
C GLU E 89 -22.43 -18.83 -30.43
N GLN E 90 -22.12 -19.82 -31.24
CA GLN E 90 -20.93 -19.80 -32.07
C GLN E 90 -21.06 -18.77 -33.20
N VAL E 91 -19.95 -18.54 -33.91
CA VAL E 91 -19.75 -17.51 -34.93
C VAL E 91 -20.37 -16.18 -34.51
N LYS E 92 -20.06 -15.71 -33.30
CA LYS E 92 -20.50 -14.39 -32.87
C LYS E 92 -19.41 -13.62 -32.13
N GLY E 93 -18.17 -14.11 -32.07
CA GLY E 93 -17.11 -13.40 -31.40
C GLY E 93 -16.88 -13.77 -29.95
N TYR E 94 -17.75 -14.60 -29.35
CA TYR E 94 -17.51 -15.03 -27.98
C TYR E 94 -16.19 -15.82 -27.87
N GLY E 95 -15.91 -16.68 -28.84
CA GLY E 95 -14.65 -17.42 -28.81
C GLY E 95 -13.45 -16.49 -28.82
N THR E 96 -13.58 -15.36 -29.52
CA THR E 96 -12.50 -14.39 -29.58
C THR E 96 -12.42 -13.56 -28.31
N HIS E 97 -13.57 -13.11 -27.77
CA HIS E 97 -13.51 -12.36 -26.52
C HIS E 97 -12.98 -13.22 -25.38
N LEU E 98 -13.27 -14.54 -25.41
CA LEU E 98 -12.74 -15.45 -24.41
C LEU E 98 -11.21 -15.49 -24.46
N MET E 99 -10.65 -15.74 -25.66
CA MET E 99 -9.19 -15.75 -25.81
C MET E 99 -8.60 -14.40 -25.43
N ASN E 100 -9.28 -13.31 -25.80
CA ASN E 100 -8.79 -11.98 -25.46
C ASN E 100 -8.69 -11.81 -23.95
N HIS E 101 -9.77 -12.11 -23.24
CA HIS E 101 -9.73 -12.03 -21.79
C HIS E 101 -8.66 -12.92 -21.21
N LEU E 102 -8.50 -14.13 -21.77
CA LEU E 102 -7.46 -15.03 -21.26
C LEU E 102 -6.09 -14.41 -21.49
N LYS E 103 -5.90 -13.75 -22.63
CA LYS E 103 -4.64 -13.06 -22.89
C LYS E 103 -4.40 -11.94 -21.88
N GLU E 104 -5.41 -11.10 -21.63
CA GLU E 104 -5.18 -9.99 -20.70
C GLU E 104 -4.85 -10.51 -19.31
N TYR E 105 -5.51 -11.58 -18.89
CA TYR E 105 -5.28 -12.15 -17.56
C TYR E 105 -3.86 -12.69 -17.42
N HIS E 106 -3.32 -13.25 -18.50
CA HIS E 106 -1.98 -13.84 -18.39
C HIS E 106 -0.90 -12.78 -18.39
N ILE E 107 -1.12 -11.68 -19.09
CA ILE E 107 -0.18 -10.57 -19.06
C ILE E 107 -0.03 -10.05 -17.63
N LYS E 108 -1.13 -9.98 -16.89
CA LYS E 108 -1.04 -9.55 -15.50
C LYS E 108 -0.20 -10.50 -14.66
N HIS E 109 -0.05 -11.76 -15.08
CA HIS E 109 0.73 -12.71 -14.30
C HIS E 109 2.07 -13.00 -14.95
N ASN E 110 2.48 -12.17 -15.90
CA ASN E 110 3.76 -12.32 -16.60
C ASN E 110 3.95 -13.73 -17.16
N ILE E 111 2.88 -14.32 -17.69
CA ILE E 111 2.98 -15.51 -18.54
C ILE E 111 2.60 -15.08 -19.95
N LEU E 112 3.54 -15.19 -20.89
CA LEU E 112 3.39 -14.58 -22.21
C LEU E 112 3.39 -15.60 -23.34
N TYR E 113 3.37 -16.90 -23.03
CA TYR E 113 3.34 -17.94 -24.06
C TYR E 113 2.22 -18.89 -23.72
N PHE E 114 1.30 -19.09 -24.67
CA PHE E 114 0.30 -20.15 -24.65
C PHE E 114 0.77 -21.30 -25.52
N LEU E 115 0.48 -22.54 -25.09
CA LEU E 115 0.69 -23.74 -25.90
C LEU E 115 -0.58 -24.59 -25.93
N THR E 116 -0.79 -25.28 -27.04
CA THR E 116 -1.96 -26.13 -27.16
C THR E 116 -1.74 -27.17 -28.25
N TYR E 117 -2.38 -28.31 -28.07
CA TYR E 117 -2.40 -29.38 -29.07
C TYR E 117 -3.75 -29.30 -29.76
N ALA E 118 -3.78 -28.69 -30.94
CA ALA E 118 -5.02 -28.42 -31.66
C ALA E 118 -5.32 -29.57 -32.61
N ASP E 119 -6.59 -29.95 -32.69
CA ASP E 119 -7.01 -30.96 -33.66
C ASP E 119 -7.35 -30.26 -34.98
N GLU E 120 -7.76 -31.05 -35.97
CA GLU E 120 -7.99 -30.49 -37.30
C GLU E 120 -9.23 -29.60 -37.35
N TYR E 121 -10.16 -29.72 -36.42
CA TYR E 121 -11.32 -28.84 -36.46
C TYR E 121 -11.06 -27.49 -35.80
N ALA E 122 -9.97 -27.35 -35.05
CA ALA E 122 -9.72 -26.17 -34.25
C ALA E 122 -8.60 -25.27 -34.76
N ILE E 123 -7.78 -25.76 -35.69
CA ILE E 123 -6.59 -25.00 -36.06
C ILE E 123 -6.95 -23.62 -36.61
N GLY E 124 -8.02 -23.54 -37.42
CA GLY E 124 -8.42 -22.24 -37.96
C GLY E 124 -8.72 -21.23 -36.88
N TYR E 125 -9.42 -21.66 -35.82
CA TYR E 125 -9.74 -20.74 -34.73
C TYR E 125 -8.47 -20.27 -34.02
N PHE E 126 -7.55 -21.19 -33.74
CA PHE E 126 -6.33 -20.79 -33.05
C PHE E 126 -5.47 -19.89 -33.92
N LYS E 127 -5.48 -20.09 -35.23
CA LYS E 127 -4.73 -19.20 -36.11
C LYS E 127 -5.30 -17.79 -36.06
N LYS E 128 -6.64 -17.67 -36.05
CA LYS E 128 -7.24 -16.35 -35.95
C LYS E 128 -6.85 -15.65 -34.66
N GLN E 129 -6.58 -16.41 -33.58
CA GLN E 129 -6.16 -15.84 -32.31
C GLN E 129 -4.65 -15.62 -32.24
N GLY E 130 -3.97 -15.76 -33.37
CA GLY E 130 -2.53 -15.56 -33.39
C GLY E 130 -1.70 -16.74 -32.97
N PHE E 131 -2.26 -17.95 -32.93
CA PHE E 131 -1.38 -19.09 -32.70
C PHE E 131 -0.65 -19.46 -33.98
N SER E 132 0.46 -20.18 -33.80
CA SER E 132 1.32 -20.57 -34.90
C SER E 132 1.93 -21.94 -34.63
N LYS E 133 2.34 -22.62 -35.70
CA LYS E 133 3.02 -23.91 -35.56
C LYS E 133 4.51 -23.78 -35.28
N ASP E 134 5.08 -22.58 -35.37
CA ASP E 134 6.48 -22.36 -35.04
C ASP E 134 6.60 -22.23 -33.53
N ILE E 135 7.12 -23.26 -32.87
CA ILE E 135 7.23 -23.27 -31.43
C ILE E 135 8.58 -22.68 -31.01
N LYS E 136 8.54 -21.55 -30.31
CA LYS E 136 9.78 -20.98 -29.79
C LYS E 136 10.17 -21.57 -28.44
N VAL E 137 9.21 -21.92 -27.59
CA VAL E 137 9.49 -22.55 -26.31
C VAL E 137 10.23 -23.86 -26.57
N PRO E 138 11.41 -24.06 -26.00
CA PRO E 138 12.15 -25.30 -26.27
C PRO E 138 11.42 -26.52 -25.72
N LYS E 139 11.55 -27.63 -26.45
CA LYS E 139 10.91 -28.89 -26.09
C LYS E 139 11.11 -29.22 -24.61
N SER E 140 12.31 -28.95 -24.09
CA SER E 140 12.64 -29.34 -22.73
C SER E 140 11.79 -28.62 -21.69
N ARG E 141 11.12 -27.52 -22.06
CA ARG E 141 10.28 -26.80 -21.12
C ARG E 141 8.82 -27.26 -21.12
N TYR E 142 8.35 -27.95 -22.17
CA TYR E 142 6.95 -28.35 -22.20
C TYR E 142 6.72 -29.85 -22.31
N LEU E 143 7.63 -30.60 -22.93
CA LEU E 143 7.46 -32.05 -23.07
C LEU E 143 7.19 -32.70 -21.71
N GLY E 144 6.09 -33.42 -21.62
CA GLY E 144 5.74 -34.10 -20.41
C GLY E 144 4.99 -33.29 -19.39
N TYR E 145 5.00 -31.97 -19.52
CA TYR E 145 4.08 -31.15 -18.73
C TYR E 145 2.72 -31.09 -19.40
N ILE E 146 2.69 -31.16 -20.72
CA ILE E 146 1.49 -31.29 -21.53
C ILE E 146 1.59 -32.59 -22.29
N LYS E 147 0.46 -33.23 -22.56
CA LYS E 147 0.44 -34.52 -23.25
C LYS E 147 0.41 -34.32 -24.77
N ASP E 148 1.27 -35.06 -25.47
CA ASP E 148 1.42 -34.95 -26.92
C ASP E 148 0.44 -35.95 -27.52
N TYR E 149 -0.79 -35.50 -27.75
CA TYR E 149 -1.79 -36.36 -28.37
C TYR E 149 -1.41 -36.63 -29.82
N GLU E 150 -1.15 -37.89 -30.11
CA GLU E 150 -0.78 -38.29 -31.47
C GLU E 150 -1.79 -37.77 -32.49
N GLY E 151 -1.28 -37.17 -33.56
CA GLY E 151 -2.12 -36.62 -34.59
C GLY E 151 -2.61 -35.21 -34.33
N ALA E 152 -2.30 -34.64 -33.19
CA ALA E 152 -2.69 -33.28 -32.88
C ALA E 152 -1.51 -32.37 -33.18
N THR E 153 -1.81 -31.12 -33.53
CA THR E 153 -0.77 -30.16 -33.91
C THR E 153 -0.42 -29.25 -32.74
N LEU E 154 0.84 -29.28 -32.32
CA LEU E 154 1.32 -28.33 -31.33
C LEU E 154 1.30 -26.91 -31.91
N MET E 155 0.76 -25.97 -31.15
CA MET E 155 0.63 -24.59 -31.59
C MET E 155 0.98 -23.66 -30.44
N GLU E 156 1.52 -22.51 -30.79
CA GLU E 156 2.04 -21.55 -29.84
C GLU E 156 1.50 -20.16 -30.15
N CYS E 157 1.13 -19.45 -29.11
CA CYS E 157 0.81 -18.04 -29.22
C CYS E 157 1.71 -17.24 -28.30
N GLU E 158 2.32 -16.19 -28.82
CA GLU E 158 3.15 -15.28 -28.02
C GLU E 158 2.37 -14.00 -27.73
N LEU E 159 2.27 -13.63 -26.46
CA LEU E 159 1.52 -12.44 -26.05
C LEU E 159 2.41 -11.20 -26.01
N ASN E 160 1.88 -10.08 -26.48
CA ASN E 160 2.57 -8.80 -26.42
C ASN E 160 2.08 -8.05 -25.19
N PRO E 161 2.94 -7.82 -24.19
CA PRO E 161 2.50 -7.20 -22.93
C PRO E 161 2.36 -5.69 -22.98
N ARG E 162 2.72 -5.05 -24.08
CA ARG E 162 2.61 -3.60 -24.21
C ARG E 162 1.26 -3.18 -24.78
N ILE E 163 0.49 -4.19 -25.15
CA ILE E 163 -0.75 -3.97 -25.83
C ILE E 163 -2.04 -4.32 -25.04
N PRO E 164 -3.15 -3.51 -25.15
CA PRO E 164 -4.42 -3.92 -24.52
C PRO E 164 -5.16 -4.94 -25.39
N TYR E 165 -5.52 -6.08 -24.80
CA TYR E 165 -6.27 -7.13 -25.51
C TYR E 165 -7.77 -7.06 -25.28
N THR E 166 -8.21 -6.57 -24.13
CA THR E 166 -9.63 -6.37 -23.85
C THR E 166 -9.92 -4.91 -23.52
N GLY F 1 -8.17 -65.15 -1.28
CA GLY F 1 -7.31 -64.08 -0.78
C GLY F 1 -7.82 -62.67 -1.09
N ILE F 2 -7.83 -61.80 -0.08
CA ILE F 2 -8.33 -60.44 -0.22
C ILE F 2 -7.18 -59.53 -0.62
N ILE F 3 -7.21 -59.05 -1.87
CA ILE F 3 -6.16 -58.22 -2.43
C ILE F 3 -6.44 -56.75 -2.17
N GLU F 4 -5.38 -55.97 -1.88
CA GLU F 4 -5.50 -54.53 -1.68
C GLU F 4 -4.28 -53.81 -2.24
N PHE F 5 -4.50 -52.57 -2.68
CA PHE F 5 -3.43 -51.70 -3.15
C PHE F 5 -3.44 -50.44 -2.30
N HIS F 6 -2.28 -50.06 -1.77
CA HIS F 6 -2.17 -48.85 -0.98
C HIS F 6 -0.89 -48.13 -1.32
N VAL F 7 -0.99 -46.82 -1.55
CA VAL F 7 0.17 -45.97 -1.74
C VAL F 7 0.53 -45.45 -0.36
N ILE F 8 1.76 -45.74 0.09
CA ILE F 8 2.18 -45.42 1.45
C ILE F 8 3.58 -44.84 1.40
N GLY F 9 4.02 -44.34 2.54
CA GLY F 9 5.30 -43.66 2.63
C GLY F 9 5.51 -43.15 4.04
N ASN F 10 6.76 -42.78 4.32
CA ASN F 10 7.20 -42.42 5.66
C ASN F 10 7.19 -40.90 5.85
N SER F 11 6.96 -40.50 7.12
CA SER F 11 6.78 -39.10 7.54
C SER F 11 5.60 -38.46 6.85
N ALA F 16 4.17 -43.40 9.71
CA ALA F 16 3.97 -43.03 11.12
C ALA F 16 3.07 -44.06 11.81
N ASN F 17 1.89 -44.25 11.23
CA ASN F 17 0.92 -45.25 11.67
C ASN F 17 1.56 -46.65 11.79
N ARG F 18 1.10 -47.43 12.79
CA ARG F 18 1.72 -48.73 13.07
C ARG F 18 1.61 -49.69 11.87
N ARG F 19 0.42 -49.77 11.27
CA ARG F 19 0.22 -50.68 10.15
C ARG F 19 1.07 -50.27 8.95
N VAL F 20 1.13 -48.98 8.64
CA VAL F 20 1.93 -48.48 7.52
C VAL F 20 3.39 -48.86 7.71
N LEU F 21 3.91 -48.66 8.92
CA LEU F 21 5.30 -48.94 9.22
C LEU F 21 5.65 -50.43 9.08
N LEU F 22 4.76 -51.32 9.52
CA LEU F 22 5.06 -52.73 9.35
C LEU F 22 4.97 -53.13 7.89
N TRP F 23 4.08 -52.49 7.13
CA TRP F 23 4.04 -52.71 5.69
C TRP F 23 5.35 -52.28 5.02
N LEU F 24 5.93 -51.15 5.47
CA LEU F 24 7.18 -50.68 4.89
C LEU F 24 8.35 -51.62 5.20
N VAL F 25 8.39 -52.18 6.42
CA VAL F 25 9.39 -53.20 6.71
C VAL F 25 9.18 -54.39 5.78
N GLY F 26 7.93 -54.82 5.64
CA GLY F 26 7.62 -55.94 4.74
C GLY F 26 8.01 -55.65 3.30
N LEU F 27 7.84 -54.39 2.85
CA LEU F 27 8.29 -54.03 1.52
C LEU F 27 9.82 -54.04 1.42
N GLN F 28 10.50 -53.48 2.43
CA GLN F 28 11.95 -53.57 2.44
C GLN F 28 12.42 -55.03 2.40
N ASN F 29 11.70 -55.92 3.09
CA ASN F 29 12.05 -57.34 3.06
C ASN F 29 11.85 -57.93 1.66
N VAL F 30 10.68 -57.72 1.06
CA VAL F 30 10.41 -58.30 -0.27
C VAL F 30 11.37 -57.75 -1.32
N PHE F 31 11.50 -56.43 -1.40
CA PHE F 31 12.47 -55.86 -2.35
C PHE F 31 13.85 -56.47 -2.14
N SER F 32 14.26 -56.60 -0.88
CA SER F 32 15.63 -57.01 -0.63
C SER F 32 15.83 -58.48 -0.95
N HIS F 33 14.88 -59.33 -0.54
CA HIS F 33 14.97 -60.74 -0.88
C HIS F 33 14.94 -60.97 -2.38
N GLN F 34 14.08 -60.24 -3.10
CA GLN F 34 13.98 -60.41 -4.55
C GLN F 34 15.11 -59.71 -5.30
N LEU F 35 15.80 -58.76 -4.67
CA LEU F 35 16.97 -58.11 -5.25
C LEU F 35 18.17 -58.29 -4.32
N PRO F 36 18.63 -59.53 -4.13
CA PRO F 36 19.69 -59.78 -3.12
C PRO F 36 21.00 -59.06 -3.38
N ARG F 37 21.32 -58.69 -4.61
CA ARG F 37 22.61 -58.09 -4.86
C ARG F 37 22.59 -56.57 -4.73
N MET F 38 21.48 -56.00 -4.27
CA MET F 38 21.46 -54.60 -3.89
C MET F 38 21.51 -54.50 -2.37
N PRO F 39 22.36 -53.65 -1.79
CA PRO F 39 22.52 -53.64 -0.32
C PRO F 39 21.20 -53.36 0.39
N LYS F 40 20.91 -54.17 1.42
CA LYS F 40 19.64 -54.02 2.12
C LYS F 40 19.54 -52.67 2.81
N GLU F 41 20.68 -52.13 3.25
CA GLU F 41 20.72 -50.80 3.86
C GLU F 41 20.27 -49.72 2.88
N TYR F 42 20.69 -49.83 1.61
CA TYR F 42 20.30 -48.86 0.61
C TYR F 42 18.81 -48.98 0.29
N ILE F 43 18.29 -50.20 0.29
CA ILE F 43 16.86 -50.36 0.05
C ILE F 43 16.07 -49.71 1.17
N ALA F 44 16.51 -49.93 2.41
CA ALA F 44 15.80 -49.38 3.58
C ALA F 44 15.82 -47.85 3.57
N ARG F 45 16.98 -47.27 3.27
CA ARG F 45 17.10 -45.82 3.16
C ARG F 45 16.05 -45.27 2.19
N LEU F 46 15.95 -45.88 1.01
CA LEU F 46 15.00 -45.37 0.00
C LEU F 46 13.56 -45.65 0.40
N VAL F 47 13.26 -46.88 0.83
CA VAL F 47 11.88 -47.24 1.17
C VAL F 47 11.32 -46.31 2.25
N PHE F 48 12.17 -45.93 3.22
CA PHE F 48 11.78 -45.05 4.30
C PHE F 48 12.06 -43.58 4.02
N ASP F 49 12.64 -43.25 2.87
CA ASP F 49 12.85 -41.86 2.55
C ASP F 49 11.50 -41.16 2.37
N PRO F 50 11.30 -39.99 2.97
CA PRO F 50 9.99 -39.32 2.87
C PRO F 50 9.65 -38.80 1.48
N LYS F 51 10.64 -38.53 0.61
CA LYS F 51 10.26 -38.17 -0.76
C LYS F 51 9.97 -39.38 -1.64
N HIS F 52 10.09 -40.59 -1.12
CA HIS F 52 9.80 -41.81 -1.85
C HIS F 52 8.50 -42.38 -1.35
N LYS F 53 7.72 -42.93 -2.27
CA LYS F 53 6.47 -43.60 -1.92
C LYS F 53 6.55 -45.01 -2.44
N THR F 54 5.72 -45.88 -1.87
CA THR F 54 5.63 -47.24 -2.36
C THR F 54 4.17 -47.60 -2.52
N LEU F 55 3.85 -48.17 -3.66
CA LEU F 55 2.55 -48.77 -3.89
C LEU F 55 2.67 -50.22 -3.46
N ALA F 56 1.94 -50.58 -2.39
CA ALA F 56 2.06 -51.89 -1.77
C ALA F 56 0.96 -52.81 -2.27
N LEU F 57 1.32 -54.06 -2.53
CA LEU F 57 0.36 -55.10 -2.87
C LEU F 57 0.13 -55.94 -1.62
N ILE F 58 -1.13 -55.98 -1.15
CA ILE F 58 -1.49 -56.63 0.11
C ILE F 58 -2.44 -57.77 -0.19
N LYS F 59 -2.09 -58.97 0.27
CA LYS F 59 -2.94 -60.15 0.14
C LYS F 59 -3.22 -60.68 1.53
N ASP F 60 -4.49 -60.67 1.92
CA ASP F 60 -4.90 -61.15 3.24
C ASP F 60 -4.03 -60.52 4.33
N GLY F 61 -3.89 -59.19 4.25
CA GLY F 61 -3.12 -58.44 5.23
C GLY F 61 -1.61 -58.50 5.08
N ARG F 62 -1.08 -59.39 4.25
CA ARG F 62 0.37 -59.57 4.13
C ARG F 62 0.90 -58.89 2.87
N VAL F 63 2.03 -58.21 3.01
CA VAL F 63 2.74 -57.62 1.88
C VAL F 63 3.27 -58.74 0.99
N ILE F 64 2.92 -58.73 -0.29
CA ILE F 64 3.42 -59.70 -1.25
C ILE F 64 4.09 -59.06 -2.45
N GLY F 65 4.19 -57.74 -2.48
CA GLY F 65 4.97 -57.07 -3.51
C GLY F 65 4.61 -55.60 -3.55
N GLY F 66 5.26 -54.90 -4.48
CA GLY F 66 5.05 -53.47 -4.57
C GLY F 66 6.01 -52.81 -5.54
N ILE F 67 5.75 -51.52 -5.77
CA ILE F 67 6.61 -50.66 -6.58
C ILE F 67 6.99 -49.43 -5.77
N CYS F 68 8.28 -49.26 -5.52
CA CYS F 68 8.78 -48.08 -4.84
C CYS F 68 9.10 -47.03 -5.88
N PHE F 69 8.65 -45.80 -5.66
CA PHE F 69 8.83 -44.80 -6.69
C PHE F 69 9.10 -43.43 -6.09
N ARG F 70 9.63 -42.55 -6.92
CA ARG F 70 9.98 -41.19 -6.53
C ARG F 70 9.34 -40.23 -7.53
N MET F 71 8.27 -39.56 -7.10
CA MET F 71 7.63 -38.54 -7.94
C MET F 71 8.52 -37.33 -8.05
N PHE F 72 8.75 -36.86 -9.27
CA PHE F 72 9.46 -35.61 -9.55
C PHE F 72 8.52 -34.64 -10.28
N PRO F 73 7.50 -34.09 -9.60
CA PRO F 73 6.56 -33.18 -10.28
C PRO F 73 7.22 -31.96 -10.92
N THR F 74 8.22 -31.36 -10.28
CA THR F 74 8.90 -30.24 -10.91
C THR F 74 9.50 -30.63 -12.25
N GLN F 75 9.95 -31.86 -12.39
CA GLN F 75 10.55 -32.33 -13.62
C GLN F 75 9.57 -33.06 -14.50
N GLY F 76 8.32 -33.22 -14.06
CA GLY F 76 7.31 -33.83 -14.90
C GLY F 76 7.48 -35.30 -15.18
N PHE F 77 8.13 -36.04 -14.27
CA PHE F 77 8.17 -37.49 -14.41
C PHE F 77 8.29 -38.14 -13.03
N THR F 78 8.11 -39.46 -13.01
CA THR F 78 8.30 -40.22 -11.80
C THR F 78 9.36 -41.29 -12.09
N GLU F 79 10.26 -41.55 -11.15
CA GLU F 79 11.25 -42.61 -11.28
C GLU F 79 10.73 -43.90 -10.62
N ILE F 80 10.79 -44.99 -11.35
CA ILE F 80 10.52 -46.32 -10.78
C ILE F 80 11.82 -46.82 -10.14
N VAL F 81 11.79 -47.08 -8.84
CA VAL F 81 13.02 -47.42 -8.11
C VAL F 81 13.15 -48.92 -7.89
N PHE F 82 12.12 -49.56 -7.33
CA PHE F 82 12.13 -51.02 -7.19
C PHE F 82 10.77 -51.55 -7.59
N CYS F 83 10.76 -52.70 -8.27
CA CYS F 83 9.55 -53.50 -8.43
C CYS F 83 9.84 -54.90 -7.92
N ALA F 84 8.90 -55.46 -7.18
CA ALA F 84 9.08 -56.84 -6.76
C ALA F 84 7.74 -57.47 -6.43
N VAL F 85 7.62 -58.76 -6.77
CA VAL F 85 6.57 -59.61 -6.25
C VAL F 85 7.24 -60.81 -5.62
N THR F 86 6.72 -61.24 -4.47
CA THR F 86 7.31 -62.40 -3.81
C THR F 86 7.20 -63.62 -4.73
N SER F 87 8.16 -64.55 -4.57
CA SER F 87 8.35 -65.59 -5.60
C SER F 87 7.14 -66.48 -5.72
N ASN F 88 6.54 -66.87 -4.59
CA ASN F 88 5.35 -67.71 -4.61
C ASN F 88 4.18 -67.08 -5.36
N GLU F 89 4.17 -65.75 -5.55
CA GLU F 89 3.04 -65.07 -6.16
C GLU F 89 3.38 -64.48 -7.53
N GLN F 90 4.54 -64.81 -8.09
CA GLN F 90 4.92 -64.31 -9.40
C GLN F 90 4.09 -65.03 -10.48
N VAL F 91 4.28 -64.60 -11.73
CA VAL F 91 3.56 -65.07 -12.91
C VAL F 91 2.08 -65.35 -12.64
N LYS F 92 1.39 -64.43 -11.96
CA LYS F 92 -0.07 -64.50 -11.84
C LYS F 92 -0.72 -63.17 -12.19
N GLY F 93 0.02 -62.24 -12.81
CA GLY F 93 -0.53 -60.93 -13.15
C GLY F 93 -0.36 -59.83 -12.11
N TYR F 94 0.15 -60.12 -10.91
CA TYR F 94 0.27 -59.10 -9.87
C TYR F 94 1.12 -57.93 -10.32
N GLY F 95 2.29 -58.20 -10.88
CA GLY F 95 3.14 -57.12 -11.34
C GLY F 95 2.45 -56.25 -12.38
N THR F 96 1.67 -56.87 -13.25
CA THR F 96 0.90 -56.10 -14.21
C THR F 96 -0.16 -55.22 -13.50
N HIS F 97 -0.87 -55.78 -12.51
CA HIS F 97 -1.86 -54.97 -11.80
C HIS F 97 -1.21 -53.84 -11.02
N LEU F 98 -0.07 -54.13 -10.39
CA LEU F 98 0.66 -53.07 -9.70
C LEU F 98 0.97 -51.95 -10.66
N MET F 99 1.52 -52.29 -11.83
CA MET F 99 1.96 -51.22 -12.71
C MET F 99 0.76 -50.45 -13.26
N ASN F 100 -0.33 -51.17 -13.56
CA ASN F 100 -1.59 -50.52 -13.94
C ASN F 100 -2.07 -49.57 -12.86
N HIS F 101 -2.06 -50.01 -11.60
CA HIS F 101 -2.50 -49.13 -10.53
C HIS F 101 -1.56 -47.93 -10.40
N LEU F 102 -0.26 -48.14 -10.59
CA LEU F 102 0.68 -47.02 -10.55
C LEU F 102 0.38 -46.03 -11.68
N LYS F 103 0.04 -46.53 -12.87
CA LYS F 103 -0.28 -45.65 -13.98
C LYS F 103 -1.53 -44.82 -13.69
N GLU F 104 -2.61 -45.49 -13.25
CA GLU F 104 -3.82 -44.75 -12.89
C GLU F 104 -3.51 -43.66 -11.87
N TYR F 105 -2.68 -43.98 -10.88
CA TYR F 105 -2.38 -43.06 -9.79
C TYR F 105 -1.61 -41.85 -10.28
N HIS F 106 -0.73 -42.03 -11.26
CA HIS F 106 0.01 -40.89 -11.79
C HIS F 106 -0.83 -40.05 -12.75
N ILE F 107 -1.78 -40.69 -13.44
CA ILE F 107 -2.71 -39.97 -14.29
C ILE F 107 -3.48 -38.92 -13.49
N LYS F 108 -3.93 -39.27 -12.28
CA LYS F 108 -4.69 -38.29 -11.51
C LYS F 108 -3.80 -37.31 -10.76
N HIS F 109 -2.48 -37.37 -10.96
CA HIS F 109 -1.58 -36.38 -10.39
C HIS F 109 -0.84 -35.63 -11.49
N ASN F 110 -1.34 -35.73 -12.72
CA ASN F 110 -0.78 -35.01 -13.86
C ASN F 110 0.72 -35.26 -14.00
N ILE F 111 1.09 -36.53 -13.94
CA ILE F 111 2.43 -37.00 -14.28
C ILE F 111 2.26 -38.11 -15.30
N LEU F 112 2.84 -37.93 -16.48
CA LEU F 112 2.56 -38.80 -17.61
C LEU F 112 3.80 -39.52 -18.13
N TYR F 113 4.94 -39.44 -17.44
CA TYR F 113 6.14 -40.15 -17.85
C TYR F 113 6.73 -40.88 -16.67
N PHE F 114 7.08 -42.15 -16.87
CA PHE F 114 7.91 -42.92 -15.95
C PHE F 114 9.30 -43.10 -16.55
N LEU F 115 10.32 -43.05 -15.71
CA LEU F 115 11.67 -43.42 -16.12
C LEU F 115 12.23 -44.44 -15.14
N THR F 116 12.95 -45.43 -15.66
CA THR F 116 13.55 -46.44 -14.81
C THR F 116 14.79 -47.01 -15.47
N TYR F 117 15.71 -47.50 -14.63
CA TYR F 117 16.89 -48.22 -15.08
C TYR F 117 16.64 -49.69 -14.85
N ALA F 118 16.35 -50.42 -15.91
CA ALA F 118 16.11 -51.85 -15.82
C ALA F 118 17.42 -52.59 -15.98
N ASP F 119 17.60 -53.67 -15.22
CA ASP F 119 18.71 -54.56 -15.48
C ASP F 119 18.27 -55.62 -16.50
N GLU F 120 19.18 -56.51 -16.88
CA GLU F 120 18.84 -57.49 -17.90
C GLU F 120 17.71 -58.42 -17.47
N TYR F 121 17.49 -58.64 -16.18
CA TYR F 121 16.47 -59.61 -15.77
C TYR F 121 15.06 -59.07 -15.85
N ALA F 122 14.89 -57.76 -15.95
CA ALA F 122 13.57 -57.15 -15.83
C ALA F 122 13.13 -56.38 -17.08
N ILE F 123 13.96 -56.34 -18.13
CA ILE F 123 13.61 -55.57 -19.32
C ILE F 123 12.36 -56.15 -19.97
N GLY F 124 12.26 -57.48 -20.00
CA GLY F 124 11.07 -58.11 -20.55
C GLY F 124 9.80 -57.67 -19.86
N TYR F 125 9.79 -57.68 -18.53
CA TYR F 125 8.62 -57.23 -17.80
C TYR F 125 8.28 -55.79 -18.13
N PHE F 126 9.29 -54.92 -18.20
CA PHE F 126 8.99 -53.52 -18.49
C PHE F 126 8.49 -53.36 -19.93
N LYS F 127 9.00 -54.16 -20.87
CA LYS F 127 8.48 -54.11 -22.23
C LYS F 127 6.99 -54.47 -22.27
N LYS F 128 6.58 -55.50 -21.53
CA LYS F 128 5.17 -55.84 -21.44
C LYS F 128 4.35 -54.73 -20.81
N GLN F 129 4.94 -53.87 -19.98
CA GLN F 129 4.15 -52.77 -19.41
C GLN F 129 4.21 -51.52 -20.27
N GLY F 130 4.66 -51.64 -21.52
CA GLY F 130 4.68 -50.51 -22.43
C GLY F 130 5.87 -49.60 -22.30
N PHE F 131 6.94 -50.05 -21.66
CA PHE F 131 8.16 -49.25 -21.60
C PHE F 131 8.98 -49.44 -22.87
N SER F 132 9.72 -48.41 -23.23
CA SER F 132 10.54 -48.40 -24.43
C SER F 132 11.95 -47.89 -24.08
N LYS F 133 12.94 -48.31 -24.87
CA LYS F 133 14.28 -47.75 -24.73
C LYS F 133 14.43 -46.40 -25.42
N ASP F 134 13.45 -46.00 -26.22
CA ASP F 134 13.46 -44.70 -26.88
C ASP F 134 12.99 -43.65 -25.89
N ILE F 135 13.91 -42.78 -25.48
CA ILE F 135 13.70 -41.83 -24.39
C ILE F 135 13.35 -40.48 -25.00
N LYS F 136 12.13 -40.02 -24.78
CA LYS F 136 11.76 -38.71 -25.33
C LYS F 136 12.03 -37.57 -24.34
N VAL F 137 11.94 -37.85 -23.05
CA VAL F 137 12.33 -36.90 -22.03
C VAL F 137 13.80 -36.51 -22.24
N PRO F 138 14.10 -35.22 -22.43
CA PRO F 138 15.50 -34.82 -22.68
C PRO F 138 16.39 -35.06 -21.47
N LYS F 139 17.67 -35.36 -21.75
CA LYS F 139 18.62 -35.69 -20.70
C LYS F 139 18.65 -34.63 -19.59
N SER F 140 18.57 -33.34 -19.97
CA SER F 140 18.64 -32.24 -19.01
C SER F 140 17.53 -32.28 -17.98
N ARG F 141 16.47 -33.06 -18.21
CA ARG F 141 15.36 -33.14 -17.27
C ARG F 141 15.52 -34.25 -16.24
N TYR F 142 16.34 -35.27 -16.49
CA TYR F 142 16.40 -36.40 -15.59
C TYR F 142 17.77 -36.70 -15.04
N LEU F 143 18.83 -36.34 -15.76
CA LEU F 143 20.18 -36.64 -15.32
C LEU F 143 20.46 -35.97 -13.98
N GLY F 144 20.99 -36.76 -13.05
CA GLY F 144 21.25 -36.25 -11.73
C GLY F 144 20.06 -36.22 -10.81
N TYR F 145 18.85 -36.47 -11.32
CA TYR F 145 17.70 -36.65 -10.45
C TYR F 145 17.44 -38.12 -10.18
N ILE F 146 17.41 -38.93 -11.23
CA ILE F 146 17.42 -40.38 -11.10
C ILE F 146 18.85 -40.85 -11.17
N LYS F 147 19.08 -41.97 -10.54
CA LYS F 147 20.38 -42.56 -10.49
C LYS F 147 20.69 -43.43 -11.68
N ASP F 148 21.77 -43.14 -12.40
CA ASP F 148 22.16 -43.88 -13.60
C ASP F 148 23.21 -44.92 -13.23
N TYR F 149 22.80 -46.19 -13.20
CA TYR F 149 23.73 -47.28 -12.94
C TYR F 149 24.36 -47.80 -14.23
N GLU F 150 25.67 -47.84 -14.25
CA GLU F 150 26.41 -48.48 -15.33
C GLU F 150 25.87 -49.90 -15.58
N GLY F 151 25.56 -50.20 -16.83
CA GLY F 151 25.08 -51.52 -17.19
C GLY F 151 23.57 -51.69 -17.12
N ALA F 152 22.83 -50.65 -16.78
CA ALA F 152 21.39 -50.70 -16.78
C ALA F 152 20.88 -49.97 -18.01
N THR F 153 19.71 -50.37 -18.48
CA THR F 153 19.10 -49.70 -19.62
C THR F 153 18.05 -48.71 -19.13
N LEU F 154 18.24 -47.44 -19.48
CA LEU F 154 17.19 -46.46 -19.30
C LEU F 154 15.99 -46.83 -20.16
N MET F 155 14.81 -46.94 -19.54
CA MET F 155 13.57 -47.19 -20.26
C MET F 155 12.54 -46.14 -19.85
N GLU F 156 11.56 -45.95 -20.72
CA GLU F 156 10.59 -44.87 -20.56
C GLU F 156 9.20 -45.40 -20.87
N CYS F 157 8.21 -44.88 -20.16
CA CYS F 157 6.82 -45.21 -20.39
C CYS F 157 6.03 -43.91 -20.46
N GLU F 158 5.25 -43.75 -21.52
CA GLU F 158 4.42 -42.57 -21.70
C GLU F 158 2.97 -42.92 -21.36
N LEU F 159 2.38 -42.13 -20.49
CA LEU F 159 1.03 -42.41 -20.05
C LEU F 159 0.04 -41.58 -20.84
N ASN F 160 -1.18 -42.10 -20.96
CA ASN F 160 -2.27 -41.41 -21.64
C ASN F 160 -3.37 -41.08 -20.65
N PRO F 161 -3.61 -39.81 -20.36
CA PRO F 161 -4.60 -39.45 -19.34
C PRO F 161 -6.05 -39.70 -19.74
N ARG F 162 -6.32 -40.09 -20.99
CA ARG F 162 -7.68 -40.42 -21.40
C ARG F 162 -7.99 -41.92 -21.33
N ILE F 163 -6.99 -42.76 -21.10
CA ILE F 163 -7.17 -44.21 -21.02
C ILE F 163 -7.43 -44.61 -19.56
N PRO F 164 -8.44 -45.42 -19.27
CA PRO F 164 -8.62 -45.95 -17.91
C PRO F 164 -7.70 -47.16 -17.72
N TYR F 165 -6.77 -47.06 -16.77
CA TYR F 165 -5.75 -48.10 -16.60
C TYR F 165 -6.19 -49.19 -15.63
N THR F 166 -6.90 -48.86 -14.56
CA THR F 166 -7.45 -49.89 -13.68
C THR F 166 -8.93 -50.14 -13.94
N GLY G 1 32.28 21.80 9.97
CA GLY G 1 32.23 20.35 9.84
C GLY G 1 31.03 19.89 9.03
N ILE G 2 30.36 18.83 9.50
CA ILE G 2 29.17 18.32 8.84
C ILE G 2 27.95 19.13 9.27
N ILE G 3 27.02 19.35 8.34
CA ILE G 3 25.81 20.11 8.57
C ILE G 3 24.62 19.20 8.38
N GLU G 4 23.60 19.35 9.24
CA GLU G 4 22.37 18.58 9.14
C GLU G 4 21.19 19.47 9.46
N PHE G 5 20.11 19.31 8.68
CA PHE G 5 18.84 19.97 8.96
C PHE G 5 17.86 18.89 9.36
N HIS G 6 17.12 19.13 10.44
CA HIS G 6 16.13 18.15 10.86
C HIS G 6 14.90 18.90 11.36
N VAL G 7 13.73 18.45 10.93
CA VAL G 7 12.48 18.97 11.47
C VAL G 7 12.11 18.07 12.63
N ILE G 8 12.09 18.62 13.84
CA ILE G 8 11.98 17.85 15.06
C ILE G 8 10.88 18.46 15.93
N GLY G 9 10.59 17.81 17.05
CA GLY G 9 9.51 18.28 17.89
C GLY G 9 9.10 17.29 18.97
N ASN G 10 8.35 17.75 19.96
CA ASN G 10 7.83 16.89 21.02
C ASN G 10 6.46 16.39 20.56
N SER G 11 6.40 15.15 20.07
CA SER G 11 5.15 14.70 19.46
C SER G 11 4.32 13.80 20.38
N LEU G 12 3.47 12.96 19.79
CA LEU G 12 2.52 12.18 20.57
C LEU G 12 3.22 11.13 21.43
N THR G 13 3.94 10.21 20.80
CA THR G 13 4.68 9.17 21.53
C THR G 13 5.95 9.74 22.16
N ALA G 16 10.52 12.01 22.47
CA ALA G 16 10.87 10.80 23.20
C ALA G 16 12.36 10.45 23.04
N ASN G 17 12.85 10.55 21.81
CA ASN G 17 14.24 10.23 21.50
C ASN G 17 15.20 11.01 22.39
N ARG G 18 16.24 10.33 22.86
CA ARG G 18 17.25 11.01 23.68
C ARG G 18 17.95 12.10 22.88
N ARG G 19 18.31 11.80 21.63
CA ARG G 19 19.00 12.79 20.79
C ARG G 19 18.07 13.98 20.47
N VAL G 20 16.80 13.69 20.20
CA VAL G 20 15.83 14.75 19.86
C VAL G 20 15.60 15.66 21.06
N LEU G 21 15.31 15.07 22.22
CA LEU G 21 15.19 15.82 23.46
C LEU G 21 16.35 16.78 23.68
N LEU G 22 17.58 16.28 23.65
CA LEU G 22 18.73 17.16 23.89
C LEU G 22 18.79 18.26 22.84
N TRP G 23 18.50 17.91 21.58
CA TRP G 23 18.41 18.94 20.54
C TRP G 23 17.35 19.99 20.89
N LEU G 24 16.19 19.55 21.41
CA LEU G 24 15.16 20.50 21.81
C LEU G 24 15.63 21.39 22.97
N VAL G 25 16.32 20.82 23.96
CA VAL G 25 16.94 21.62 25.01
C VAL G 25 17.96 22.59 24.40
N GLY G 26 18.79 22.07 23.49
CA GLY G 26 19.76 22.92 22.82
C GLY G 26 19.11 24.08 22.09
N LEU G 27 17.96 23.82 21.44
CA LEU G 27 17.32 24.87 20.66
C LEU G 27 16.73 25.93 21.57
N GLN G 28 16.04 25.49 22.62
CA GLN G 28 15.56 26.40 23.65
C GLN G 28 16.69 27.23 24.25
N ASN G 29 17.86 26.63 24.50
CA ASN G 29 19.00 27.42 24.94
C ASN G 29 19.35 28.51 23.92
N VAL G 30 19.43 28.15 22.64
CA VAL G 30 19.90 29.11 21.64
C VAL G 30 18.87 30.19 21.40
N PHE G 31 17.60 29.82 21.32
CA PHE G 31 16.54 30.81 21.20
C PHE G 31 16.60 31.81 22.36
N SER G 32 16.72 31.30 23.60
CA SER G 32 16.78 32.19 24.77
C SER G 32 17.96 33.13 24.70
N HIS G 33 19.14 32.59 24.43
CA HIS G 33 20.34 33.41 24.43
C HIS G 33 20.33 34.48 23.33
N GLN G 34 19.59 34.28 22.24
CA GLN G 34 19.56 35.24 21.14
C GLN G 34 18.31 36.11 21.12
N LEU G 35 17.25 35.71 21.82
CA LEU G 35 16.05 36.53 22.02
C LEU G 35 15.86 36.85 23.50
N PRO G 36 16.68 37.77 24.07
CA PRO G 36 16.60 38.04 25.52
C PRO G 36 15.23 38.49 25.99
N ARG G 37 14.52 39.30 25.20
CA ARG G 37 13.23 39.80 25.64
C ARG G 37 12.20 38.69 25.77
N MET G 38 12.49 37.49 25.27
CA MET G 38 11.56 36.38 25.39
C MET G 38 11.83 35.62 26.68
N PRO G 39 10.89 35.57 27.61
CA PRO G 39 11.09 34.79 28.84
C PRO G 39 11.43 33.32 28.54
N LYS G 40 12.54 32.87 29.12
CA LYS G 40 13.12 31.57 28.80
C LYS G 40 12.10 30.46 28.99
N GLU G 41 11.22 30.60 29.98
CA GLU G 41 10.19 29.60 30.22
C GLU G 41 9.09 29.64 29.16
N TYR G 42 8.92 30.79 28.49
CA TYR G 42 7.97 30.88 27.38
C TYR G 42 8.50 30.14 26.16
N ILE G 43 9.74 30.40 25.80
CA ILE G 43 10.41 29.64 24.75
C ILE G 43 10.32 28.13 25.02
N ALA G 44 10.49 27.74 26.28
CA ALA G 44 10.50 26.31 26.61
C ALA G 44 9.17 25.66 26.30
N ARG G 45 8.06 26.25 26.76
CA ARG G 45 6.80 25.55 26.55
C ARG G 45 6.37 25.57 25.09
N LEU G 46 6.81 26.57 24.32
CA LEU G 46 6.50 26.57 22.89
C LEU G 46 7.33 25.52 22.16
N VAL G 47 8.65 25.50 22.39
CA VAL G 47 9.53 24.56 21.70
C VAL G 47 9.17 23.12 22.04
N PHE G 48 8.58 22.88 23.20
CA PHE G 48 8.18 21.53 23.59
C PHE G 48 6.70 21.28 23.37
N ASP G 49 5.96 22.28 22.89
CA ASP G 49 4.55 22.05 22.58
C ASP G 49 4.41 21.16 21.35
N PRO G 50 3.51 20.18 21.38
CA PRO G 50 3.44 19.22 20.26
C PRO G 50 2.95 19.82 18.96
N LYS G 51 2.03 20.81 19.02
CA LYS G 51 1.59 21.50 17.82
C LYS G 51 2.67 22.36 17.19
N HIS G 52 3.84 22.51 17.84
CA HIS G 52 4.94 23.29 17.29
C HIS G 52 6.04 22.36 16.80
N LYS G 53 6.62 22.70 15.66
CA LYS G 53 7.81 22.03 15.17
C LYS G 53 8.96 23.02 15.13
N THR G 54 10.17 22.49 15.02
CA THR G 54 11.37 23.30 14.93
C THR G 54 12.28 22.66 13.90
N LEU G 55 12.80 23.47 12.99
CA LEU G 55 13.81 23.06 12.04
C LEU G 55 15.16 23.32 12.70
N ALA G 56 15.92 22.26 12.93
CA ALA G 56 17.17 22.38 13.68
C ALA G 56 18.34 22.41 12.72
N LEU G 57 19.27 23.33 12.96
CA LEU G 57 20.52 23.37 12.21
C LEU G 57 21.58 22.71 13.10
N ILE G 58 22.09 21.57 12.65
CA ILE G 58 23.08 20.81 13.39
C ILE G 58 24.41 20.91 12.65
N LYS G 59 25.45 21.27 13.38
CA LYS G 59 26.81 21.19 12.90
C LYS G 59 27.59 20.31 13.86
N ASP G 60 28.13 19.20 13.35
CA ASP G 60 28.97 18.31 14.15
C ASP G 60 28.21 17.85 15.41
N GLY G 61 26.98 17.38 15.20
CA GLY G 61 26.14 16.93 16.28
C GLY G 61 25.63 17.99 17.24
N ARG G 62 26.02 19.25 17.08
CA ARG G 62 25.64 20.31 18.02
C ARG G 62 24.66 21.29 17.39
N VAL G 63 23.57 21.58 18.11
CA VAL G 63 22.62 22.60 17.66
C VAL G 63 23.30 23.95 17.60
N ILE G 64 23.22 24.61 16.43
CA ILE G 64 23.75 25.96 16.28
C ILE G 64 22.72 26.96 15.78
N GLY G 65 21.51 26.51 15.49
CA GLY G 65 20.49 27.40 14.94
C GLY G 65 19.21 26.62 14.77
N GLY G 66 18.15 27.35 14.46
CA GLY G 66 16.85 26.73 14.33
C GLY G 66 15.77 27.74 14.02
N ILE G 67 14.66 27.21 13.49
CA ILE G 67 13.45 27.99 13.29
C ILE G 67 12.29 27.22 13.90
N CYS G 68 11.66 27.79 14.92
CA CYS G 68 10.47 27.21 15.53
C CYS G 68 9.20 27.72 14.81
N PHE G 69 8.32 26.81 14.43
CA PHE G 69 7.17 27.22 13.64
C PHE G 69 5.93 26.42 14.02
N ARG G 70 4.76 27.04 13.77
CA ARG G 70 3.45 26.45 14.05
C ARG G 70 2.63 26.41 12.76
N MET G 71 2.47 25.21 12.19
CA MET G 71 1.65 25.06 10.99
C MET G 71 0.17 25.20 11.32
N PHE G 72 -0.53 26.06 10.56
CA PHE G 72 -1.97 26.23 10.65
C PHE G 72 -2.62 25.84 9.31
N PRO G 73 -2.61 24.56 8.97
CA PRO G 73 -3.05 24.16 7.63
C PRO G 73 -4.51 24.46 7.34
N THR G 74 -5.38 24.50 8.37
CA THR G 74 -6.77 24.85 8.06
C THR G 74 -6.94 26.32 7.72
N GLN G 75 -5.91 27.13 7.95
CA GLN G 75 -5.94 28.54 7.58
C GLN G 75 -5.06 28.88 6.39
N GLY G 76 -4.15 27.99 6.01
CA GLY G 76 -3.34 28.19 4.83
C GLY G 76 -1.95 28.75 5.06
N PHE G 77 -1.60 29.14 6.29
CA PHE G 77 -0.30 29.72 6.56
C PHE G 77 0.44 28.96 7.66
N THR G 78 1.72 29.29 7.80
CA THR G 78 2.55 28.88 8.92
C THR G 78 3.05 30.12 9.66
N GLU G 79 3.03 30.07 10.99
CA GLU G 79 3.60 31.12 11.83
C GLU G 79 5.05 30.77 12.16
N ILE G 80 5.96 31.68 11.83
CA ILE G 80 7.35 31.55 12.29
C ILE G 80 7.44 32.11 13.70
N VAL G 81 7.81 31.26 14.65
CA VAL G 81 7.73 31.64 16.06
C VAL G 81 9.05 32.18 16.60
N PHE G 82 10.13 31.40 16.50
CA PHE G 82 11.47 31.90 16.84
C PHE G 82 12.39 31.64 15.67
N CYS G 83 13.46 32.43 15.63
CA CYS G 83 14.46 32.40 14.56
C CYS G 83 15.80 32.80 15.15
N ALA G 84 16.80 31.94 15.06
CA ALA G 84 18.07 32.24 15.69
C ALA G 84 19.16 31.38 15.11
N VAL G 85 20.34 31.98 14.92
CA VAL G 85 21.60 31.28 14.68
C VAL G 85 22.55 31.66 15.81
N THR G 86 23.28 30.67 16.34
CA THR G 86 24.17 30.95 17.46
C THR G 86 25.20 32.00 17.07
N SER G 87 25.47 32.93 18.00
CA SER G 87 26.24 34.13 17.64
C SER G 87 27.58 33.78 16.99
N ASN G 88 28.17 32.65 17.36
CA ASN G 88 29.45 32.25 16.80
C ASN G 88 29.36 31.93 15.31
N GLU G 89 28.17 31.60 14.79
CA GLU G 89 28.02 31.14 13.41
C GLU G 89 27.24 32.10 12.51
N GLN G 90 26.99 33.32 12.96
CA GLN G 90 26.16 34.24 12.20
C GLN G 90 26.93 34.80 11.01
N VAL G 91 26.19 35.51 10.15
CA VAL G 91 26.71 36.15 8.94
C VAL G 91 27.58 35.15 8.17
N LYS G 92 27.13 33.90 8.10
CA LYS G 92 27.74 32.91 7.23
C LYS G 92 26.70 32.23 6.36
N GLY G 93 25.54 32.86 6.17
CA GLY G 93 24.46 32.29 5.36
C GLY G 93 23.67 31.17 6.01
N TYR G 94 23.90 30.86 7.29
CA TYR G 94 23.09 29.82 7.93
C TYR G 94 21.63 30.22 8.04
N GLY G 95 21.35 31.49 8.34
CA GLY G 95 19.96 31.90 8.45
C GLY G 95 19.20 31.80 7.15
N THR G 96 19.88 32.10 6.04
CA THR G 96 19.30 31.93 4.71
C THR G 96 19.06 30.46 4.41
N HIS G 97 20.05 29.62 4.68
CA HIS G 97 19.87 28.19 4.43
C HIS G 97 18.73 27.63 5.25
N LEU G 98 18.58 28.13 6.48
CA LEU G 98 17.48 27.69 7.32
C LEU G 98 16.15 28.10 6.71
N MET G 99 16.03 29.37 6.32
CA MET G 99 14.79 29.83 5.72
C MET G 99 14.51 29.09 4.42
N ASN G 100 15.56 28.74 3.68
CA ASN G 100 15.37 28.00 2.44
C ASN G 100 14.82 26.60 2.67
N HIS G 101 15.39 25.88 3.64
CA HIS G 101 14.88 24.54 3.94
C HIS G 101 13.46 24.61 4.46
N LEU G 102 13.14 25.63 5.27
CA LEU G 102 11.78 25.74 5.80
C LEU G 102 10.79 25.97 4.67
N LYS G 103 11.20 26.75 3.66
CA LYS G 103 10.35 26.97 2.50
C LYS G 103 10.14 25.67 1.74
N GLU G 104 11.24 24.95 1.46
CA GLU G 104 11.11 23.68 0.77
C GLU G 104 10.20 22.75 1.55
N TYR G 105 10.42 22.64 2.86
CA TYR G 105 9.55 21.80 3.66
C TYR G 105 8.08 22.17 3.49
N HIS G 106 7.79 23.47 3.39
CA HIS G 106 6.39 23.87 3.31
C HIS G 106 5.82 23.72 1.90
N ILE G 107 6.66 23.89 0.88
CA ILE G 107 6.28 23.56 -0.49
C ILE G 107 5.73 22.15 -0.56
N LYS G 108 6.49 21.17 -0.05
CA LYS G 108 6.07 19.77 -0.06
C LYS G 108 4.84 19.50 0.80
N HIS G 109 4.46 20.41 1.70
CA HIS G 109 3.26 20.23 2.50
C HIS G 109 2.15 21.17 2.08
N ASN G 110 2.24 21.68 0.85
CA ASN G 110 1.21 22.54 0.26
C ASN G 110 0.76 23.66 1.20
N ILE G 111 1.73 24.36 1.83
CA ILE G 111 1.45 25.53 2.67
C ILE G 111 2.31 26.59 1.99
N LEU G 112 1.76 27.75 1.65
CA LEU G 112 2.45 28.70 0.79
C LEU G 112 2.45 30.13 1.34
N TYR G 113 2.08 30.34 2.59
CA TYR G 113 2.26 31.64 3.23
C TYR G 113 2.95 31.47 4.57
N PHE G 114 3.89 32.37 4.86
CA PHE G 114 4.50 32.51 6.18
C PHE G 114 4.01 33.81 6.79
N LEU G 115 3.75 33.80 8.09
CA LEU G 115 3.46 35.02 8.82
C LEU G 115 4.33 35.09 10.07
N THR G 116 4.82 36.29 10.38
CA THR G 116 5.74 36.46 11.49
C THR G 116 5.74 37.92 11.92
N TYR G 117 6.03 38.14 13.22
CA TYR G 117 6.22 39.46 13.80
C TYR G 117 7.71 39.71 14.01
N ALA G 118 8.23 40.80 13.47
CA ALA G 118 9.66 41.04 13.52
C ALA G 118 9.96 42.39 14.16
N ASP G 119 10.95 42.39 15.04
CA ASP G 119 11.46 43.63 15.62
C ASP G 119 12.10 44.49 14.54
N GLU G 120 12.36 45.76 14.88
CA GLU G 120 13.17 46.59 14.00
C GLU G 120 14.56 46.00 13.82
N TYR G 121 15.05 45.26 14.81
CA TYR G 121 16.38 44.68 14.74
C TYR G 121 16.45 43.59 13.67
N ALA G 122 15.36 42.86 13.46
CA ALA G 122 15.37 41.67 12.61
C ALA G 122 14.71 41.86 11.26
N ILE G 123 13.96 42.95 11.05
CA ILE G 123 13.17 43.09 9.84
C ILE G 123 14.04 43.02 8.58
N GLY G 124 15.28 43.48 8.67
CA GLY G 124 16.18 43.41 7.53
C GLY G 124 16.41 41.99 7.06
N TYR G 125 16.61 41.07 8.01
CA TYR G 125 16.82 39.67 7.66
C TYR G 125 15.59 39.07 6.98
N PHE G 126 14.40 39.39 7.48
CA PHE G 126 13.21 38.82 6.84
C PHE G 126 12.97 39.45 5.48
N LYS G 127 13.25 40.75 5.33
CA LYS G 127 13.16 41.37 4.01
C LYS G 127 14.03 40.63 3.00
N LYS G 128 15.24 40.26 3.40
CA LYS G 128 16.15 39.56 2.50
C LYS G 128 15.77 38.11 2.29
N GLN G 129 14.84 37.56 3.09
CA GLN G 129 14.24 36.27 2.79
C GLN G 129 12.97 36.42 1.97
N GLY G 130 12.70 37.63 1.48
CA GLY G 130 11.53 37.88 0.67
C GLY G 130 10.26 38.18 1.45
N PHE G 131 10.37 38.55 2.73
CA PHE G 131 9.19 38.90 3.51
C PHE G 131 8.79 40.34 3.22
N SER G 132 7.50 40.63 3.38
CA SER G 132 6.95 41.93 3.05
C SER G 132 6.00 42.40 4.13
N LYS G 133 5.94 43.73 4.33
CA LYS G 133 4.98 44.34 5.26
C LYS G 133 3.56 44.34 4.72
N ASP G 134 3.40 44.18 3.40
CA ASP G 134 2.11 44.13 2.72
C ASP G 134 1.43 42.79 3.02
N ILE G 135 0.47 42.77 3.94
CA ILE G 135 -0.15 41.52 4.39
C ILE G 135 -1.37 41.22 3.54
N LYS G 136 -1.31 40.16 2.75
CA LYS G 136 -2.40 39.82 1.84
C LYS G 136 -3.39 38.82 2.43
N VAL G 137 -3.04 38.19 3.54
CA VAL G 137 -3.98 37.35 4.28
C VAL G 137 -4.92 38.25 5.07
N PRO G 138 -6.23 38.01 5.05
CA PRO G 138 -7.14 38.87 5.82
C PRO G 138 -6.89 38.72 7.32
N LYS G 139 -7.13 39.79 8.07
CA LYS G 139 -6.99 39.74 9.51
C LYS G 139 -7.82 38.62 10.07
N SER G 140 -9.02 38.44 9.53
CA SER G 140 -9.87 37.37 10.02
C SER G 140 -9.20 36.00 9.95
N ARG G 141 -8.17 35.85 9.12
CA ARG G 141 -7.56 34.54 8.93
C ARG G 141 -6.51 34.20 9.97
N TYR G 142 -5.89 35.21 10.58
CA TYR G 142 -4.73 34.96 11.44
C TYR G 142 -4.84 35.54 12.82
N LEU G 143 -5.67 36.55 13.04
CA LEU G 143 -5.82 37.08 14.38
C LEU G 143 -6.28 35.97 15.32
N GLY G 144 -5.68 35.93 16.50
CA GLY G 144 -5.95 34.89 17.48
C GLY G 144 -5.30 33.55 17.21
N TYR G 145 -4.67 33.34 16.06
CA TYR G 145 -3.92 32.11 15.80
C TYR G 145 -2.42 32.32 15.92
N ILE G 146 -1.87 33.30 15.21
CA ILE G 146 -0.50 33.74 15.46
C ILE G 146 -0.48 34.56 16.73
N LYS G 147 0.60 34.41 17.49
CA LYS G 147 0.79 35.15 18.72
C LYS G 147 1.14 36.60 18.39
N ASP G 148 0.26 37.50 18.80
CA ASP G 148 0.42 38.93 18.59
C ASP G 148 1.62 39.45 19.38
N TYR G 149 2.47 40.24 18.74
CA TYR G 149 3.51 41.04 19.41
C TYR G 149 3.26 42.48 19.01
N GLU G 150 2.38 43.16 19.74
CA GLU G 150 2.09 44.56 19.46
C GLU G 150 3.36 45.41 19.63
N GLY G 151 3.62 46.25 18.64
CA GLY G 151 4.90 46.91 18.53
C GLY G 151 5.76 46.35 17.41
N ALA G 152 5.86 45.02 17.31
CA ALA G 152 6.62 44.43 16.22
C ALA G 152 5.80 44.50 14.93
N THR G 153 6.49 44.32 13.81
CA THR G 153 5.86 44.42 12.49
C THR G 153 5.44 43.04 12.00
N LEU G 154 4.16 42.93 11.65
CA LEU G 154 3.65 41.72 11.01
C LEU G 154 4.17 41.65 9.58
N MET G 155 4.72 40.49 9.22
CA MET G 155 5.32 40.29 7.91
C MET G 155 4.82 38.98 7.30
N GLU G 156 4.80 38.96 5.98
CA GLU G 156 4.26 37.84 5.24
C GLU G 156 5.22 37.45 4.13
N CYS G 157 5.38 36.15 3.93
CA CYS G 157 6.17 35.61 2.84
C CYS G 157 5.31 34.66 2.03
N GLU G 158 5.26 34.89 0.73
CA GLU G 158 4.51 34.04 -0.18
C GLU G 158 5.48 33.10 -0.87
N LEU G 159 5.15 31.81 -0.89
CA LEU G 159 5.99 30.79 -1.51
C LEU G 159 5.49 30.47 -2.91
N ASN G 160 6.41 30.09 -3.79
CA ASN G 160 6.03 29.54 -5.08
C ASN G 160 6.21 28.02 -5.06
N PRO G 161 5.14 27.23 -5.16
CA PRO G 161 5.30 25.77 -5.14
C PRO G 161 5.98 25.19 -6.35
N ARG G 162 6.42 26.03 -7.29
CA ARG G 162 7.06 25.58 -8.51
C ARG G 162 8.56 25.83 -8.54
N ILE G 163 9.10 26.53 -7.55
CA ILE G 163 10.53 26.83 -7.46
C ILE G 163 11.15 25.79 -6.53
N PRO G 164 12.31 25.23 -6.87
CA PRO G 164 13.02 24.39 -5.88
C PRO G 164 13.85 25.27 -4.95
N TYR G 165 13.37 25.36 -3.71
CA TYR G 165 14.09 26.17 -2.71
C TYR G 165 15.31 25.46 -2.14
N THR G 166 15.37 24.14 -2.25
CA THR G 166 16.58 23.40 -1.89
C THR G 166 17.00 22.48 -3.03
N GLY H 1 -7.37 31.58 57.05
CA GLY H 1 -7.38 30.22 56.52
C GLY H 1 -6.48 30.06 55.31
N ILE H 2 -6.36 28.82 54.82
CA ILE H 2 -5.54 28.52 53.66
C ILE H 2 -6.39 28.63 52.40
N ILE H 3 -5.80 29.20 51.36
CA ILE H 3 -6.48 29.48 50.11
C ILE H 3 -5.78 28.70 49.01
N GLU H 4 -6.56 27.99 48.20
CA GLU H 4 -6.03 27.15 47.15
C GLU H 4 -6.82 27.37 45.87
N PHE H 5 -6.11 27.32 44.74
CA PHE H 5 -6.70 27.40 43.42
C PHE H 5 -6.58 26.04 42.73
N HIS H 6 -7.64 25.61 42.05
CA HIS H 6 -7.62 24.33 41.33
C HIS H 6 -8.54 24.42 40.13
N VAL H 7 -8.02 24.03 38.96
CA VAL H 7 -8.85 23.88 37.76
C VAL H 7 -9.43 22.48 37.75
N ILE H 8 -10.76 22.41 37.74
CA ILE H 8 -11.46 21.14 37.78
C ILE H 8 -12.51 21.14 36.68
N GLY H 9 -13.16 19.99 36.50
CA GLY H 9 -14.23 19.88 35.54
C GLY H 9 -14.81 18.48 35.60
N ASN H 10 -16.00 18.36 35.02
CA ASN H 10 -16.68 17.07 34.97
C ASN H 10 -16.03 16.23 33.88
N SER H 11 -15.17 15.31 34.29
CA SER H 11 -14.43 14.48 33.37
C SER H 11 -15.34 13.42 32.75
N LEU H 12 -14.77 12.68 31.80
CA LEU H 12 -15.34 11.42 31.37
C LEU H 12 -14.51 10.22 31.83
N THR H 13 -13.36 10.46 32.45
CA THR H 13 -12.54 9.42 33.05
C THR H 13 -12.89 9.25 34.54
N ASN H 17 -14.26 11.49 40.37
CA ASN H 17 -13.81 11.97 41.68
C ASN H 17 -14.99 12.41 42.52
N ARG H 18 -14.81 12.47 43.84
CA ARG H 18 -15.82 12.98 44.75
C ARG H 18 -15.46 14.32 45.35
N ARG H 19 -14.19 14.52 45.74
CA ARG H 19 -13.74 15.86 46.10
C ARG H 19 -13.99 16.83 44.96
N VAL H 20 -13.85 16.37 43.72
CA VAL H 20 -14.11 17.22 42.57
C VAL H 20 -15.60 17.51 42.45
N LEU H 21 -16.39 16.44 42.34
CA LEU H 21 -17.84 16.54 42.15
C LEU H 21 -18.49 17.47 43.18
N LEU H 22 -18.13 17.32 44.46
CA LEU H 22 -18.72 18.18 45.48
C LEU H 22 -18.34 19.64 45.26
N TRP H 23 -17.15 19.87 44.69
CA TRP H 23 -16.70 21.24 44.46
C TRP H 23 -17.48 21.90 43.33
N LEU H 24 -17.81 21.16 42.26
CA LEU H 24 -18.65 21.77 41.22
C LEU H 24 -20.05 22.06 41.73
N VAL H 25 -20.60 21.17 42.57
CA VAL H 25 -21.88 21.47 43.21
C VAL H 25 -21.78 22.78 43.97
N GLY H 26 -20.74 22.93 44.78
CA GLY H 26 -20.53 24.19 45.48
C GLY H 26 -20.42 25.39 44.55
N LEU H 27 -19.70 25.23 43.43
CA LEU H 27 -19.54 26.34 42.51
C LEU H 27 -20.87 26.69 41.85
N GLN H 28 -21.61 25.67 41.40
CA GLN H 28 -22.96 25.91 40.93
C GLN H 28 -23.80 26.63 41.99
N ASN H 29 -23.59 26.30 43.27
CA ASN H 29 -24.31 26.97 44.35
C ASN H 29 -23.95 28.44 44.40
N VAL H 30 -22.65 28.72 44.43
CA VAL H 30 -22.18 30.10 44.54
C VAL H 30 -22.54 30.88 43.28
N PHE H 31 -22.27 30.31 42.10
CA PHE H 31 -22.67 30.94 40.84
C PHE H 31 -24.16 31.32 40.87
N SER H 32 -25.00 30.39 41.32
CA SER H 32 -26.43 30.65 41.27
C SER H 32 -26.85 31.70 42.28
N HIS H 33 -26.24 31.72 43.46
CA HIS H 33 -26.62 32.70 44.46
C HIS H 33 -26.12 34.09 44.09
N GLN H 34 -24.93 34.19 43.49
CA GLN H 34 -24.47 35.51 43.06
C GLN H 34 -25.10 35.97 41.75
N LEU H 35 -25.70 35.07 40.97
CA LEU H 35 -26.31 35.43 39.68
C LEU H 35 -27.78 35.04 39.70
N PRO H 36 -28.60 35.79 40.44
CA PRO H 36 -30.01 35.40 40.61
C PRO H 36 -30.78 35.32 39.29
N ARG H 37 -30.30 35.95 38.22
CA ARG H 37 -31.00 35.92 36.95
C ARG H 37 -30.58 34.78 36.04
N MET H 38 -29.50 34.06 36.37
CA MET H 38 -29.17 32.82 35.66
C MET H 38 -29.96 31.69 36.30
N PRO H 39 -30.79 30.98 35.55
CA PRO H 39 -31.52 29.86 36.14
C PRO H 39 -30.57 28.78 36.66
N LYS H 40 -30.99 28.12 37.75
CA LYS H 40 -30.12 27.16 38.40
C LYS H 40 -29.79 25.99 37.47
N GLU H 41 -30.79 25.49 36.75
CA GLU H 41 -30.58 24.34 35.86
C GLU H 41 -29.58 24.67 34.75
N TYR H 42 -29.67 25.91 34.21
CA TYR H 42 -28.72 26.36 33.19
C TYR H 42 -27.30 26.43 33.74
N ILE H 43 -27.15 26.94 34.97
CA ILE H 43 -25.81 26.96 35.56
C ILE H 43 -25.31 25.53 35.73
N ALA H 44 -26.19 24.64 36.21
CA ALA H 44 -25.75 23.26 36.47
C ALA H 44 -25.38 22.55 35.18
N ARG H 45 -26.18 22.75 34.12
CA ARG H 45 -25.88 22.14 32.82
C ARG H 45 -24.50 22.55 32.30
N LEU H 46 -24.18 23.84 32.37
CA LEU H 46 -22.87 24.27 31.88
C LEU H 46 -21.77 23.88 32.84
N VAL H 47 -22.00 23.99 34.15
CA VAL H 47 -20.91 23.72 35.10
C VAL H 47 -20.53 22.24 35.05
N PHE H 48 -21.49 21.36 34.75
CA PHE H 48 -21.21 19.94 34.70
C PHE H 48 -20.95 19.42 33.29
N ASP H 49 -20.88 20.31 32.29
CA ASP H 49 -20.59 19.89 30.94
C ASP H 49 -19.09 19.61 30.80
N PRO H 50 -18.74 18.51 30.12
CA PRO H 50 -17.33 18.09 30.10
C PRO H 50 -16.41 19.06 29.35
N LYS H 51 -16.92 19.77 28.35
CA LYS H 51 -16.03 20.73 27.71
C LYS H 51 -15.87 22.03 28.48
N HIS H 52 -16.51 22.17 29.64
CA HIS H 52 -16.36 23.34 30.50
C HIS H 52 -15.41 23.02 31.63
N LYS H 53 -14.56 23.98 31.97
CA LYS H 53 -13.71 23.90 33.14
C LYS H 53 -14.06 25.04 34.08
N THR H 54 -13.73 24.86 35.37
CA THR H 54 -14.02 25.88 36.37
C THR H 54 -12.79 26.06 37.24
N LEU H 55 -12.32 27.29 37.32
CA LEU H 55 -11.23 27.64 38.20
C LEU H 55 -11.81 27.84 39.58
N ALA H 56 -11.71 26.80 40.43
CA ALA H 56 -12.28 26.87 41.77
C ALA H 56 -11.30 27.57 42.71
N LEU H 57 -11.84 28.54 43.48
CA LEU H 57 -11.08 29.22 44.52
C LEU H 57 -11.61 28.58 45.78
N ILE H 58 -10.74 28.26 46.72
CA ILE H 58 -11.14 27.49 47.89
C ILE H 58 -10.45 28.05 49.12
N LYS H 59 -11.23 28.27 50.17
CA LYS H 59 -10.74 28.72 51.46
C LYS H 59 -11.14 27.67 52.50
N ASP H 60 -10.15 26.97 53.03
CA ASP H 60 -10.37 25.96 54.08
C ASP H 60 -11.37 24.91 53.63
N GLY H 61 -11.02 24.22 52.54
CA GLY H 61 -11.84 23.13 52.02
C GLY H 61 -13.20 23.53 51.53
N ARG H 62 -13.47 24.84 51.48
CA ARG H 62 -14.80 25.36 51.17
C ARG H 62 -14.73 26.24 49.93
N VAL H 63 -15.60 25.95 48.96
CA VAL H 63 -15.67 26.72 47.71
C VAL H 63 -16.21 28.11 48.01
N ILE H 64 -15.45 29.15 47.66
CA ILE H 64 -15.92 30.50 47.97
C ILE H 64 -15.87 31.41 46.74
N GLY H 65 -15.55 30.84 45.58
CA GLY H 65 -15.45 31.62 44.37
C GLY H 65 -15.01 30.73 43.23
N GLY H 66 -15.27 31.22 42.02
CA GLY H 66 -14.83 30.51 40.83
C GLY H 66 -15.08 31.30 39.56
N ILE H 67 -14.39 30.87 38.50
CA ILE H 67 -14.64 31.31 37.14
C ILE H 67 -14.88 30.06 36.29
N CYS H 68 -16.12 29.89 35.84
CA CYS H 68 -16.41 28.86 34.86
C CYS H 68 -16.08 29.37 33.47
N PHE H 69 -15.48 28.52 32.64
CA PHE H 69 -15.02 28.97 31.34
C PHE H 69 -15.00 27.79 30.37
N ARG H 70 -14.93 28.14 29.09
CA ARG H 70 -15.01 27.18 27.99
C ARG H 70 -13.92 27.52 26.97
N MET H 71 -12.93 26.64 26.87
CA MET H 71 -11.82 26.83 25.94
C MET H 71 -12.23 26.42 24.52
N PHE H 72 -11.92 27.28 23.55
CA PHE H 72 -12.22 27.05 22.13
C PHE H 72 -10.91 27.09 21.34
N PRO H 73 -10.04 26.09 21.54
CA PRO H 73 -8.67 26.23 21.06
C PRO H 73 -8.57 26.21 19.55
N THR H 74 -9.52 25.55 18.87
CA THR H 74 -9.59 25.65 17.41
C THR H 74 -9.91 27.08 16.97
N GLN H 75 -10.65 27.84 17.79
CA GLN H 75 -11.00 29.22 17.47
C GLN H 75 -9.98 30.22 18.00
N GLY H 76 -9.13 29.82 18.94
CA GLY H 76 -8.16 30.73 19.52
C GLY H 76 -8.67 31.66 20.61
N PHE H 77 -9.74 31.30 21.31
CA PHE H 77 -10.19 32.09 22.46
C PHE H 77 -10.85 31.19 23.50
N THR H 78 -10.92 31.71 24.72
CA THR H 78 -11.69 31.11 25.81
C THR H 78 -12.89 32.00 26.12
N GLU H 79 -14.05 31.38 26.30
CA GLU H 79 -15.25 32.09 26.72
C GLU H 79 -15.34 32.09 28.25
N ILE H 80 -15.46 33.28 28.85
CA ILE H 80 -15.77 33.37 30.28
C ILE H 80 -17.27 33.14 30.48
N VAL H 81 -17.61 32.09 31.20
CA VAL H 81 -18.99 31.66 31.35
C VAL H 81 -19.63 32.20 32.64
N PHE H 82 -18.96 32.06 33.80
CA PHE H 82 -19.47 32.57 35.07
C PHE H 82 -18.32 33.03 35.95
N CYS H 83 -18.54 34.15 36.64
CA CYS H 83 -17.63 34.64 37.67
C CYS H 83 -18.41 34.92 38.93
N ALA H 84 -17.86 34.53 40.07
CA ALA H 84 -18.55 34.84 41.31
C ALA H 84 -17.60 34.64 42.46
N VAL H 85 -17.73 35.51 43.46
CA VAL H 85 -17.15 35.35 44.78
C VAL H 85 -18.27 35.44 45.78
N THR H 86 -18.35 34.47 46.69
CA THR H 86 -19.39 34.47 47.70
C THR H 86 -19.40 35.81 48.44
N SER H 87 -20.61 36.20 48.87
CA SER H 87 -20.87 37.60 49.26
C SER H 87 -19.94 38.05 50.37
N ASN H 88 -19.87 37.30 51.45
CA ASN H 88 -19.06 37.68 52.60
C ASN H 88 -17.57 37.72 52.28
N GLU H 89 -17.14 37.29 51.09
CA GLU H 89 -15.73 37.31 50.73
C GLU H 89 -15.42 38.28 49.59
N GLN H 90 -16.38 39.11 49.19
CA GLN H 90 -16.11 40.08 48.14
C GLN H 90 -15.23 41.21 48.69
N VAL H 91 -14.88 42.15 47.81
CA VAL H 91 -13.97 43.27 48.08
C VAL H 91 -12.79 42.91 48.97
N LYS H 92 -12.13 41.79 48.67
CA LYS H 92 -10.85 41.47 49.30
C LYS H 92 -9.77 41.16 48.27
N GLY H 93 -10.06 41.31 46.97
CA GLY H 93 -9.14 40.96 45.91
C GLY H 93 -9.24 39.54 45.38
N TYR H 94 -10.21 38.74 45.83
CA TYR H 94 -10.33 37.39 45.30
C TYR H 94 -10.71 37.40 43.83
N GLY H 95 -11.57 38.33 43.41
CA GLY H 95 -11.96 38.38 42.02
C GLY H 95 -10.78 38.61 41.11
N THR H 96 -9.83 39.43 41.56
CA THR H 96 -8.66 39.71 40.75
C THR H 96 -7.69 38.53 40.75
N HIS H 97 -7.51 37.86 41.88
CA HIS H 97 -6.61 36.70 41.89
C HIS H 97 -7.17 35.56 41.04
N LEU H 98 -8.49 35.40 41.01
CA LEU H 98 -9.07 34.39 40.13
C LEU H 98 -8.78 34.71 38.68
N MET H 99 -9.03 35.97 38.27
CA MET H 99 -8.77 36.34 36.88
C MET H 99 -7.30 36.20 36.56
N ASN H 100 -6.42 36.72 37.44
CA ASN H 100 -4.97 36.53 37.32
C ASN H 100 -4.61 35.06 37.14
N HIS H 101 -5.14 34.18 37.98
CA HIS H 101 -4.83 32.76 37.82
C HIS H 101 -5.36 32.22 36.50
N LEU H 102 -6.56 32.63 36.09
CA LEU H 102 -7.10 32.15 34.82
C LEU H 102 -6.24 32.63 33.66
N LYS H 103 -5.69 33.84 33.77
CA LYS H 103 -4.80 34.36 32.75
C LYS H 103 -3.53 33.52 32.65
N GLU H 104 -2.86 33.32 33.77
CA GLU H 104 -1.61 32.55 33.77
C GLU H 104 -1.82 31.16 33.20
N TYR H 105 -2.90 30.50 33.60
CA TYR H 105 -3.23 29.19 33.07
C TYR H 105 -3.38 29.22 31.56
N HIS H 106 -3.98 30.27 31.03
CA HIS H 106 -4.20 30.31 29.59
C HIS H 106 -2.92 30.62 28.81
N ILE H 107 -1.97 31.32 29.43
CA ILE H 107 -0.65 31.45 28.82
C ILE H 107 -0.04 30.08 28.58
N LYS H 108 -0.17 29.18 29.56
CA LYS H 108 0.48 27.87 29.47
C LYS H 108 -0.18 26.95 28.45
N HIS H 109 -1.40 27.26 28.00
CA HIS H 109 -2.07 26.52 26.94
C HIS H 109 -2.16 27.33 25.65
N ASN H 110 -1.38 28.43 25.57
CA ASN H 110 -1.23 29.31 24.40
C ASN H 110 -2.57 29.75 23.82
N ILE H 111 -3.56 29.98 24.70
CA ILE H 111 -4.79 30.70 24.34
C ILE H 111 -4.69 32.11 24.91
N LEU H 112 -4.83 33.11 24.05
CA LEU H 112 -4.49 34.47 24.45
C LEU H 112 -5.64 35.45 24.32
N TYR H 113 -6.88 34.99 24.13
CA TYR H 113 -8.03 35.88 24.01
C TYR H 113 -9.18 35.38 24.89
N PHE H 114 -9.71 36.27 25.73
CA PHE H 114 -10.94 36.03 26.48
C PHE H 114 -12.08 36.79 25.82
N LEU H 115 -13.25 36.15 25.75
CA LEU H 115 -14.50 36.81 25.36
C LEU H 115 -15.56 36.58 26.42
N THR H 116 -16.37 37.61 26.66
CA THR H 116 -17.43 37.48 27.63
C THR H 116 -18.49 38.50 27.30
N TYR H 117 -19.69 38.28 27.84
CA TYR H 117 -20.77 39.26 27.82
C TYR H 117 -20.97 39.78 29.24
N ALA H 118 -21.12 41.08 29.37
CA ALA H 118 -21.26 41.67 30.70
C ALA H 118 -22.47 42.58 30.72
N ASP H 119 -23.31 42.41 31.73
CA ASP H 119 -24.37 43.36 31.97
C ASP H 119 -23.79 44.63 32.60
N GLU H 120 -24.65 45.61 32.87
CA GLU H 120 -24.16 46.90 33.33
C GLU H 120 -23.48 46.80 34.68
N TYR H 121 -23.86 45.82 35.50
CA TYR H 121 -23.33 45.69 36.85
C TYR H 121 -21.97 44.99 36.90
N ALA H 122 -21.57 44.30 35.84
CA ALA H 122 -20.31 43.57 35.87
C ALA H 122 -19.26 44.19 34.97
N ILE H 123 -19.63 45.18 34.15
CA ILE H 123 -18.72 45.70 33.15
C ILE H 123 -17.51 46.35 33.83
N GLY H 124 -17.73 47.03 34.96
CA GLY H 124 -16.63 47.62 35.70
C GLY H 124 -15.59 46.60 36.12
N TYR H 125 -16.02 45.47 36.67
CA TYR H 125 -15.07 44.46 37.12
C TYR H 125 -14.19 43.98 35.98
N PHE H 126 -14.77 43.76 34.80
CA PHE H 126 -14.00 43.26 33.68
C PHE H 126 -13.05 44.33 33.14
N LYS H 127 -13.49 45.58 33.15
CA LYS H 127 -12.61 46.68 32.77
C LYS H 127 -11.37 46.71 33.65
N LYS H 128 -11.55 46.51 34.96
CA LYS H 128 -10.43 46.42 35.89
C LYS H 128 -9.55 45.18 35.68
N GLN H 129 -10.02 44.16 34.96
CA GLN H 129 -9.17 43.02 34.61
C GLN H 129 -8.57 43.16 33.21
N GLY H 130 -8.72 44.32 32.57
CA GLY H 130 -8.16 44.54 31.25
C GLY H 130 -9.04 44.16 30.09
N PHE H 131 -10.37 44.11 30.29
CA PHE H 131 -11.27 43.85 29.18
C PHE H 131 -11.70 45.15 28.56
N SER H 132 -11.95 45.11 27.26
CA SER H 132 -12.37 46.29 26.55
C SER H 132 -13.55 45.99 25.66
N LYS H 133 -14.30 47.03 25.31
CA LYS H 133 -15.45 46.86 24.43
C LYS H 133 -15.04 46.65 22.99
N ASP H 134 -13.79 46.96 22.65
CA ASP H 134 -13.29 46.79 21.28
C ASP H 134 -12.89 45.33 21.06
N ILE H 135 -13.54 44.68 20.11
CA ILE H 135 -13.43 43.23 19.91
C ILE H 135 -12.60 42.99 18.66
N LYS H 136 -11.36 42.53 18.83
CA LYS H 136 -10.54 42.23 17.66
C LYS H 136 -10.87 40.86 17.08
N VAL H 137 -11.31 39.91 17.91
CA VAL H 137 -11.68 38.59 17.38
C VAL H 137 -12.86 38.75 16.44
N PRO H 138 -12.83 38.15 15.24
CA PRO H 138 -13.92 38.37 14.28
C PRO H 138 -15.18 37.60 14.65
N LYS H 139 -16.34 38.20 14.36
CA LYS H 139 -17.63 37.55 14.52
C LYS H 139 -17.59 36.14 13.95
N SER H 140 -17.06 36.00 12.74
CA SER H 140 -16.99 34.72 12.04
C SER H 140 -16.30 33.65 12.86
N ARG H 141 -15.57 34.02 13.93
CA ARG H 141 -14.92 33.02 14.75
C ARG H 141 -15.66 32.70 16.04
N TYR H 142 -16.52 33.59 16.54
CA TYR H 142 -17.15 33.34 17.83
C TYR H 142 -18.64 33.14 17.78
N LEU H 143 -19.35 33.73 16.81
CA LEU H 143 -20.81 33.58 16.75
C LEU H 143 -21.20 32.13 16.53
N GLY H 144 -22.12 31.64 17.33
CA GLY H 144 -22.49 30.23 17.28
C GLY H 144 -21.59 29.31 18.07
N TYR H 145 -20.47 29.80 18.60
CA TYR H 145 -19.67 29.02 19.54
C TYR H 145 -19.78 29.52 20.97
N ILE H 146 -19.79 30.84 21.18
CA ILE H 146 -20.03 31.40 22.51
C ILE H 146 -21.53 31.61 22.67
N LYS H 147 -22.01 31.53 23.91
CA LYS H 147 -23.39 31.88 24.19
C LYS H 147 -23.61 33.36 23.94
N ASP H 148 -24.48 33.68 22.99
CA ASP H 148 -24.89 35.04 22.76
C ASP H 148 -25.71 35.55 23.95
N TYR H 149 -25.58 36.85 24.27
CA TYR H 149 -26.44 37.51 25.27
C TYR H 149 -26.80 38.88 24.71
N GLU H 150 -27.85 38.91 23.89
CA GLU H 150 -28.44 40.16 23.45
C GLU H 150 -28.73 41.05 24.66
N GLY H 151 -28.49 42.34 24.50
CA GLY H 151 -28.72 43.27 25.59
C GLY H 151 -27.62 43.33 26.63
N ALA H 152 -26.56 42.54 26.50
CA ALA H 152 -25.36 42.71 27.29
C ALA H 152 -24.23 43.14 26.38
N THR H 153 -23.13 43.60 26.98
CA THR H 153 -21.99 44.09 26.22
C THR H 153 -20.94 42.99 26.08
N LEU H 154 -20.56 42.71 24.84
CA LEU H 154 -19.44 41.82 24.55
C LEU H 154 -18.11 42.48 24.92
N MET H 155 -17.29 41.79 25.72
CA MET H 155 -16.02 42.33 26.17
C MET H 155 -14.90 41.37 25.77
N GLU H 156 -13.70 41.91 25.59
CA GLU H 156 -12.55 41.14 25.13
C GLU H 156 -11.29 41.47 25.93
N CYS H 157 -10.53 40.43 26.28
CA CYS H 157 -9.25 40.61 26.93
C CYS H 157 -8.15 39.93 26.10
N GLU H 158 -7.05 40.64 25.89
CA GLU H 158 -5.91 40.10 25.18
C GLU H 158 -4.81 39.85 26.19
N LEU H 159 -4.19 38.68 26.12
CA LEU H 159 -3.17 38.27 27.06
C LEU H 159 -1.76 38.44 26.49
N ASN H 160 -0.82 38.77 27.36
CA ASN H 160 0.58 38.92 26.97
C ASN H 160 1.36 37.73 27.47
N PRO H 161 1.81 36.81 26.59
CA PRO H 161 2.42 35.57 27.09
C PRO H 161 3.82 35.74 27.65
N ARG H 162 4.49 36.86 27.36
CA ARG H 162 5.79 37.14 27.96
C ARG H 162 5.67 37.74 29.35
N ILE H 163 4.47 37.80 29.92
CA ILE H 163 4.23 38.42 31.22
C ILE H 163 3.69 37.35 32.15
N PRO H 164 4.28 37.16 33.34
CA PRO H 164 3.63 36.33 34.36
C PRO H 164 2.52 37.11 35.07
N TYR H 165 1.31 36.53 35.09
CA TYR H 165 0.15 37.18 35.68
C TYR H 165 -0.01 36.87 37.17
N THR H 166 0.29 35.63 37.58
CA THR H 166 0.34 35.26 38.98
C THR H 166 1.76 35.41 39.52
#